data_8G0V
#
_entry.id   8G0V
#
_cell.length_a   71.079
_cell.length_b   81.827
_cell.length_c   101.320
_cell.angle_alpha   70.11
_cell.angle_beta   74.37
_cell.angle_gamma   88.37
#
_symmetry.space_group_name_H-M   'P 1'
#
loop_
_entity.id
_entity.type
_entity.pdbx_description
1 polymer 'Acetyl-coenzyme A synthetase'
2 non-polymer 1,2-ETHANEDIOL
3 non-polymer "5'-O-{(S)-hydroxy[(prop-2-yn-1-yl)oxy]phosphoryl}adenosine"
4 non-polymer 'PHOSPHATE ION'
5 water water
#
_entity_poly.entity_id   1
_entity_poly.type   'polypeptide(L)'
_entity_poly.pdbx_seq_one_letter_code
;MHHHHHHHHENLYFQGKTEVAPGVHHVHPLPDSVPESEDLFAPPPRMQGKEGRPKPHIGPNYESYVKEWAKTVGPNSDEW
WAAKARETLDWYDDFKTVRAGGFEHGDVQWFPEGTLNAAYNCLDRHYYKNPKKTAIIYEADEPSESREVSYEELMQETCR
VANVLKSYGVKKGDAVSIYLPMTWQAAAAFLACARIGAIHSAVFAGFSAESLRDRVNDCECKVLITTDEGRRGGKTIATK
QIVDAALQQCPLVENVLVLRRTGNKVPMTEGRDKWWDEECAKMPAYCPCERMASEDPLFILYTSGSTGKPKGVVHSTAGY
LLGTALTLKYVFDAHPDDRFACMADIGWITGHSYIIYGPLANGITTAVFESTPVYPTPSRYWDFVDKWKATQLYTAPTAI
RLLRRMGEDHVKNHDLSSLRVLGSVGEPINPEAWHWYNDFAGKNQCAIVDTYWMTETGSISIAPLPGAISTKPGSATFPF
FGMDVDIIDPQTGQVLEGNDVEGVLVARRPWPSIARTVYRDHKRYLETYMKPYPGYFFFGDGAARDYDGYMWIKGRVDDV
INVSGHRLSTAEVESALILHKGVAETAVVGCADDLTGQAVYAFVTMKPEFDLKATKEADLSKELAIQVRKVIGPFAAPKK
IYLVSDLPKTRSGKIMRRVLRKIVAGEGDQLGDLSSIADPQIVEEVKQKVTGSA
;
_entity_poly.pdbx_strand_id   A,B,C
#
# COMPACT_ATOMS: atom_id res chain seq x y z
N VAL A 24 37.14 -30.32 -42.42
CA VAL A 24 35.79 -30.22 -42.98
C VAL A 24 34.78 -29.86 -41.90
N HIS A 25 34.51 -28.57 -41.75
CA HIS A 25 33.57 -28.07 -40.75
C HIS A 25 32.33 -27.53 -41.44
N HIS A 26 31.16 -27.96 -40.95
CA HIS A 26 29.89 -27.43 -41.46
C HIS A 26 29.71 -25.97 -41.09
N VAL A 27 30.26 -25.54 -39.95
CA VAL A 27 30.07 -24.20 -39.40
C VAL A 27 31.39 -23.44 -39.48
N HIS A 28 31.36 -22.25 -40.08
CA HIS A 28 32.59 -21.51 -40.19
C HIS A 28 32.54 -20.27 -39.29
N PRO A 29 33.68 -19.81 -38.80
CA PRO A 29 33.71 -18.53 -38.09
C PRO A 29 33.39 -17.41 -39.06
N LEU A 30 32.96 -16.28 -38.51
CA LEU A 30 32.71 -15.13 -39.37
C LEU A 30 33.98 -14.81 -40.17
N PRO A 31 33.86 -14.46 -41.44
CA PRO A 31 35.04 -14.22 -42.28
C PRO A 31 36.01 -13.23 -41.67
N ASP A 32 37.29 -13.60 -41.66
CA ASP A 32 38.32 -12.75 -41.07
C ASP A 32 39.59 -12.85 -41.90
N SER A 33 40.35 -11.76 -41.92
CA SER A 33 41.64 -11.78 -42.62
C SER A 33 42.73 -12.46 -41.81
N VAL A 34 42.47 -12.72 -40.54
CA VAL A 34 43.40 -13.43 -39.67
C VAL A 34 43.08 -14.90 -39.82
N PRO A 35 44.06 -15.77 -40.04
CA PRO A 35 43.77 -17.20 -40.07
C PRO A 35 43.26 -17.70 -38.73
N GLU A 36 42.46 -18.77 -38.79
CA GLU A 36 41.78 -19.28 -37.61
C GLU A 36 42.78 -19.67 -36.52
N SER A 37 43.91 -20.26 -36.92
CA SER A 37 44.90 -20.72 -35.96
C SER A 37 45.54 -19.59 -35.16
N GLU A 38 45.44 -18.34 -35.62
CA GLU A 38 45.94 -17.20 -34.86
C GLU A 38 44.82 -16.28 -34.37
N ASP A 39 43.59 -16.78 -34.28
CA ASP A 39 42.43 -15.94 -34.02
C ASP A 39 41.76 -16.29 -32.70
N LEU A 40 42.51 -16.86 -31.76
CA LEU A 40 41.99 -17.16 -30.43
C LEU A 40 42.73 -16.32 -29.42
N PHE A 41 42.01 -15.55 -28.61
CA PHE A 41 42.62 -14.54 -27.74
C PHE A 41 42.33 -14.86 -26.27
N ALA A 42 43.33 -15.43 -25.60
CA ALA A 42 43.20 -15.74 -24.19
C ALA A 42 43.11 -14.45 -23.37
N PRO A 43 42.50 -14.51 -22.18
CA PRO A 43 42.40 -13.30 -21.34
C PRO A 43 43.76 -12.68 -21.13
N PRO A 44 43.92 -11.40 -21.44
CA PRO A 44 45.24 -10.75 -21.37
C PRO A 44 45.63 -10.43 -19.94
N PRO A 45 46.89 -10.02 -19.69
CA PRO A 45 47.34 -9.80 -18.30
C PRO A 45 46.46 -8.86 -17.47
N ARG A 46 45.88 -7.81 -18.06
CA ARG A 46 44.97 -6.95 -17.29
C ARG A 46 43.77 -7.71 -16.76
N MET A 47 43.40 -8.83 -17.39
CA MET A 47 42.31 -9.69 -16.92
C MET A 47 42.82 -10.94 -16.21
N GLN A 48 44.09 -10.96 -15.82
CA GLN A 48 44.66 -12.05 -15.04
C GLN A 48 45.04 -11.60 -13.63
N GLY A 49 44.59 -10.43 -13.19
CA GLY A 49 45.01 -9.95 -11.89
C GLY A 49 46.44 -9.44 -11.82
N LYS A 50 47.09 -9.21 -12.94
CA LYS A 50 48.46 -8.73 -12.93
C LYS A 50 48.46 -7.21 -13.06
N GLU A 51 49.65 -6.62 -12.87
CA GLU A 51 49.85 -5.17 -12.99
C GLU A 51 48.90 -4.38 -12.08
N GLY A 52 48.56 -4.95 -10.93
CA GLY A 52 47.71 -4.25 -9.99
C GLY A 52 46.24 -4.25 -10.31
N ARG A 53 45.79 -4.91 -11.39
CA ARG A 53 44.37 -4.93 -11.72
C ARG A 53 43.63 -5.91 -10.81
N PRO A 54 42.34 -5.69 -10.58
CA PRO A 54 41.58 -6.59 -9.71
C PRO A 54 41.52 -8.00 -10.29
N LYS A 55 41.53 -8.98 -9.39
CA LYS A 55 41.45 -10.37 -9.82
C LYS A 55 40.06 -10.66 -10.40
N PRO A 56 39.98 -11.42 -11.50
CA PRO A 56 38.67 -11.69 -12.08
C PRO A 56 37.77 -12.51 -11.15
N HIS A 57 36.46 -12.25 -11.25
CA HIS A 57 35.50 -12.99 -10.43
C HIS A 57 35.38 -14.44 -10.86
N ILE A 58 35.54 -14.71 -12.16
CA ILE A 58 35.55 -16.07 -12.69
C ILE A 58 36.80 -16.23 -13.54
N GLY A 59 37.54 -17.32 -13.32
CA GLY A 59 38.72 -17.59 -14.12
C GLY A 59 39.47 -18.79 -13.59
N PRO A 60 40.55 -19.16 -14.28
CA PRO A 60 41.18 -18.45 -15.40
C PRO A 60 40.87 -19.00 -16.78
N ASN A 61 39.94 -19.95 -16.92
CA ASN A 61 39.79 -20.65 -18.18
C ASN A 61 38.32 -21.01 -18.41
N TYR A 62 38.09 -21.71 -19.52
CA TYR A 62 36.72 -22.08 -19.90
C TYR A 62 36.08 -22.98 -18.86
N GLU A 63 36.86 -23.92 -18.30
CA GLU A 63 36.34 -24.85 -17.31
C GLU A 63 35.90 -24.14 -16.03
N SER A 64 36.59 -23.05 -15.63
CA SER A 64 36.12 -22.31 -14.47
C SER A 64 34.77 -21.66 -14.73
N TYR A 65 34.51 -21.25 -15.97
CA TYR A 65 33.19 -20.73 -16.30
C TYR A 65 32.13 -21.83 -16.20
N VAL A 66 32.40 -23.00 -16.81
CA VAL A 66 31.41 -24.08 -16.83
C VAL A 66 31.13 -24.56 -15.41
N LYS A 67 32.17 -24.62 -14.58
CA LYS A 67 32.00 -25.10 -13.22
C LYS A 67 31.00 -24.23 -12.46
N GLU A 68 31.10 -22.92 -12.61
CA GLU A 68 30.16 -22.04 -11.95
C GLU A 68 28.80 -22.07 -12.65
N TRP A 69 28.82 -22.08 -13.99
CA TRP A 69 27.59 -22.04 -14.76
C TRP A 69 26.70 -23.24 -14.45
N ALA A 70 27.31 -24.42 -14.29
CA ALA A 70 26.52 -25.63 -14.05
C ALA A 70 25.72 -25.53 -12.74
N LYS A 71 26.13 -24.67 -11.82
CA LYS A 71 25.36 -24.44 -10.59
C LYS A 71 24.10 -23.60 -10.84
N THR A 72 23.98 -22.94 -11.99
CA THR A 72 22.95 -21.94 -12.20
C THR A 72 21.82 -22.42 -13.09
N VAL A 73 21.93 -23.64 -13.63
CA VAL A 73 20.93 -24.23 -14.50
C VAL A 73 20.65 -25.63 -13.96
N GLY A 74 19.53 -26.20 -14.37
CA GLY A 74 19.18 -27.54 -13.95
C GLY A 74 18.36 -27.59 -12.68
N PRO A 75 17.99 -28.81 -12.25
CA PRO A 75 17.00 -28.95 -11.17
C PRO A 75 17.51 -28.68 -9.77
N ASN A 76 18.81 -28.47 -9.58
CA ASN A 76 19.36 -28.13 -8.26
C ASN A 76 19.95 -26.73 -8.24
N SER A 77 19.52 -25.85 -9.12
CA SER A 77 20.08 -24.53 -9.17
C SER A 77 19.35 -23.52 -8.29
N ASP A 78 18.26 -23.90 -7.61
CA ASP A 78 17.56 -22.97 -6.73
C ASP A 78 18.50 -22.44 -5.64
N GLU A 79 19.35 -23.32 -5.10
CA GLU A 79 20.25 -22.93 -4.02
C GLU A 79 21.13 -21.75 -4.43
N TRP A 80 21.75 -21.83 -5.60
CA TRP A 80 22.62 -20.76 -6.08
C TRP A 80 21.85 -19.46 -6.30
N TRP A 81 20.66 -19.55 -6.91
CA TRP A 81 19.92 -18.33 -7.21
C TRP A 81 19.39 -17.67 -5.94
N ALA A 82 18.95 -18.48 -4.96
CA ALA A 82 18.47 -17.90 -3.71
C ALA A 82 19.59 -17.16 -3.00
N ALA A 83 20.78 -17.77 -2.94
CA ALA A 83 21.93 -17.14 -2.30
C ALA A 83 22.32 -15.86 -3.02
N LYS A 84 22.42 -15.91 -4.36
CA LYS A 84 22.76 -14.71 -5.11
C LYS A 84 21.72 -13.61 -4.89
N ALA A 85 20.43 -13.96 -4.91
CA ALA A 85 19.39 -12.96 -4.71
C ALA A 85 19.53 -12.26 -3.36
N ARG A 86 19.79 -13.04 -2.30
CA ARG A 86 19.93 -12.47 -0.97
C ARG A 86 21.27 -11.76 -0.79
N GLU A 87 22.31 -12.18 -1.51
CA GLU A 87 23.59 -11.49 -1.40
C GLU A 87 23.63 -10.19 -2.21
N THR A 88 22.93 -10.15 -3.33
CA THR A 88 23.10 -9.06 -4.28
C THR A 88 22.17 -7.88 -4.03
N LEU A 89 20.97 -8.13 -3.52
CA LEU A 89 19.98 -7.08 -3.32
C LEU A 89 19.63 -6.94 -1.85
N ASP A 90 19.21 -5.74 -1.48
CA ASP A 90 18.62 -5.48 -0.17
C ASP A 90 17.11 -5.69 -0.30
N TRP A 91 16.53 -6.46 0.62
CA TRP A 91 15.11 -6.76 0.60
C TRP A 91 14.43 -6.18 1.82
N TYR A 92 13.20 -5.64 1.66
CA TYR A 92 12.42 -5.33 2.85
C TYR A 92 11.82 -6.58 3.47
N ASP A 93 11.34 -7.52 2.65
CA ASP A 93 10.78 -8.78 3.08
C ASP A 93 11.46 -9.88 2.28
N ASP A 94 11.82 -10.96 2.97
CA ASP A 94 12.47 -12.09 2.33
C ASP A 94 11.48 -12.85 1.47
N PHE A 95 11.98 -13.52 0.44
CA PHE A 95 11.16 -14.44 -0.33
C PHE A 95 11.25 -15.83 0.27
N LYS A 96 10.29 -16.67 -0.09
CA LYS A 96 10.28 -18.09 0.25
C LYS A 96 10.51 -18.97 -0.97
N THR A 97 9.76 -18.70 -2.04
CA THR A 97 9.84 -19.47 -3.27
C THR A 97 10.90 -18.88 -4.20
N VAL A 98 11.76 -19.73 -4.76
CA VAL A 98 12.78 -19.21 -5.67
C VAL A 98 12.18 -18.93 -7.04
N ARG A 99 11.49 -19.90 -7.63
CA ARG A 99 10.97 -19.69 -8.98
C ARG A 99 9.71 -20.53 -9.17
N ALA A 100 8.87 -20.10 -10.12
CA ALA A 100 7.71 -20.88 -10.52
C ALA A 100 7.25 -20.37 -11.87
N GLY A 101 6.24 -21.03 -12.43
CA GLY A 101 5.68 -20.58 -13.69
C GLY A 101 6.52 -21.02 -14.87
N GLY A 102 6.17 -20.51 -16.04
CA GLY A 102 6.83 -20.98 -17.24
C GLY A 102 6.39 -20.25 -18.49
N PHE A 103 6.96 -20.70 -19.61
CA PHE A 103 6.75 -20.12 -20.94
C PHE A 103 5.31 -20.25 -21.42
N GLU A 104 4.68 -21.41 -21.21
CA GLU A 104 3.48 -21.76 -21.98
C GLU A 104 2.36 -20.74 -21.77
N HIS A 105 2.15 -20.33 -20.53
CA HIS A 105 1.11 -19.34 -20.26
C HIS A 105 1.68 -17.99 -19.90
N GLY A 106 3.01 -17.85 -19.84
CA GLY A 106 3.62 -16.60 -19.46
C GLY A 106 3.25 -16.21 -18.04
N ASP A 107 3.57 -17.06 -17.07
CA ASP A 107 3.38 -16.81 -15.65
C ASP A 107 4.68 -16.94 -14.89
N VAL A 108 5.79 -16.52 -15.51
CA VAL A 108 7.11 -16.64 -14.88
C VAL A 108 7.13 -15.86 -13.58
N GLN A 109 7.62 -16.48 -12.52
CA GLN A 109 7.77 -15.87 -11.21
C GLN A 109 9.15 -16.16 -10.66
N TRP A 110 9.78 -15.13 -10.07
CA TRP A 110 11.03 -15.29 -9.34
C TRP A 110 10.93 -14.56 -8.00
N PHE A 111 11.33 -15.24 -6.92
CA PHE A 111 11.29 -14.68 -5.57
C PHE A 111 9.95 -14.02 -5.24
N PRO A 112 8.82 -14.67 -5.56
CA PRO A 112 7.53 -13.92 -5.57
C PRO A 112 7.15 -13.27 -4.25
N GLU A 113 7.44 -13.88 -3.10
CA GLU A 113 6.98 -13.29 -1.84
C GLU A 113 7.88 -12.18 -1.36
N GLY A 114 9.03 -11.95 -2.02
CA GLY A 114 9.92 -10.90 -1.56
C GLY A 114 9.42 -9.52 -1.89
N THR A 115 9.89 -8.54 -1.11
CA THR A 115 9.62 -7.16 -1.40
C THR A 115 10.92 -6.37 -1.36
N LEU A 116 11.01 -5.35 -2.20
CA LEU A 116 12.23 -4.57 -2.36
C LEU A 116 11.87 -3.28 -3.09
N ASN A 117 12.87 -2.42 -3.27
CA ASN A 117 12.67 -1.25 -4.11
C ASN A 117 13.93 -1.03 -4.94
N ALA A 118 13.75 -0.80 -6.25
CA ALA A 118 14.90 -0.64 -7.13
C ALA A 118 15.70 0.62 -6.78
N ALA A 119 15.00 1.71 -6.45
CA ALA A 119 15.69 2.94 -6.10
C ALA A 119 16.48 2.77 -4.82
N TYR A 120 15.95 2.02 -3.85
CA TYR A 120 16.72 1.75 -2.64
C TYR A 120 18.01 1.03 -2.97
N ASN A 121 17.95 0.05 -3.86
CA ASN A 121 19.14 -0.74 -4.19
C ASN A 121 20.10 0.01 -5.08
N CYS A 122 19.63 0.96 -5.88
CA CYS A 122 20.50 1.74 -6.75
C CYS A 122 21.01 3.03 -6.13
N LEU A 123 20.31 3.56 -5.12
CA LEU A 123 20.69 4.82 -4.50
C LEU A 123 20.91 4.73 -3.00
N ASP A 124 19.85 4.45 -2.22
CA ASP A 124 19.88 4.67 -0.77
C ASP A 124 20.97 3.86 -0.10
N ARG A 125 21.05 2.56 -0.42
CA ARG A 125 22.00 1.72 0.31
C ARG A 125 23.44 2.14 0.03
N HIS A 126 23.73 2.68 -1.16
CA HIS A 126 25.08 3.16 -1.45
C HIS A 126 25.32 4.53 -0.83
N TYR A 127 24.28 5.35 -0.85
CA TYR A 127 24.36 6.66 -0.18
C TYR A 127 24.64 6.50 1.31
N TYR A 128 24.00 5.53 1.96
CA TYR A 128 24.25 5.33 3.39
C TYR A 128 25.69 4.91 3.66
N LYS A 129 26.36 4.30 2.68
CA LYS A 129 27.72 3.83 2.91
C LYS A 129 28.77 4.86 2.49
N ASN A 130 28.61 5.49 1.32
CA ASN A 130 29.58 6.45 0.81
C ASN A 130 28.85 7.51 0.01
N PRO A 131 28.32 8.53 0.68
CA PRO A 131 27.47 9.50 -0.01
C PRO A 131 28.20 10.30 -1.09
N LYS A 132 29.49 10.57 -0.92
CA LYS A 132 30.22 11.41 -1.86
C LYS A 132 30.83 10.61 -3.01
N LYS A 133 30.70 9.30 -3.01
CA LYS A 133 31.15 8.53 -4.16
C LYS A 133 30.41 8.96 -5.41
N THR A 134 31.12 9.02 -6.52
CA THR A 134 30.49 9.40 -7.78
C THR A 134 29.55 8.28 -8.25
N ALA A 135 28.28 8.63 -8.45
CA ALA A 135 27.35 7.71 -9.07
C ALA A 135 27.40 7.80 -10.59
N ILE A 136 27.42 9.03 -11.11
CA ILE A 136 27.35 9.28 -12.54
C ILE A 136 28.49 10.19 -12.95
N ILE A 137 29.27 9.75 -13.93
CA ILE A 137 30.14 10.65 -14.69
C ILE A 137 29.27 11.19 -15.81
N TYR A 138 28.89 12.47 -15.71
CA TYR A 138 28.06 13.11 -16.73
C TYR A 138 28.99 13.72 -17.76
N GLU A 139 29.11 13.07 -18.92
CA GLU A 139 29.91 13.61 -20.02
C GLU A 139 28.95 14.41 -20.89
N ALA A 140 28.98 15.72 -20.72
CA ALA A 140 28.05 16.61 -21.41
C ALA A 140 28.40 16.69 -22.89
N ASP A 141 27.46 17.20 -23.68
CA ASP A 141 27.72 17.32 -25.12
C ASP A 141 28.97 18.14 -25.39
N GLU A 142 29.12 19.27 -24.67
CA GLU A 142 30.37 20.02 -24.66
C GLU A 142 31.29 19.47 -23.57
N PRO A 143 32.51 19.04 -23.91
CA PRO A 143 33.37 18.38 -22.90
C PRO A 143 33.62 19.25 -21.66
N SER A 144 33.71 20.57 -21.82
CA SER A 144 34.02 21.43 -20.68
C SER A 144 32.91 21.44 -19.64
N GLU A 145 31.70 21.00 -19.98
CA GLU A 145 30.59 21.03 -19.03
C GLU A 145 30.39 19.71 -18.29
N SER A 146 31.27 18.73 -18.52
CA SER A 146 31.14 17.44 -17.87
C SER A 146 31.46 17.53 -16.38
N ARG A 147 30.84 16.67 -15.58
CA ARG A 147 31.10 16.68 -14.15
C ARG A 147 30.67 15.36 -13.51
N GLU A 148 31.12 15.15 -12.28
CA GLU A 148 30.72 13.99 -11.49
C GLU A 148 29.49 14.31 -10.66
N VAL A 149 28.57 13.36 -10.59
CA VAL A 149 27.37 13.46 -9.76
C VAL A 149 27.47 12.40 -8.66
N SER A 150 27.51 12.84 -7.41
CA SER A 150 27.65 11.91 -6.30
C SER A 150 26.36 11.11 -6.12
N TYR A 151 26.47 10.00 -5.37
CA TYR A 151 25.27 9.25 -4.98
C TYR A 151 24.32 10.14 -4.17
N GLU A 152 24.87 10.99 -3.31
CA GLU A 152 24.02 11.91 -2.55
C GLU A 152 23.19 12.80 -3.47
N GLU A 153 23.84 13.47 -4.43
CA GLU A 153 23.12 14.36 -5.33
C GLU A 153 22.11 13.61 -6.19
N LEU A 154 22.50 12.44 -6.70
CA LEU A 154 21.56 11.69 -7.53
C LEU A 154 20.36 11.25 -6.69
N MET A 155 20.61 10.78 -5.48
CA MET A 155 19.50 10.38 -4.61
C MET A 155 18.60 11.57 -4.27
N GLN A 156 19.20 12.74 -4.00
CA GLN A 156 18.39 13.91 -3.66
C GLN A 156 17.51 14.32 -4.83
N GLU A 157 18.08 14.38 -6.03
CA GLU A 157 17.29 14.76 -7.21
C GLU A 157 16.20 13.73 -7.50
N THR A 158 16.52 12.43 -7.37
CA THR A 158 15.52 11.39 -7.55
C THR A 158 14.36 11.57 -6.57
N CYS A 159 14.66 11.85 -5.31
CA CYS A 159 13.61 12.03 -4.32
C CYS A 159 12.75 13.24 -4.62
N ARG A 160 13.36 14.35 -5.09
CA ARG A 160 12.57 15.53 -5.45
C ARG A 160 11.60 15.21 -6.57
N VAL A 161 12.07 14.52 -7.60
CA VAL A 161 11.21 14.18 -8.73
C VAL A 161 10.11 13.23 -8.28
N ALA A 162 10.45 12.27 -7.42
CA ALA A 162 9.43 11.35 -6.92
C ALA A 162 8.34 12.08 -6.15
N ASN A 163 8.74 13.08 -5.34
CA ASN A 163 7.76 13.88 -4.63
C ASN A 163 6.88 14.68 -5.59
N VAL A 164 7.47 15.18 -6.68
CA VAL A 164 6.69 15.88 -7.69
C VAL A 164 5.67 14.94 -8.32
N LEU A 165 6.12 13.73 -8.69
CA LEU A 165 5.20 12.78 -9.29
C LEU A 165 4.05 12.45 -8.34
N LYS A 166 4.35 12.24 -7.05
CA LYS A 166 3.27 11.97 -6.10
C LYS A 166 2.30 13.16 -6.01
N SER A 167 2.82 14.39 -6.11
CA SER A 167 1.94 15.54 -6.06
C SER A 167 1.04 15.63 -7.28
N TYR A 168 1.40 14.95 -8.36
CA TYR A 168 0.53 14.85 -9.53
C TYR A 168 -0.47 13.73 -9.43
N GLY A 169 -0.51 12.98 -8.33
CA GLY A 169 -1.42 11.87 -8.22
C GLY A 169 -0.91 10.58 -8.82
N VAL A 170 0.39 10.49 -9.15
CA VAL A 170 0.93 9.24 -9.65
C VAL A 170 0.94 8.22 -8.51
N LYS A 171 0.37 7.05 -8.76
CA LYS A 171 0.28 5.96 -7.81
C LYS A 171 1.09 4.77 -8.28
N LYS A 172 1.34 3.86 -7.35
CA LYS A 172 1.97 2.58 -7.68
C LYS A 172 1.22 1.90 -8.82
N GLY A 173 1.95 1.46 -9.84
CA GLY A 173 1.38 0.79 -10.99
C GLY A 173 0.99 1.71 -12.14
N ASP A 174 1.01 3.03 -11.94
CA ASP A 174 0.75 3.97 -13.02
C ASP A 174 1.96 4.07 -13.94
N ALA A 175 1.70 4.17 -15.23
CA ALA A 175 2.78 4.37 -16.19
C ALA A 175 3.11 5.86 -16.30
N VAL A 176 4.40 6.15 -16.50
CA VAL A 176 4.90 7.51 -16.69
C VAL A 176 5.82 7.50 -17.91
N SER A 177 5.51 8.32 -18.91
CA SER A 177 6.38 8.38 -20.08
C SER A 177 7.54 9.32 -19.82
N ILE A 178 8.71 8.94 -20.33
CA ILE A 178 9.93 9.71 -20.20
C ILE A 178 10.48 9.91 -21.60
N TYR A 179 10.59 11.17 -22.01
CA TYR A 179 11.15 11.55 -23.31
C TYR A 179 12.32 12.51 -23.01
N LEU A 180 13.46 11.93 -22.66
CA LEU A 180 14.60 12.71 -22.16
C LEU A 180 15.85 12.36 -22.95
N PRO A 181 16.67 13.34 -23.28
CA PRO A 181 17.98 13.05 -23.89
C PRO A 181 18.96 12.61 -22.82
N MET A 182 20.20 12.37 -23.23
CA MET A 182 21.21 11.78 -22.37
C MET A 182 21.88 12.84 -21.47
N THR A 183 21.08 13.47 -20.64
CA THR A 183 21.61 14.24 -19.51
C THR A 183 21.44 13.40 -18.25
N TRP A 184 22.23 13.72 -17.23
CA TRP A 184 22.30 12.81 -16.09
C TRP A 184 20.96 12.70 -15.36
N GLN A 185 20.08 13.71 -15.46
CA GLN A 185 18.79 13.65 -14.78
C GLN A 185 17.87 12.58 -15.34
N ALA A 186 18.15 12.06 -16.53
CA ALA A 186 17.36 10.95 -17.03
C ALA A 186 17.39 9.79 -16.04
N ALA A 187 18.55 9.56 -15.41
CA ALA A 187 18.65 8.54 -14.37
C ALA A 187 17.76 8.88 -13.18
N ALA A 188 17.75 10.16 -12.79
CA ALA A 188 16.88 10.57 -11.69
C ALA A 188 15.41 10.32 -12.04
N ALA A 189 15.03 10.55 -13.30
CA ALA A 189 13.64 10.34 -13.70
C ALA A 189 13.26 8.86 -13.65
N PHE A 190 14.10 7.99 -14.20
CA PHE A 190 13.83 6.54 -14.12
C PHE A 190 13.65 6.12 -12.67
N LEU A 191 14.61 6.49 -11.83
CA LEU A 191 14.65 5.97 -10.47
C LEU A 191 13.56 6.61 -9.60
N ALA A 192 13.14 7.83 -9.94
CA ALA A 192 12.01 8.44 -9.22
C ALA A 192 10.74 7.65 -9.48
N CYS A 193 10.54 7.18 -10.71
CA CYS A 193 9.39 6.33 -10.97
C CYS A 193 9.52 5.02 -10.20
N ALA A 194 10.71 4.39 -10.26
CA ALA A 194 10.92 3.15 -9.53
C ALA A 194 10.70 3.36 -8.03
N ARG A 195 11.12 4.51 -7.51
CA ARG A 195 11.02 4.76 -6.07
C ARG A 195 9.58 4.70 -5.56
N ILE A 196 8.63 5.19 -6.37
CA ILE A 196 7.23 5.22 -5.93
C ILE A 196 6.43 4.08 -6.52
N GLY A 197 7.08 3.17 -7.25
CA GLY A 197 6.39 2.06 -7.85
C GLY A 197 5.63 2.37 -9.11
N ALA A 198 5.87 3.53 -9.72
CA ALA A 198 5.34 3.85 -11.04
C ALA A 198 6.14 3.06 -12.09
N ILE A 199 5.57 2.98 -13.29
CA ILE A 199 6.14 2.19 -14.37
C ILE A 199 6.66 3.17 -15.41
N HIS A 200 7.98 3.36 -15.48
CA HIS A 200 8.46 4.30 -16.48
C HIS A 200 8.46 3.69 -17.86
N SER A 201 8.21 4.53 -18.86
CA SER A 201 8.27 4.12 -20.26
C SER A 201 9.11 5.15 -21.01
N ALA A 202 10.38 4.83 -21.22
CA ALA A 202 11.31 5.77 -21.84
C ALA A 202 11.27 5.65 -23.36
N VAL A 203 11.25 6.80 -24.03
CA VAL A 203 11.21 6.91 -25.48
C VAL A 203 12.44 7.70 -25.90
N PHE A 204 13.23 7.14 -26.84
CA PHE A 204 14.40 7.81 -27.41
C PHE A 204 14.11 9.28 -27.71
N ALA A 205 14.87 10.19 -27.10
CA ALA A 205 14.74 11.60 -27.46
C ALA A 205 15.15 11.80 -28.91
N GLY A 206 14.33 12.51 -29.67
CA GLY A 206 14.54 12.63 -31.10
C GLY A 206 13.65 11.72 -31.94
N PHE A 207 12.94 10.77 -31.33
CA PHE A 207 11.87 10.07 -32.04
C PHE A 207 10.82 11.08 -32.49
N SER A 208 10.18 10.80 -33.63
CA SER A 208 9.22 11.74 -34.19
C SER A 208 7.99 11.86 -33.29
N ALA A 209 7.20 12.91 -33.54
CA ALA A 209 5.96 13.10 -32.81
C ALA A 209 5.03 11.90 -32.98
N GLU A 210 5.02 11.30 -34.18
CA GLU A 210 4.17 10.14 -34.44
C GLU A 210 4.59 8.94 -33.61
N SER A 211 5.89 8.66 -33.55
CA SER A 211 6.36 7.52 -32.76
C SER A 211 6.18 7.77 -31.27
N LEU A 212 6.42 9.00 -30.81
CA LEU A 212 6.17 9.33 -29.41
C LEU A 212 4.69 9.18 -29.07
N ARG A 213 3.83 9.71 -29.93
CA ARG A 213 2.39 9.61 -29.73
C ARG A 213 1.94 8.16 -29.54
N ASP A 214 2.41 7.28 -30.42
CA ASP A 214 1.96 5.89 -30.38
C ASP A 214 2.38 5.23 -29.07
N ARG A 215 3.57 5.54 -28.57
CA ARG A 215 4.03 4.95 -27.32
C ARG A 215 3.36 5.59 -26.10
N VAL A 216 3.15 6.90 -26.12
CA VAL A 216 2.44 7.54 -25.02
C VAL A 216 1.01 7.00 -24.93
N ASN A 217 0.34 6.87 -26.08
CA ASN A 217 -1.02 6.39 -26.08
C ASN A 217 -1.11 4.92 -25.67
N ASP A 218 -0.15 4.09 -26.11
CA ASP A 218 -0.21 2.67 -25.79
C ASP A 218 -0.03 2.41 -24.30
N CYS A 219 0.85 3.15 -23.63
CA CYS A 219 1.05 2.89 -22.22
C CYS A 219 0.03 3.59 -21.34
N GLU A 220 -0.77 4.50 -21.90
CA GLU A 220 -1.89 5.16 -21.22
C GLU A 220 -1.42 6.00 -20.03
N CYS A 221 -0.18 6.54 -20.09
CA CYS A 221 0.31 7.37 -19.01
C CYS A 221 -0.46 8.69 -18.92
N LYS A 222 -0.47 9.27 -17.72
CA LYS A 222 -1.06 10.58 -17.51
C LYS A 222 -0.02 11.66 -17.27
N VAL A 223 1.25 11.29 -17.16
CA VAL A 223 2.35 12.19 -16.88
C VAL A 223 3.47 11.88 -17.88
N LEU A 224 4.10 12.95 -18.39
CA LEU A 224 5.25 12.87 -19.29
C LEU A 224 6.36 13.76 -18.75
N ILE A 225 7.59 13.27 -18.80
CA ILE A 225 8.79 14.00 -18.37
C ILE A 225 9.67 14.21 -19.60
N THR A 226 10.10 15.45 -19.83
CA THR A 226 10.87 15.75 -21.03
C THR A 226 11.78 16.94 -20.73
N THR A 227 12.45 17.44 -21.77
CA THR A 227 13.32 18.61 -21.70
C THR A 227 12.78 19.71 -22.61
N ASP A 228 13.26 20.94 -22.39
CA ASP A 228 12.97 22.00 -23.35
C ASP A 228 13.60 21.67 -24.69
N GLU A 229 14.87 21.29 -24.67
CA GLU A 229 15.61 20.86 -25.84
C GLU A 229 16.68 19.88 -25.37
N GLY A 230 17.12 19.02 -26.30
CA GLY A 230 18.31 18.21 -26.09
C GLY A 230 19.48 18.74 -26.91
N ARG A 231 20.70 18.40 -26.51
N ARG A 231 20.70 18.37 -26.54
CA ARG A 231 21.91 18.73 -27.24
CA ARG A 231 21.88 18.74 -27.31
C ARG A 231 22.69 17.45 -27.50
C ARG A 231 22.74 17.51 -27.51
N ARG A 232 22.99 17.17 -28.77
CA ARG A 232 23.75 15.97 -29.10
C ARG A 232 24.58 16.25 -30.34
N GLY A 233 25.90 16.13 -30.22
CA GLY A 233 26.77 16.38 -31.36
C GLY A 233 26.71 17.80 -31.88
N GLY A 234 26.52 18.78 -30.99
CA GLY A 234 26.40 20.16 -31.40
C GLY A 234 25.11 20.52 -32.07
N LYS A 235 24.13 19.62 -32.10
CA LYS A 235 22.83 19.84 -32.71
C LYS A 235 21.76 19.90 -31.64
N THR A 236 20.73 20.70 -31.91
CA THR A 236 19.58 20.83 -31.01
C THR A 236 18.52 19.79 -31.37
N ILE A 237 18.06 19.06 -30.37
CA ILE A 237 16.88 18.22 -30.50
C ILE A 237 15.72 19.01 -29.92
N ALA A 238 14.72 19.30 -30.77
CA ALA A 238 13.59 20.15 -30.38
C ALA A 238 12.53 19.32 -29.67
N THR A 239 12.91 18.81 -28.49
CA THR A 239 12.07 17.83 -27.79
C THR A 239 10.73 18.41 -27.40
N LYS A 240 10.70 19.65 -26.87
CA LYS A 240 9.42 20.22 -26.48
C LYS A 240 8.53 20.47 -27.70
N GLN A 241 9.11 20.83 -28.84
CA GLN A 241 8.28 21.00 -30.06
C GLN A 241 7.66 19.65 -30.43
N ILE A 242 8.46 18.60 -30.46
CA ILE A 242 7.97 17.27 -30.80
C ILE A 242 6.89 16.85 -29.81
N VAL A 243 7.12 17.12 -28.51
CA VAL A 243 6.14 16.78 -27.48
C VAL A 243 4.83 17.54 -27.70
N ASP A 244 4.92 18.83 -28.00
CA ASP A 244 3.71 19.60 -28.24
C ASP A 244 2.93 19.03 -29.42
N ALA A 245 3.63 18.69 -30.50
CA ALA A 245 2.95 18.08 -31.64
C ALA A 245 2.32 16.73 -31.27
N ALA A 246 3.03 15.91 -30.50
CA ALA A 246 2.51 14.59 -30.14
C ALA A 246 1.28 14.66 -29.25
N LEU A 247 1.31 15.56 -28.25
CA LEU A 247 0.25 15.58 -27.25
C LEU A 247 -1.07 16.10 -27.81
N GLN A 248 -1.07 16.71 -28.99
CA GLN A 248 -2.33 17.05 -29.62
C GLN A 248 -3.17 15.81 -29.92
N GLN A 249 -2.55 14.62 -29.93
CA GLN A 249 -3.28 13.37 -30.12
C GLN A 249 -3.11 12.41 -28.95
N CYS A 250 -2.80 12.92 -27.76
CA CYS A 250 -2.60 12.09 -26.56
C CYS A 250 -3.49 12.63 -25.46
N PRO A 251 -4.79 12.30 -25.48
CA PRO A 251 -5.74 12.99 -24.60
C PRO A 251 -5.62 12.65 -23.12
N LEU A 252 -4.87 11.60 -22.77
CA LEU A 252 -4.77 11.22 -21.36
C LEU A 252 -3.67 11.96 -20.61
N VAL A 253 -2.73 12.58 -21.30
CA VAL A 253 -1.61 13.21 -20.61
C VAL A 253 -2.11 14.52 -20.01
N GLU A 254 -2.01 14.64 -18.69
CA GLU A 254 -2.48 15.83 -17.99
C GLU A 254 -1.36 16.68 -17.43
N ASN A 255 -0.18 16.11 -17.19
CA ASN A 255 0.95 16.84 -16.62
C ASN A 255 2.20 16.51 -17.40
N VAL A 256 2.95 17.56 -17.74
CA VAL A 256 4.26 17.43 -18.37
C VAL A 256 5.25 18.19 -17.49
N LEU A 257 6.32 17.50 -17.10
CA LEU A 257 7.40 18.07 -16.33
C LEU A 257 8.57 18.31 -17.29
N VAL A 258 9.03 19.55 -17.37
CA VAL A 258 9.96 19.99 -18.41
C VAL A 258 11.29 20.36 -17.75
N LEU A 259 12.34 19.62 -18.10
CA LEU A 259 13.68 19.92 -17.61
C LEU A 259 14.33 21.02 -18.45
N ARG A 260 14.88 22.04 -17.78
CA ARG A 260 15.48 23.18 -18.46
C ARG A 260 16.93 22.83 -18.79
N ARG A 261 17.09 22.09 -19.89
CA ARG A 261 18.43 21.64 -20.29
C ARG A 261 19.22 22.71 -21.03
N THR A 262 18.59 23.41 -21.97
CA THR A 262 19.29 24.44 -22.72
C THR A 262 18.91 25.86 -22.34
N GLY A 263 17.69 26.07 -21.86
CA GLY A 263 17.24 27.42 -21.57
C GLY A 263 16.79 28.23 -22.76
N ASN A 264 16.79 27.65 -23.96
CA ASN A 264 16.19 28.36 -25.09
C ASN A 264 14.68 28.40 -24.89
N LYS A 265 14.07 29.50 -25.30
CA LYS A 265 12.65 29.67 -25.02
C LYS A 265 11.83 28.64 -25.79
N VAL A 266 10.94 27.94 -25.07
CA VAL A 266 10.05 26.96 -25.69
C VAL A 266 8.65 27.27 -25.18
N PRO A 267 7.60 26.95 -25.94
CA PRO A 267 6.24 27.17 -25.43
C PRO A 267 5.98 26.31 -24.21
N MET A 268 5.16 26.84 -23.29
CA MET A 268 4.69 26.06 -22.16
C MET A 268 3.18 26.24 -22.04
N THR A 269 2.44 25.13 -21.98
CA THR A 269 0.99 25.17 -21.90
C THR A 269 0.57 25.37 -20.45
N GLU A 270 -0.15 26.46 -20.18
CA GLU A 270 -0.54 26.79 -18.83
C GLU A 270 -1.35 25.66 -18.21
N GLY A 271 -1.00 25.30 -16.97
CA GLY A 271 -1.66 24.20 -16.30
C GLY A 271 -0.97 22.87 -16.58
N ARG A 272 -0.88 22.51 -17.87
CA ARG A 272 -0.32 21.21 -18.23
C ARG A 272 1.20 21.14 -18.00
N ASP A 273 1.94 22.18 -18.40
CA ASP A 273 3.40 22.14 -18.41
C ASP A 273 3.97 22.90 -17.23
N LYS A 274 4.92 22.28 -16.51
CA LYS A 274 5.60 22.90 -15.40
C LYS A 274 7.10 22.63 -15.51
N TRP A 275 7.90 23.56 -14.97
CA TRP A 275 9.35 23.43 -15.02
C TRP A 275 9.88 22.51 -13.93
N TRP A 276 10.78 21.60 -14.33
CA TRP A 276 11.36 20.64 -13.39
C TRP A 276 12.00 21.35 -12.19
N ASP A 277 12.82 22.37 -12.44
CA ASP A 277 13.52 22.99 -11.34
C ASP A 277 12.55 23.71 -10.38
N GLU A 278 11.52 24.36 -10.93
CA GLU A 278 10.54 25.05 -10.08
C GLU A 278 9.69 24.07 -9.28
N GLU A 279 9.29 22.95 -9.89
CA GLU A 279 8.52 21.95 -9.16
C GLU A 279 9.36 21.28 -8.08
N CYS A 280 10.60 20.88 -8.42
CA CYS A 280 11.45 20.18 -7.46
C CYS A 280 11.88 21.06 -6.30
N ALA A 281 12.01 22.38 -6.51
CA ALA A 281 12.33 23.29 -5.41
C ALA A 281 11.24 23.32 -4.34
N LYS A 282 10.02 22.92 -4.68
CA LYS A 282 8.95 22.91 -3.69
C LYS A 282 9.01 21.71 -2.77
N MET A 283 9.77 20.65 -3.14
CA MET A 283 9.69 19.33 -2.53
C MET A 283 10.90 19.04 -1.65
N PRO A 284 10.74 18.23 -0.62
CA PRO A 284 11.90 17.82 0.18
C PRO A 284 12.81 16.90 -0.63
N ALA A 285 14.05 16.78 -0.17
CA ALA A 285 15.07 16.03 -0.88
C ALA A 285 15.19 14.60 -0.39
N TYR A 286 14.21 14.12 0.39
CA TYR A 286 14.03 12.70 0.66
C TYR A 286 12.55 12.36 0.48
N CYS A 287 12.30 11.11 0.05
CA CYS A 287 11.00 10.53 -0.24
C CYS A 287 11.09 9.07 0.18
N PRO A 288 10.10 8.52 0.90
CA PRO A 288 10.14 7.10 1.25
C PRO A 288 10.08 6.22 0.01
N CYS A 289 10.58 4.99 0.14
CA CYS A 289 10.52 3.99 -0.93
C CYS A 289 9.26 3.14 -0.82
N GLU A 290 8.56 2.97 -1.93
CA GLU A 290 7.41 2.07 -1.96
C GLU A 290 7.90 0.62 -1.91
N ARG A 291 7.29 -0.20 -1.05
CA ARG A 291 7.75 -1.59 -0.91
C ARG A 291 7.09 -2.40 -2.02
N MET A 292 7.87 -2.83 -3.00
CA MET A 292 7.36 -3.46 -4.21
C MET A 292 7.49 -4.97 -4.12
N ALA A 293 6.45 -5.67 -4.58
CA ALA A 293 6.57 -7.11 -4.77
C ALA A 293 7.61 -7.39 -5.83
N SER A 294 8.29 -8.52 -5.70
CA SER A 294 9.30 -8.91 -6.69
CA SER A 294 9.30 -8.91 -6.69
C SER A 294 8.73 -8.83 -8.11
N GLU A 295 7.47 -9.22 -8.29
CA GLU A 295 6.85 -9.28 -9.61
C GLU A 295 6.05 -8.04 -9.97
N ASP A 296 6.07 -6.99 -9.16
CA ASP A 296 5.50 -5.75 -9.63
C ASP A 296 6.26 -5.27 -10.86
N PRO A 297 5.59 -4.75 -11.87
CA PRO A 297 6.30 -4.24 -13.05
C PRO A 297 7.22 -3.07 -12.69
N LEU A 298 8.42 -3.08 -13.27
CA LEU A 298 9.37 -2.00 -13.12
C LEU A 298 9.31 -1.00 -14.25
N PHE A 299 9.25 -1.47 -15.50
CA PHE A 299 9.17 -0.50 -16.60
C PHE A 299 8.56 -1.17 -17.83
N ILE A 300 8.12 -0.32 -18.74
CA ILE A 300 7.75 -0.69 -20.10
C ILE A 300 8.80 -0.12 -21.02
N LEU A 301 9.30 -0.93 -21.96
CA LEU A 301 10.24 -0.40 -22.94
C LEU A 301 9.77 -0.80 -24.34
N TYR A 302 9.33 0.17 -25.13
CA TYR A 302 8.91 -0.11 -26.50
C TYR A 302 10.13 -0.36 -27.37
N THR A 303 10.10 -1.44 -28.15
CA THR A 303 11.20 -1.75 -29.05
C THR A 303 11.13 -0.88 -30.29
N SER A 304 12.26 -0.81 -31.00
CA SER A 304 12.33 -0.11 -32.29
C SER A 304 11.24 -0.56 -33.26
N THR A 307 7.81 -4.10 -36.17
CA THR A 307 6.91 -4.51 -37.25
C THR A 307 5.58 -3.74 -37.17
N GLY A 308 4.64 -4.23 -36.36
CA GLY A 308 3.32 -3.60 -36.34
C GLY A 308 3.16 -2.47 -35.34
N LYS A 309 2.18 -2.59 -34.46
CA LYS A 309 1.99 -1.60 -33.42
C LYS A 309 3.16 -1.65 -32.44
N PRO A 310 3.46 -0.56 -31.75
CA PRO A 310 4.61 -0.57 -30.83
C PRO A 310 4.47 -1.66 -29.77
N LYS A 311 5.58 -2.37 -29.53
CA LYS A 311 5.61 -3.50 -28.61
C LYS A 311 6.21 -3.06 -27.28
N GLY A 312 5.36 -2.92 -26.26
CA GLY A 312 5.86 -2.50 -24.97
C GLY A 312 6.35 -3.64 -24.10
N VAL A 313 7.66 -3.87 -24.08
CA VAL A 313 8.22 -5.01 -23.36
C VAL A 313 8.23 -4.67 -21.86
N VAL A 314 7.65 -5.56 -21.05
CA VAL A 314 7.49 -5.31 -19.62
C VAL A 314 8.47 -6.16 -18.82
N HIS A 315 9.21 -5.51 -17.93
CA HIS A 315 10.08 -6.19 -16.99
C HIS A 315 9.56 -5.98 -15.57
N SER A 316 9.66 -7.02 -14.75
CA SER A 316 9.31 -6.91 -13.34
C SER A 316 10.55 -6.44 -12.58
N THR A 317 10.54 -6.54 -11.25
CA THR A 317 11.49 -5.80 -10.43
C THR A 317 12.68 -6.66 -9.96
N ALA A 318 12.44 -7.71 -9.17
CA ALA A 318 13.58 -8.37 -8.53
C ALA A 318 14.43 -9.16 -9.52
N GLY A 319 13.80 -9.97 -10.38
CA GLY A 319 14.57 -10.76 -11.34
C GLY A 319 15.34 -9.89 -12.31
N TYR A 320 14.69 -8.84 -12.84
CA TYR A 320 15.38 -7.92 -13.74
C TYR A 320 16.57 -7.26 -13.06
N LEU A 321 16.37 -6.75 -11.85
CA LEU A 321 17.46 -6.09 -11.14
C LEU A 321 18.60 -7.06 -10.83
N LEU A 322 18.25 -8.28 -10.39
CA LEU A 322 19.26 -9.28 -10.11
C LEU A 322 20.05 -9.62 -11.37
N GLY A 323 19.35 -9.80 -12.49
CA GLY A 323 20.01 -10.14 -13.74
C GLY A 323 20.98 -9.06 -14.21
N THR A 324 20.57 -7.79 -14.14
CA THR A 324 21.46 -6.71 -14.53
C THR A 324 22.64 -6.60 -13.58
N ALA A 325 22.40 -6.81 -12.28
CA ALA A 325 23.52 -6.67 -11.35
C ALA A 325 24.55 -7.78 -11.54
N LEU A 326 24.09 -9.02 -11.75
CA LEU A 326 25.02 -10.14 -11.91
C LEU A 326 25.75 -10.07 -13.25
N THR A 327 25.05 -9.75 -14.34
CA THR A 327 25.72 -9.68 -15.63
C THR A 327 26.76 -8.56 -15.64
N LEU A 328 26.44 -7.41 -15.03
CA LEU A 328 27.45 -6.36 -14.95
C LEU A 328 28.66 -6.84 -14.17
N LYS A 329 28.41 -7.52 -13.05
CA LYS A 329 29.51 -7.99 -12.22
C LYS A 329 30.36 -9.03 -12.95
N TYR A 330 29.72 -9.98 -13.62
CA TYR A 330 30.49 -11.10 -14.17
C TYR A 330 30.93 -10.87 -15.60
N VAL A 331 30.06 -10.33 -16.46
CA VAL A 331 30.44 -10.14 -17.85
C VAL A 331 31.46 -9.01 -17.99
N PHE A 332 31.40 -7.98 -17.15
CA PHE A 332 32.38 -6.91 -17.26
C PHE A 332 33.41 -6.93 -16.14
N ASP A 333 33.37 -7.96 -15.29
CA ASP A 333 34.25 -8.09 -14.15
C ASP A 333 34.34 -6.77 -13.37
N ALA A 334 33.17 -6.27 -12.97
CA ALA A 334 33.10 -5.00 -12.26
C ALA A 334 33.52 -5.19 -10.82
N HIS A 335 34.36 -4.30 -10.32
CA HIS A 335 34.84 -4.26 -8.95
C HIS A 335 34.47 -2.91 -8.34
N PRO A 336 34.52 -2.78 -7.01
CA PRO A 336 33.88 -1.62 -6.35
C PRO A 336 34.38 -0.25 -6.84
N ASP A 337 35.64 -0.11 -7.24
CA ASP A 337 36.15 1.19 -7.64
C ASP A 337 36.01 1.47 -9.13
N ASP A 338 35.38 0.57 -9.88
CA ASP A 338 35.35 0.67 -11.33
C ASP A 338 34.52 1.86 -11.81
N ARG A 339 34.90 2.36 -12.97
N ARG A 339 34.89 2.36 -12.98
CA ARG A 339 34.21 3.47 -13.65
CA ARG A 339 34.21 3.48 -13.64
C ARG A 339 33.74 2.93 -14.99
C ARG A 339 33.73 2.96 -14.99
N PHE A 340 32.46 2.56 -15.04
CA PHE A 340 31.90 1.81 -16.17
C PHE A 340 31.33 2.78 -17.21
N ALA A 341 31.79 2.67 -18.45
CA ALA A 341 31.41 3.61 -19.50
C ALA A 341 30.60 2.91 -20.59
N CYS A 342 29.29 2.84 -20.38
CA CYS A 342 28.38 2.39 -21.43
C CYS A 342 27.97 3.63 -22.24
N MET A 343 28.25 3.61 -23.53
CA MET A 343 28.11 4.82 -24.34
C MET A 343 26.79 4.87 -25.09
N ALA A 344 25.83 4.04 -24.72
CA ALA A 344 24.54 3.94 -25.39
C ALA A 344 23.58 4.98 -24.83
N ASP A 345 22.33 4.91 -25.26
CA ASP A 345 21.26 5.83 -24.89
C ASP A 345 20.26 5.12 -23.98
N ILE A 346 19.74 5.84 -22.97
CA ILE A 346 18.79 5.20 -22.07
C ILE A 346 17.47 4.88 -22.73
N GLY A 347 17.21 5.40 -23.94
CA GLY A 347 16.03 4.93 -24.65
C GLY A 347 16.13 3.48 -25.13
N TRP A 348 17.31 2.87 -24.98
CA TRP A 348 17.59 1.52 -25.40
C TRP A 348 17.69 0.62 -24.17
N ILE A 349 17.37 -0.67 -24.32
CA ILE A 349 17.52 -1.57 -23.19
C ILE A 349 18.96 -1.58 -22.68
N THR A 350 19.93 -1.39 -23.57
CA THR A 350 21.33 -1.35 -23.12
C THR A 350 21.54 -0.24 -22.10
N GLY A 351 20.92 0.93 -22.32
CA GLY A 351 21.00 2.02 -21.35
C GLY A 351 20.25 1.73 -20.06
N HIS A 352 19.08 1.09 -20.16
CA HIS A 352 18.37 0.67 -18.94
C HIS A 352 19.26 -0.22 -18.09
N SER A 353 19.80 -1.28 -18.70
CA SER A 353 20.43 -2.34 -17.93
C SER A 353 21.86 -2.02 -17.55
N TYR A 354 22.61 -1.36 -18.45
CA TYR A 354 24.05 -1.20 -18.24
C TYR A 354 24.49 0.26 -18.17
N ILE A 355 23.56 1.21 -18.14
CA ILE A 355 23.87 2.55 -17.65
C ILE A 355 23.28 2.76 -16.26
N ILE A 356 21.99 2.50 -16.10
CA ILE A 356 21.31 2.84 -14.85
C ILE A 356 21.24 1.65 -13.89
N TYR A 357 20.48 0.59 -14.23
CA TYR A 357 20.12 -0.35 -13.16
C TYR A 357 21.30 -1.23 -12.75
N GLY A 358 22.01 -1.80 -13.71
CA GLY A 358 23.14 -2.66 -13.37
C GLY A 358 24.27 -1.98 -12.59
N PRO A 359 24.85 -0.91 -13.17
CA PRO A 359 25.97 -0.25 -12.48
C PRO A 359 25.60 0.35 -11.13
N LEU A 360 24.45 1.02 -11.04
CA LEU A 360 24.06 1.63 -9.78
C LEU A 360 23.64 0.59 -8.75
N ALA A 361 23.03 -0.51 -9.18
CA ALA A 361 22.74 -1.57 -8.21
C ALA A 361 24.03 -2.11 -7.59
N ASN A 362 25.09 -2.22 -8.40
CA ASN A 362 26.39 -2.64 -7.90
C ASN A 362 27.13 -1.54 -7.12
N GLY A 363 26.63 -0.31 -7.13
CA GLY A 363 27.25 0.73 -6.32
C GLY A 363 28.52 1.31 -6.88
N ILE A 364 28.72 1.23 -8.21
CA ILE A 364 29.94 1.70 -8.85
C ILE A 364 29.60 2.98 -9.60
N THR A 365 30.58 3.53 -10.31
CA THR A 365 30.39 4.74 -11.10
C THR A 365 30.02 4.37 -12.53
N THR A 366 29.04 5.08 -13.07
CA THR A 366 28.54 4.81 -14.41
C THR A 366 28.57 6.10 -15.22
N ALA A 367 28.76 5.97 -16.53
CA ALA A 367 28.83 7.13 -17.42
C ALA A 367 27.49 7.40 -18.09
N VAL A 368 27.11 8.67 -18.16
CA VAL A 368 26.00 9.14 -18.99
C VAL A 368 26.60 10.02 -20.07
N PHE A 369 26.64 9.50 -21.31
CA PHE A 369 27.34 10.15 -22.42
C PHE A 369 26.32 10.89 -23.27
N GLU A 370 26.38 12.22 -23.28
CA GLU A 370 25.38 13.03 -23.95
C GLU A 370 25.67 13.26 -25.43
N SER A 371 26.88 12.98 -25.87
CA SER A 371 27.36 13.39 -27.18
C SER A 371 27.29 12.23 -28.18
N THR A 372 27.98 12.39 -29.30
CA THR A 372 28.21 11.36 -30.30
C THR A 372 29.68 10.92 -30.30
N PRO A 373 29.99 9.77 -30.90
CA PRO A 373 31.41 9.34 -30.92
C PRO A 373 32.33 10.28 -31.67
N VAL A 374 31.82 11.17 -32.52
CA VAL A 374 32.66 12.01 -33.36
C VAL A 374 32.49 13.51 -33.08
N TYR A 375 31.92 13.87 -31.93
CA TYR A 375 31.78 15.28 -31.62
C TYR A 375 32.55 15.61 -30.35
N PRO A 376 33.36 16.66 -30.35
CA PRO A 376 33.64 17.55 -31.50
C PRO A 376 34.45 16.84 -32.59
N THR A 377 35.23 15.82 -32.25
CA THR A 377 36.08 15.09 -33.16
C THR A 377 35.95 13.59 -32.86
N PRO A 378 36.40 12.73 -33.78
CA PRO A 378 36.36 11.28 -33.50
C PRO A 378 37.29 10.83 -32.38
N SER A 379 38.03 11.73 -31.73
CA SER A 379 38.81 11.30 -30.57
C SER A 379 37.97 11.29 -29.29
N ARG A 380 36.67 11.61 -29.38
CA ARG A 380 35.86 11.88 -28.19
C ARG A 380 35.86 10.71 -27.21
N TYR A 381 35.58 9.49 -27.68
CA TYR A 381 35.55 8.33 -26.79
C TYR A 381 36.84 8.21 -25.99
N TRP A 382 37.99 8.38 -26.66
CA TRP A 382 39.29 8.16 -26.01
C TRP A 382 39.69 9.34 -25.15
N ASP A 383 39.33 10.57 -25.53
CA ASP A 383 39.50 11.69 -24.61
C ASP A 383 38.74 11.42 -23.32
N PHE A 384 37.52 10.92 -23.45
CA PHE A 384 36.71 10.59 -22.29
C PHE A 384 37.39 9.53 -21.43
N VAL A 385 37.90 8.45 -22.05
CA VAL A 385 38.51 7.38 -21.28
C VAL A 385 39.71 7.89 -20.51
N ASP A 386 40.57 8.65 -21.18
CA ASP A 386 41.78 9.12 -20.49
C ASP A 386 41.42 10.21 -19.48
N LYS A 387 40.39 11.01 -19.74
CA LYS A 387 39.98 12.03 -18.76
C LYS A 387 39.49 11.39 -17.46
N TRP A 388 38.59 10.43 -17.55
CA TRP A 388 37.94 9.88 -16.37
C TRP A 388 38.55 8.57 -15.90
N LYS A 389 39.53 8.03 -16.63
CA LYS A 389 40.10 6.72 -16.34
C LYS A 389 39.02 5.63 -16.27
N ALA A 390 38.18 5.58 -17.31
CA ALA A 390 37.20 4.52 -17.43
C ALA A 390 37.88 3.15 -17.42
N THR A 391 37.27 2.19 -16.72
CA THR A 391 37.83 0.85 -16.62
C THR A 391 37.16 -0.16 -17.55
N GLN A 392 35.95 0.15 -18.02
CA GLN A 392 35.27 -0.65 -19.04
C GLN A 392 34.60 0.33 -19.98
N LEU A 393 34.51 -0.06 -21.25
CA LEU A 393 33.81 0.68 -22.28
C LEU A 393 32.86 -0.29 -22.99
N TYR A 394 31.64 0.18 -23.26
CA TYR A 394 30.58 -0.68 -23.82
C TYR A 394 29.89 0.11 -24.92
N THR A 395 29.93 -0.38 -26.15
CA THR A 395 29.27 0.38 -27.23
C THR A 395 28.78 -0.62 -28.27
N ALA A 396 28.27 -0.10 -29.40
CA ALA A 396 27.64 -0.86 -30.47
C ALA A 396 28.57 -1.00 -31.68
N PRO A 397 28.41 -2.06 -32.47
CA PRO A 397 29.23 -2.21 -33.68
C PRO A 397 29.10 -1.03 -34.64
N THR A 398 27.94 -0.37 -34.69
N THR A 398 27.95 -0.37 -34.70
CA THR A 398 27.80 0.79 -35.57
CA THR A 398 27.82 0.78 -35.58
C THR A 398 28.77 1.91 -35.17
C THR A 398 28.78 1.90 -35.17
N ALA A 399 28.96 2.12 -33.86
CA ALA A 399 29.91 3.13 -33.42
C ALA A 399 31.35 2.69 -33.68
N ILE A 400 31.65 1.40 -33.48
CA ILE A 400 33.01 0.91 -33.74
C ILE A 400 33.35 1.04 -35.22
N ARG A 401 32.41 0.66 -36.10
CA ARG A 401 32.69 0.81 -37.51
C ARG A 401 32.82 2.26 -37.89
N LEU A 402 32.05 3.14 -37.24
CA LEU A 402 32.20 4.57 -37.50
C LEU A 402 33.59 5.07 -37.13
N LEU A 403 34.08 4.70 -35.95
CA LEU A 403 35.40 5.20 -35.56
C LEU A 403 36.51 4.55 -36.40
N ARG A 404 36.32 3.29 -36.78
CA ARG A 404 37.29 2.63 -37.65
C ARG A 404 37.46 3.39 -38.97
N ARG A 405 36.34 3.88 -39.51
CA ARG A 405 36.34 4.60 -40.78
C ARG A 405 37.00 5.97 -40.68
N MET A 406 37.15 6.52 -39.46
CA MET A 406 37.63 7.89 -39.30
C MET A 406 39.15 8.01 -39.21
N GLY A 407 39.86 6.91 -39.07
CA GLY A 407 41.31 7.00 -39.10
C GLY A 407 41.93 6.82 -37.72
N GLU A 408 43.14 6.28 -37.71
CA GLU A 408 43.82 5.86 -36.49
C GLU A 408 44.43 7.03 -35.71
N ASP A 409 44.57 8.20 -36.32
CA ASP A 409 45.18 9.32 -35.62
C ASP A 409 44.36 9.74 -34.41
N HIS A 410 43.04 9.51 -34.45
CA HIS A 410 42.20 9.92 -33.34
C HIS A 410 42.28 9.00 -32.13
N VAL A 411 42.94 7.83 -32.26
CA VAL A 411 42.95 6.87 -31.17
C VAL A 411 44.37 6.41 -30.79
N LYS A 412 45.31 6.43 -31.76
CA LYS A 412 46.58 5.73 -31.57
C LYS A 412 47.44 6.35 -30.50
N ASN A 413 47.32 7.65 -30.25
CA ASN A 413 48.21 8.34 -29.34
C ASN A 413 47.61 8.60 -27.97
N HIS A 414 46.51 7.96 -27.64
CA HIS A 414 45.94 8.02 -26.30
C HIS A 414 46.59 6.96 -25.41
N ASP A 415 46.35 7.07 -24.10
CA ASP A 415 46.86 6.08 -23.15
C ASP A 415 45.95 4.85 -23.08
N LEU A 416 44.72 5.04 -22.61
CA LEU A 416 43.65 4.05 -22.57
C LEU A 416 43.94 2.87 -21.64
N SER A 417 45.02 2.92 -20.84
CA SER A 417 45.41 1.76 -20.05
C SER A 417 44.53 1.53 -18.82
N SER A 418 43.62 2.45 -18.49
CA SER A 418 42.68 2.18 -17.40
C SER A 418 41.63 1.15 -17.80
N LEU A 419 41.38 0.99 -19.09
CA LEU A 419 40.42 -0.01 -19.56
C LEU A 419 40.95 -1.42 -19.34
N ARG A 420 40.07 -2.33 -18.91
CA ARG A 420 40.34 -3.76 -18.88
C ARG A 420 39.44 -4.55 -19.81
N VAL A 421 38.22 -4.07 -20.05
CA VAL A 421 37.19 -4.80 -20.80
C VAL A 421 36.54 -3.85 -21.78
N LEU A 422 36.42 -4.29 -23.02
CA LEU A 422 35.69 -3.57 -24.06
C LEU A 422 34.52 -4.43 -24.52
N GLY A 423 33.32 -3.88 -24.48
CA GLY A 423 32.12 -4.60 -24.84
C GLY A 423 31.52 -4.13 -26.15
N SER A 424 30.83 -5.05 -26.82
CA SER A 424 30.14 -4.78 -28.06
C SER A 424 28.74 -5.37 -27.95
N VAL A 425 27.71 -4.59 -28.32
CA VAL A 425 26.32 -5.03 -28.16
C VAL A 425 25.47 -4.51 -29.33
N GLY A 426 24.50 -5.33 -29.76
CA GLY A 426 23.40 -4.84 -30.57
C GLY A 426 23.25 -5.51 -31.91
N GLU A 427 24.32 -6.06 -32.45
CA GLU A 427 24.31 -6.75 -33.74
C GLU A 427 25.62 -7.53 -33.81
N PRO A 428 25.77 -8.46 -34.75
CA PRO A 428 27.07 -9.12 -34.90
C PRO A 428 28.17 -8.09 -35.14
N ILE A 429 29.33 -8.32 -34.54
CA ILE A 429 30.48 -7.47 -34.79
C ILE A 429 31.37 -8.17 -35.81
N ASN A 430 31.56 -7.53 -36.96
CA ASN A 430 32.41 -8.11 -37.99
C ASN A 430 33.81 -8.28 -37.44
N PRO A 431 34.48 -9.40 -37.74
CA PRO A 431 35.86 -9.55 -37.26
C PRO A 431 36.77 -8.38 -37.61
N GLU A 432 36.56 -7.74 -38.77
CA GLU A 432 37.36 -6.58 -39.13
C GLU A 432 37.20 -5.45 -38.11
N ALA A 433 35.96 -5.18 -37.67
CA ALA A 433 35.72 -4.18 -36.64
C ALA A 433 36.21 -4.66 -35.28
N TRP A 434 36.03 -5.95 -35.00
CA TRP A 434 36.50 -6.54 -33.74
C TRP A 434 38.00 -6.30 -33.56
N HIS A 435 38.79 -6.57 -34.59
CA HIS A 435 40.24 -6.39 -34.50
C HIS A 435 40.61 -4.92 -34.33
N TRP A 436 39.92 -4.03 -35.04
CA TRP A 436 40.16 -2.60 -34.84
C TRP A 436 39.96 -2.23 -33.38
N TYR A 437 38.84 -2.69 -32.80
CA TYR A 437 38.54 -2.49 -31.39
C TYR A 437 39.63 -3.09 -30.51
N ASN A 438 40.02 -4.33 -30.80
CA ASN A 438 41.06 -5.01 -30.03
C ASN A 438 42.39 -4.27 -30.13
N ASP A 439 42.73 -3.79 -31.34
CA ASP A 439 44.06 -3.24 -31.60
C ASP A 439 44.21 -1.81 -31.08
N PHE A 440 43.22 -0.96 -31.33
CA PHE A 440 43.39 0.46 -31.05
C PHE A 440 42.74 0.90 -29.75
N ALA A 441 41.49 0.50 -29.51
CA ALA A 441 40.88 0.82 -28.23
C ALA A 441 41.56 0.06 -27.09
N GLY A 442 41.89 -1.21 -27.31
CA GLY A 442 42.42 -2.02 -26.23
C GLY A 442 43.93 -2.17 -26.22
N LYS A 443 44.59 -1.75 -27.31
CA LYS A 443 46.04 -1.94 -27.49
C LYS A 443 46.45 -3.38 -27.20
N ASN A 444 45.56 -4.31 -27.59
CA ASN A 444 45.76 -5.75 -27.44
C ASN A 444 45.96 -6.15 -25.97
N GLN A 445 45.42 -5.36 -25.04
CA GLN A 445 45.55 -5.63 -23.62
C GLN A 445 44.22 -5.70 -22.87
N CYS A 446 43.10 -5.58 -23.56
CA CYS A 446 41.76 -5.70 -22.99
C CYS A 446 41.09 -6.96 -23.51
N ALA A 447 40.24 -7.56 -22.68
CA ALA A 447 39.32 -8.57 -23.15
C ALA A 447 38.18 -7.92 -23.91
N ILE A 448 37.76 -8.54 -25.00
CA ILE A 448 36.65 -8.05 -25.81
C ILE A 448 35.43 -8.92 -25.51
N VAL A 449 34.35 -8.32 -24.96
CA VAL A 449 33.15 -9.08 -24.63
C VAL A 449 32.06 -8.71 -25.63
N ASP A 450 31.75 -9.65 -26.50
CA ASP A 450 30.65 -9.58 -27.45
C ASP A 450 29.42 -10.12 -26.72
N THR A 451 28.47 -9.22 -26.41
CA THR A 451 27.33 -9.59 -25.58
C THR A 451 26.09 -9.72 -26.44
N TYR A 452 25.51 -10.90 -26.48
CA TYR A 452 24.27 -11.16 -27.18
C TYR A 452 23.10 -11.17 -26.19
N TRP A 453 22.04 -10.45 -26.51
CA TRP A 453 20.82 -10.45 -25.70
C TRP A 453 19.77 -9.64 -26.45
N MET A 454 18.62 -9.42 -25.81
N MET A 454 18.60 -9.44 -25.82
CA MET A 454 17.52 -8.68 -26.41
CA MET A 454 17.51 -8.69 -26.41
C MET A 454 16.81 -7.88 -25.33
C MET A 454 16.82 -7.86 -25.33
N THR A 455 16.02 -6.90 -25.77
CA THR A 455 15.13 -6.19 -24.82
C THR A 455 14.33 -7.20 -24.00
N GLU A 456 13.84 -8.26 -24.67
CA GLU A 456 13.03 -9.26 -23.99
C GLU A 456 13.81 -10.13 -23.01
N THR A 457 15.15 -10.20 -23.08
CA THR A 457 15.87 -11.01 -22.11
C THR A 457 16.26 -10.24 -20.85
N GLY A 458 16.15 -8.92 -20.86
CA GLY A 458 16.48 -8.11 -19.68
C GLY A 458 17.96 -7.86 -19.46
N SER A 459 18.78 -8.88 -19.67
CA SER A 459 20.21 -8.79 -19.39
C SER A 459 20.95 -9.72 -20.33
N ILE A 460 22.28 -9.63 -20.31
CA ILE A 460 23.12 -10.35 -21.28
C ILE A 460 22.88 -11.85 -21.18
N SER A 461 22.69 -12.50 -22.34
CA SER A 461 22.32 -13.91 -22.46
C SER A 461 23.50 -14.80 -22.83
N ILE A 462 24.32 -14.37 -23.80
CA ILE A 462 25.50 -15.11 -24.25
C ILE A 462 26.64 -14.10 -24.36
N ALA A 463 27.75 -14.36 -23.69
CA ALA A 463 28.90 -13.47 -23.69
C ALA A 463 30.11 -14.17 -23.09
N PRO A 464 31.33 -13.82 -23.50
CA PRO A 464 32.49 -14.38 -22.82
C PRO A 464 32.64 -13.72 -21.44
N LEU A 465 32.93 -14.54 -20.44
CA LEU A 465 33.36 -13.99 -19.17
C LEU A 465 34.83 -13.61 -19.31
N PRO A 466 35.20 -12.33 -19.11
CA PRO A 466 36.50 -11.84 -19.62
C PRO A 466 37.73 -12.43 -18.96
N GLY A 467 37.65 -12.86 -17.70
CA GLY A 467 38.82 -13.49 -17.12
C GLY A 467 38.92 -14.97 -17.38
N ALA A 468 38.00 -15.53 -18.14
CA ALA A 468 37.88 -16.97 -18.32
C ALA A 468 37.89 -17.42 -19.77
N ILE A 469 37.22 -16.71 -20.66
CA ILE A 469 36.96 -17.23 -22.00
C ILE A 469 38.02 -16.69 -22.96
N SER A 470 38.61 -17.59 -23.75
CA SER A 470 39.43 -17.15 -24.87
C SER A 470 38.49 -16.80 -26.02
N THR A 471 38.61 -15.58 -26.55
CA THR A 471 37.61 -15.08 -27.49
C THR A 471 37.98 -15.41 -28.93
N LYS A 472 36.94 -15.50 -29.77
CA LYS A 472 37.08 -15.55 -31.20
C LYS A 472 36.36 -14.35 -31.78
N PRO A 473 36.96 -13.66 -32.75
CA PRO A 473 36.33 -12.44 -33.28
C PRO A 473 34.99 -12.74 -33.91
N GLY A 474 33.94 -12.14 -33.35
CA GLY A 474 32.60 -12.31 -33.85
C GLY A 474 31.76 -13.37 -33.17
N SER A 475 32.26 -14.01 -32.12
CA SER A 475 31.53 -15.06 -31.40
C SER A 475 31.08 -14.55 -30.03
N ALA A 476 29.80 -14.76 -29.70
CA ALA A 476 29.32 -14.44 -28.35
C ALA A 476 29.84 -15.44 -27.31
N THR A 477 30.29 -16.62 -27.76
CA THR A 477 30.89 -17.72 -26.99
C THR A 477 29.84 -18.52 -26.21
N PHE A 478 29.63 -18.26 -24.92
CA PHE A 478 28.89 -19.21 -24.10
C PHE A 478 27.79 -18.55 -23.29
N PRO A 479 26.70 -19.29 -22.98
CA PRO A 479 25.55 -18.67 -22.31
C PRO A 479 25.86 -18.22 -20.89
N PHE A 480 25.20 -17.15 -20.47
CA PHE A 480 25.41 -16.62 -19.13
C PHE A 480 24.74 -17.53 -18.10
N PHE A 481 25.05 -17.26 -16.83
CA PHE A 481 24.43 -17.96 -15.72
C PHE A 481 22.92 -17.89 -15.84
N GLY A 482 22.26 -19.03 -15.61
CA GLY A 482 20.82 -19.14 -15.70
C GLY A 482 20.27 -19.36 -17.10
N MET A 483 21.10 -19.27 -18.12
CA MET A 483 20.67 -19.42 -19.51
C MET A 483 21.06 -20.80 -20.00
N ASP A 484 20.06 -21.63 -20.30
CA ASP A 484 20.23 -22.98 -20.84
C ASP A 484 19.70 -22.90 -22.27
N VAL A 485 20.60 -22.76 -23.23
CA VAL A 485 20.22 -22.50 -24.62
C VAL A 485 20.52 -23.74 -25.45
N ASP A 486 19.75 -23.90 -26.52
CA ASP A 486 19.88 -24.99 -27.48
C ASP A 486 19.81 -24.41 -28.87
N ILE A 487 20.21 -25.23 -29.84
CA ILE A 487 20.02 -24.96 -31.26
C ILE A 487 19.01 -25.99 -31.76
N ILE A 488 17.99 -25.50 -32.43
CA ILE A 488 16.87 -26.29 -32.92
C ILE A 488 16.79 -26.20 -34.44
N ASP A 489 16.48 -27.33 -35.09
CA ASP A 489 16.14 -27.30 -36.50
C ASP A 489 14.84 -26.52 -36.65
N PRO A 490 14.82 -25.43 -37.42
CA PRO A 490 13.63 -24.55 -37.42
C PRO A 490 12.36 -25.18 -37.95
N GLN A 491 12.47 -26.19 -38.80
CA GLN A 491 11.31 -26.86 -39.39
C GLN A 491 10.76 -27.97 -38.50
N THR A 492 11.66 -28.76 -37.90
CA THR A 492 11.29 -29.93 -37.11
C THR A 492 11.11 -29.62 -35.63
N GLY A 493 11.74 -28.57 -35.14
CA GLY A 493 11.67 -28.29 -33.72
C GLY A 493 12.54 -29.16 -32.87
N GLN A 494 13.43 -29.96 -33.46
CA GLN A 494 14.23 -30.90 -32.70
C GLN A 494 15.59 -30.28 -32.36
N VAL A 495 16.11 -30.67 -31.21
CA VAL A 495 17.39 -30.17 -30.74
C VAL A 495 18.50 -30.77 -31.59
N LEU A 496 19.43 -29.93 -32.03
CA LEU A 496 20.63 -30.39 -32.72
C LEU A 496 21.69 -30.64 -31.66
N GLU A 497 22.00 -31.92 -31.44
CA GLU A 497 22.99 -32.28 -30.42
C GLU A 497 24.41 -32.20 -30.98
N GLY A 498 25.36 -32.01 -30.07
CA GLY A 498 26.75 -31.96 -30.46
C GLY A 498 27.14 -30.61 -31.01
N ASN A 499 28.32 -30.56 -31.60
CA ASN A 499 28.88 -29.32 -32.10
C ASN A 499 28.86 -29.32 -33.62
N ASP A 500 29.26 -28.19 -34.20
CA ASP A 500 29.22 -27.98 -35.65
C ASP A 500 27.80 -28.10 -36.20
N VAL A 501 26.85 -27.45 -35.50
CA VAL A 501 25.44 -27.44 -35.91
C VAL A 501 24.99 -25.98 -36.03
N GLU A 502 23.99 -25.75 -36.87
CA GLU A 502 23.42 -24.42 -37.07
C GLU A 502 21.92 -24.53 -37.23
N GLY A 503 21.21 -23.52 -36.74
CA GLY A 503 19.76 -23.53 -36.73
C GLY A 503 19.20 -22.28 -36.06
N VAL A 504 18.22 -22.41 -35.18
CA VAL A 504 17.66 -21.25 -34.49
C VAL A 504 17.89 -21.38 -32.99
N LEU A 505 18.13 -20.25 -32.33
CA LEU A 505 18.43 -20.22 -30.91
C LEU A 505 17.14 -20.27 -30.08
N VAL A 506 17.14 -21.14 -29.06
CA VAL A 506 16.05 -21.23 -28.09
C VAL A 506 16.64 -21.37 -26.70
N ALA A 507 15.84 -21.00 -25.70
CA ALA A 507 16.17 -21.24 -24.30
C ALA A 507 15.22 -22.28 -23.75
N ARG A 508 15.73 -23.16 -22.88
CA ARG A 508 14.96 -24.27 -22.35
C ARG A 508 14.12 -23.93 -21.12
N ARG A 509 14.54 -22.93 -20.34
CA ARG A 509 13.94 -22.63 -19.04
C ARG A 509 13.91 -21.12 -18.82
N PRO A 510 12.95 -20.62 -18.04
CA PRO A 510 12.96 -19.19 -17.70
C PRO A 510 14.21 -18.82 -16.91
N TRP A 511 14.59 -17.55 -17.01
CA TRP A 511 15.69 -16.98 -16.25
C TRP A 511 15.16 -15.75 -15.52
N PRO A 512 15.85 -15.29 -14.47
CA PRO A 512 15.25 -14.24 -13.62
C PRO A 512 14.81 -12.97 -14.35
N SER A 513 15.56 -12.50 -15.34
CA SER A 513 15.26 -11.20 -15.93
C SER A 513 14.46 -11.27 -17.23
N ILE A 514 13.85 -12.42 -17.55
CA ILE A 514 13.07 -12.52 -18.77
C ILE A 514 11.90 -11.53 -18.72
N ALA A 515 11.60 -10.91 -19.85
CA ALA A 515 10.42 -10.04 -19.87
C ALA A 515 9.19 -10.86 -19.51
N ARG A 516 8.28 -10.26 -18.74
CA ARG A 516 7.12 -10.97 -18.22
C ARG A 516 5.91 -10.84 -19.12
N THR A 517 5.83 -9.81 -19.94
CA THR A 517 4.71 -9.66 -20.85
C THR A 517 5.05 -8.57 -21.87
N VAL A 518 4.12 -8.38 -22.79
CA VAL A 518 4.05 -7.20 -23.64
C VAL A 518 2.83 -6.41 -23.16
N TYR A 519 3.02 -5.12 -22.86
CA TYR A 519 2.03 -4.36 -22.08
C TYR A 519 0.65 -4.39 -22.72
N ARG A 520 -0.33 -4.91 -21.95
N ARG A 520 -0.34 -4.89 -21.96
CA ARG A 520 -1.72 -5.10 -22.39
CA ARG A 520 -1.73 -5.07 -22.41
C ARG A 520 -1.83 -5.91 -23.68
C ARG A 520 -1.84 -5.93 -23.67
N ASP A 521 -0.81 -6.68 -24.02
CA ASP A 521 -0.83 -7.53 -25.22
C ASP A 521 -0.17 -8.87 -24.96
N HIS A 522 -0.56 -9.55 -23.88
CA HIS A 522 0.07 -10.81 -23.55
C HIS A 522 -0.04 -11.84 -24.67
N LYS A 523 -1.09 -11.78 -25.47
CA LYS A 523 -1.24 -12.70 -26.59
C LYS A 523 -0.09 -12.55 -27.58
N ARG A 524 0.32 -11.30 -27.83
CA ARG A 524 1.45 -11.06 -28.70
C ARG A 524 2.74 -11.61 -28.10
N TYR A 525 2.90 -11.45 -26.79
CA TYR A 525 4.06 -12.02 -26.09
C TYR A 525 4.12 -13.53 -26.28
N LEU A 526 3.01 -14.23 -26.01
CA LEU A 526 3.01 -15.69 -26.17
C LEU A 526 3.20 -16.09 -27.62
N GLU A 527 2.50 -15.42 -28.54
CA GLU A 527 2.59 -15.82 -29.94
C GLU A 527 3.99 -15.60 -30.50
N THR A 528 4.67 -14.55 -30.05
CA THR A 528 5.97 -14.20 -30.60
C THR A 528 7.09 -15.11 -30.08
N TYR A 529 7.09 -15.39 -28.78
CA TYR A 529 8.21 -16.03 -28.11
C TYR A 529 7.95 -17.47 -27.66
N MET A 530 6.71 -17.83 -27.37
CA MET A 530 6.42 -19.08 -26.68
C MET A 530 5.70 -20.11 -27.52
N LYS A 531 4.92 -19.68 -28.51
CA LYS A 531 4.15 -20.55 -29.40
C LYS A 531 4.94 -21.16 -30.56
N PRO A 532 5.91 -20.47 -31.18
CA PRO A 532 6.59 -21.08 -32.35
C PRO A 532 7.23 -22.43 -32.07
N TYR A 533 7.87 -22.58 -30.91
CA TYR A 533 8.52 -23.84 -30.51
C TYR A 533 8.05 -24.14 -29.10
N PRO A 534 6.92 -24.82 -28.96
CA PRO A 534 6.33 -25.01 -27.63
C PRO A 534 7.30 -25.67 -26.68
N GLY A 535 7.37 -25.16 -25.45
CA GLY A 535 8.35 -25.58 -24.47
C GLY A 535 9.61 -24.75 -24.43
N TYR A 536 9.82 -23.86 -25.40
CA TYR A 536 11.01 -23.02 -25.48
C TYR A 536 10.65 -21.55 -25.55
N PHE A 537 11.66 -20.73 -25.25
CA PHE A 537 11.65 -19.32 -25.62
C PHE A 537 12.38 -19.17 -26.95
N PHE A 538 11.73 -18.53 -27.91
CA PHE A 538 12.28 -18.35 -29.26
C PHE A 538 12.82 -16.93 -29.40
N PHE A 539 14.15 -16.82 -29.52
CA PHE A 539 14.80 -15.50 -29.59
C PHE A 539 14.48 -14.79 -30.90
N GLY A 540 14.40 -15.54 -31.99
CA GLY A 540 14.25 -14.95 -33.30
C GLY A 540 15.54 -14.76 -34.07
N ASP A 541 16.66 -15.27 -33.55
CA ASP A 541 17.97 -15.16 -34.18
C ASP A 541 18.46 -16.54 -34.63
N GLY A 542 19.15 -16.57 -35.76
CA GLY A 542 19.88 -17.77 -36.16
C GLY A 542 21.13 -17.95 -35.32
N ALA A 543 21.56 -19.19 -35.19
CA ALA A 543 22.72 -19.46 -34.33
C ALA A 543 23.42 -20.72 -34.81
N ALA A 544 24.72 -20.77 -34.54
CA ALA A 544 25.54 -21.93 -34.86
C ALA A 544 26.46 -22.19 -33.68
N ARG A 545 26.73 -23.46 -33.42
CA ARG A 545 27.72 -23.88 -32.43
C ARG A 545 28.86 -24.57 -33.16
N ASP A 546 30.06 -24.00 -33.12
CA ASP A 546 31.14 -24.55 -33.92
C ASP A 546 31.75 -25.79 -33.26
N TYR A 547 32.81 -26.33 -33.87
CA TYR A 547 33.38 -27.59 -33.38
C TYR A 547 33.93 -27.45 -31.97
N ASP A 548 34.31 -26.24 -31.57
CA ASP A 548 34.77 -25.98 -30.20
C ASP A 548 33.64 -25.70 -29.21
N GLY A 549 32.38 -25.70 -29.67
CA GLY A 549 31.27 -25.39 -28.81
C GLY A 549 30.95 -23.92 -28.70
N TYR A 550 31.69 -23.05 -29.38
CA TYR A 550 31.43 -21.61 -29.32
C TYR A 550 30.17 -21.28 -30.11
N MET A 551 29.31 -20.45 -29.53
CA MET A 551 28.11 -20.03 -30.20
CA MET A 551 28.11 -20.04 -30.21
C MET A 551 28.38 -18.84 -31.11
N TRP A 552 27.76 -18.87 -32.29
CA TRP A 552 27.84 -17.77 -33.24
C TRP A 552 26.40 -17.33 -33.53
N ILE A 553 26.09 -16.08 -33.24
CA ILE A 553 24.80 -15.47 -33.54
C ILE A 553 25.01 -14.63 -34.79
N LYS A 554 24.48 -15.10 -35.91
CA LYS A 554 24.84 -14.54 -37.20
C LYS A 554 23.73 -13.73 -37.84
N GLY A 555 22.66 -13.40 -37.10
CA GLY A 555 21.65 -12.52 -37.63
C GLY A 555 20.24 -13.00 -37.34
N ARG A 556 19.26 -12.17 -37.69
N ARG A 556 19.26 -12.17 -37.68
CA ARG A 556 17.86 -12.49 -37.49
CA ARG A 556 17.87 -12.52 -37.43
C ARG A 556 17.44 -13.65 -38.39
C ARG A 556 17.41 -13.61 -38.39
N VAL A 557 16.49 -14.45 -37.89
CA VAL A 557 15.96 -15.56 -38.70
C VAL A 557 15.28 -15.02 -39.94
N ASP A 558 14.55 -13.92 -39.81
CA ASP A 558 13.90 -13.26 -40.94
C ASP A 558 14.89 -12.76 -41.98
N ASP A 559 16.15 -12.55 -41.61
CA ASP A 559 17.15 -12.02 -42.53
C ASP A 559 17.94 -13.10 -43.25
N VAL A 560 17.68 -14.37 -42.96
CA VAL A 560 18.41 -15.45 -43.61
C VAL A 560 18.02 -15.49 -45.08
N ILE A 561 19.02 -15.70 -45.94
CA ILE A 561 18.83 -15.80 -47.38
C ILE A 561 19.10 -17.24 -47.79
N ASN A 562 18.19 -17.81 -48.59
CA ASN A 562 18.27 -19.19 -49.04
C ASN A 562 18.56 -19.24 -50.54
N VAL A 563 19.82 -19.45 -50.88
CA VAL A 563 20.26 -19.52 -52.26
C VAL A 563 20.50 -21.00 -52.57
N SER A 564 19.60 -21.59 -53.37
CA SER A 564 19.73 -22.98 -53.83
C SER A 564 19.93 -23.97 -52.68
N GLY A 565 19.15 -23.80 -51.61
CA GLY A 565 19.24 -24.69 -50.47
C GLY A 565 20.36 -24.41 -49.51
N HIS A 566 21.15 -23.38 -49.76
CA HIS A 566 22.23 -22.95 -48.87
C HIS A 566 21.70 -21.81 -48.01
N ARG A 567 21.76 -21.98 -46.69
CA ARG A 567 21.28 -20.96 -45.77
C ARG A 567 22.41 -19.97 -45.54
N LEU A 568 22.17 -18.72 -45.88
CA LEU A 568 23.16 -17.66 -45.77
C LEU A 568 22.72 -16.67 -44.71
N SER A 569 23.60 -16.39 -43.74
CA SER A 569 23.31 -15.41 -42.71
C SER A 569 23.87 -14.04 -43.10
N THR A 570 23.24 -12.99 -42.58
CA THR A 570 23.67 -11.65 -42.96
C THR A 570 25.07 -11.36 -42.46
N ALA A 571 25.41 -11.84 -41.27
CA ALA A 571 26.71 -11.55 -40.67
C ALA A 571 27.86 -12.10 -41.52
N GLU A 572 27.70 -13.30 -42.09
CA GLU A 572 28.82 -13.88 -42.82
C GLU A 572 29.12 -13.13 -44.10
N VAL A 573 28.10 -12.73 -44.87
CA VAL A 573 28.34 -11.98 -46.10
C VAL A 573 28.86 -10.58 -45.79
N GLU A 574 28.24 -9.88 -44.82
CA GLU A 574 28.68 -8.52 -44.50
C GLU A 574 30.11 -8.52 -43.97
N SER A 575 30.49 -9.55 -43.19
CA SER A 575 31.86 -9.67 -42.72
C SER A 575 32.83 -9.95 -43.86
N ALA A 576 32.41 -10.68 -44.88
CA ALA A 576 33.30 -10.88 -46.03
C ALA A 576 33.47 -9.60 -46.82
N LEU A 577 32.40 -8.81 -46.97
CA LEU A 577 32.48 -7.59 -47.77
C LEU A 577 33.43 -6.57 -47.16
N ILE A 578 33.39 -6.41 -45.84
CA ILE A 578 34.22 -5.42 -45.15
C ILE A 578 35.70 -5.78 -45.15
N LEU A 579 36.04 -7.01 -45.58
CA LEU A 579 37.45 -7.39 -45.76
C LEU A 579 38.09 -6.67 -46.92
N HIS A 580 37.30 -6.14 -47.85
CA HIS A 580 37.84 -5.37 -48.96
C HIS A 580 38.20 -3.96 -48.50
N LYS A 581 39.35 -3.48 -48.98
CA LYS A 581 39.86 -2.18 -48.57
C LYS A 581 38.87 -1.09 -48.96
N GLY A 582 38.73 -0.09 -48.07
CA GLY A 582 37.84 1.02 -48.34
C GLY A 582 36.38 0.80 -47.98
N VAL A 583 36.00 -0.40 -47.58
CA VAL A 583 34.61 -0.66 -47.21
C VAL A 583 34.37 -0.22 -45.77
N ALA A 584 33.35 0.61 -45.56
CA ALA A 584 33.03 1.09 -44.23
C ALA A 584 31.95 0.23 -43.55
N GLU A 585 30.87 -0.08 -44.27
CA GLU A 585 29.71 -0.75 -43.69
C GLU A 585 28.86 -1.32 -44.82
N THR A 586 28.27 -2.50 -44.58
CA THR A 586 27.44 -3.14 -45.60
C THR A 586 26.20 -3.75 -44.96
N ALA A 587 25.20 -4.00 -45.81
CA ALA A 587 24.01 -4.75 -45.46
C ALA A 587 23.58 -5.60 -46.65
N VAL A 588 23.26 -6.86 -46.38
CA VAL A 588 22.83 -7.79 -47.42
C VAL A 588 21.41 -8.27 -47.13
N VAL A 589 20.60 -8.38 -48.18
CA VAL A 589 19.22 -8.83 -48.09
C VAL A 589 18.96 -9.82 -49.21
N GLY A 590 17.94 -10.66 -49.03
CA GLY A 590 17.52 -11.59 -50.05
C GLY A 590 16.36 -11.06 -50.88
N CYS A 591 16.17 -11.68 -52.04
CA CYS A 591 15.03 -11.37 -52.90
C CYS A 591 14.76 -12.58 -53.78
N ALA A 592 13.50 -12.70 -54.20
CA ALA A 592 13.07 -13.87 -54.95
C ALA A 592 13.85 -14.01 -56.26
N ASP A 593 14.36 -15.21 -56.50
CA ASP A 593 15.06 -15.55 -57.73
C ASP A 593 14.49 -16.86 -58.27
N ASP A 594 14.29 -16.91 -59.58
CA ASP A 594 13.66 -18.07 -60.19
C ASP A 594 14.56 -19.30 -60.15
N LEU A 595 15.87 -19.12 -60.31
CA LEU A 595 16.78 -20.25 -60.41
C LEU A 595 17.26 -20.73 -59.04
N THR A 596 17.55 -19.82 -58.12
CA THR A 596 18.14 -20.17 -56.83
C THR A 596 17.18 -20.00 -55.66
N GLY A 597 15.92 -19.65 -55.93
CA GLY A 597 14.97 -19.39 -54.86
C GLY A 597 15.11 -17.99 -54.30
N GLN A 598 16.29 -17.66 -53.80
CA GLN A 598 16.60 -16.30 -53.37
C GLN A 598 17.97 -15.90 -53.87
N ALA A 599 18.16 -14.59 -54.09
CA ALA A 599 19.44 -14.05 -54.51
C ALA A 599 19.89 -12.97 -53.54
N VAL A 600 21.21 -12.81 -53.43
CA VAL A 600 21.82 -11.88 -52.48
C VAL A 600 21.95 -10.51 -53.14
N TYR A 601 21.47 -9.48 -52.45
CA TYR A 601 21.67 -8.10 -52.87
C TYR A 601 22.42 -7.37 -51.76
N ALA A 602 23.49 -6.69 -52.12
CA ALA A 602 24.34 -6.01 -51.16
C ALA A 602 24.21 -4.51 -51.32
N PHE A 603 24.06 -3.82 -50.20
CA PHE A 603 24.19 -2.37 -50.13
C PHE A 603 25.49 -2.08 -49.41
N VAL A 604 26.37 -1.32 -50.04
CA VAL A 604 27.74 -1.12 -49.58
C VAL A 604 28.00 0.36 -49.38
N THR A 605 28.50 0.71 -48.20
CA THR A 605 28.97 2.06 -47.90
C THR A 605 30.50 2.05 -47.90
N MET A 606 31.10 2.74 -48.85
CA MET A 606 32.54 2.93 -48.83
C MET A 606 32.88 4.16 -48.01
N LYS A 607 34.10 4.18 -47.49
CA LYS A 607 34.59 5.38 -46.83
C LYS A 607 34.57 6.55 -47.82
N PRO A 608 34.13 7.74 -47.39
CA PRO A 608 34.08 8.87 -48.33
C PRO A 608 35.43 9.23 -48.91
N GLU A 609 36.53 8.89 -48.23
CA GLU A 609 37.87 9.15 -48.76
C GLU A 609 38.26 8.18 -49.86
N PHE A 610 37.45 7.16 -50.11
CA PHE A 610 37.74 6.21 -51.19
C PHE A 610 37.49 6.85 -52.55
N ASP A 611 38.46 6.70 -53.45
CA ASP A 611 38.38 7.28 -54.79
C ASP A 611 37.52 6.39 -55.68
N LEU A 612 36.26 6.79 -55.88
CA LEU A 612 35.33 6.03 -56.73
C LEU A 612 35.52 6.31 -58.21
N LYS A 613 36.36 7.28 -58.58
CA LYS A 613 36.69 7.50 -59.98
C LYS A 613 37.90 6.70 -60.40
N ALA A 614 38.88 6.58 -59.51
CA ALA A 614 40.07 5.77 -59.78
C ALA A 614 39.72 4.28 -59.89
N THR A 615 38.77 3.82 -59.10
CA THR A 615 38.30 2.44 -59.11
C THR A 615 36.95 2.38 -59.80
N LYS A 616 36.86 1.57 -60.85
CA LYS A 616 35.60 1.42 -61.56
C LYS A 616 34.57 0.73 -60.66
N GLU A 617 33.33 1.22 -60.70
CA GLU A 617 32.27 0.60 -59.90
C GLU A 617 32.00 -0.84 -60.33
N ALA A 618 32.01 -1.09 -61.64
CA ALA A 618 31.85 -2.46 -62.13
C ALA A 618 33.00 -3.36 -61.69
N ASP A 619 34.22 -2.80 -61.62
CA ASP A 619 35.35 -3.58 -61.13
C ASP A 619 35.26 -3.80 -59.62
N LEU A 620 34.83 -2.77 -58.87
CA LEU A 620 34.71 -2.92 -57.42
C LEU A 620 33.67 -3.97 -57.06
N SER A 621 32.51 -3.95 -57.72
CA SER A 621 31.50 -4.97 -57.46
C SER A 621 32.03 -6.35 -57.83
N LYS A 622 32.77 -6.44 -58.93
CA LYS A 622 33.36 -7.73 -59.32
C LYS A 622 34.36 -8.19 -58.27
N GLU A 623 35.19 -7.29 -57.76
CA GLU A 623 36.14 -7.65 -56.71
C GLU A 623 35.42 -8.07 -55.43
N LEU A 624 34.32 -7.39 -55.11
CA LEU A 624 33.54 -7.76 -53.92
C LEU A 624 32.95 -9.16 -54.07
N ALA A 625 32.41 -9.48 -55.24
CA ALA A 625 31.81 -10.80 -55.42
C ALA A 625 32.85 -11.91 -55.28
N ILE A 626 34.03 -11.72 -55.86
CA ILE A 626 35.08 -12.72 -55.74
C ILE A 626 35.53 -12.85 -54.29
N GLN A 627 35.67 -11.73 -53.60
CA GLN A 627 36.02 -11.76 -52.18
C GLN A 627 35.01 -12.58 -51.40
N VAL A 628 33.72 -12.41 -51.69
CA VAL A 628 32.68 -13.23 -51.06
C VAL A 628 32.81 -14.69 -51.49
N ARG A 629 33.04 -14.93 -52.79
CA ARG A 629 33.16 -16.29 -53.29
C ARG A 629 34.35 -17.01 -52.67
N LYS A 630 35.49 -16.33 -52.53
CA LYS A 630 36.67 -16.97 -51.97
C LYS A 630 36.47 -17.36 -50.51
N VAL A 631 35.73 -16.55 -49.75
CA VAL A 631 35.66 -16.74 -48.31
C VAL A 631 34.47 -17.63 -47.89
N ILE A 632 33.34 -17.55 -48.58
CA ILE A 632 32.13 -18.26 -48.19
C ILE A 632 31.81 -19.40 -49.16
N GLY A 633 31.81 -19.12 -50.46
CA GLY A 633 31.49 -20.12 -51.46
C GLY A 633 30.86 -19.50 -52.70
N PRO A 634 30.76 -20.29 -53.76
CA PRO A 634 30.26 -19.74 -55.04
C PRO A 634 28.87 -19.14 -54.94
N PHE A 635 28.00 -19.76 -54.16
CA PHE A 635 26.59 -19.37 -54.03
C PHE A 635 26.38 -18.04 -53.31
N ALA A 636 27.35 -17.54 -52.55
CA ALA A 636 27.13 -16.37 -51.72
C ALA A 636 27.37 -15.04 -52.42
N ALA A 637 27.89 -15.04 -53.64
CA ALA A 637 28.22 -13.79 -54.32
C ALA A 637 26.97 -12.97 -54.60
N PRO A 638 26.96 -11.68 -54.27
CA PRO A 638 25.78 -10.85 -54.54
C PRO A 638 25.46 -10.80 -56.03
N LYS A 639 24.19 -11.03 -56.38
CA LYS A 639 23.74 -10.86 -57.75
C LYS A 639 23.76 -9.40 -58.18
N LYS A 640 23.57 -8.48 -57.24
CA LYS A 640 23.66 -7.06 -57.53
C LYS A 640 24.20 -6.35 -56.29
N ILE A 641 24.96 -5.29 -56.52
CA ILE A 641 25.54 -4.50 -55.44
C ILE A 641 25.18 -3.04 -55.65
N TYR A 642 24.69 -2.39 -54.59
CA TYR A 642 24.33 -0.98 -54.63
C TYR A 642 25.26 -0.19 -53.71
N LEU A 643 25.89 0.85 -54.23
CA LEU A 643 26.74 1.74 -53.45
C LEU A 643 25.90 2.87 -52.88
N VAL A 644 25.88 3.00 -51.56
CA VAL A 644 25.08 4.01 -50.88
C VAL A 644 25.95 4.78 -49.90
N SER A 645 25.54 6.02 -49.63
CA SER A 645 26.28 6.87 -48.69
C SER A 645 26.04 6.47 -47.24
N ASP A 646 24.96 5.77 -46.96
CA ASP A 646 24.64 5.33 -45.61
C ASP A 646 23.62 4.21 -45.70
N LEU A 647 23.34 3.58 -44.57
CA LEU A 647 22.37 2.50 -44.48
C LEU A 647 21.20 2.90 -43.58
N PRO A 648 20.01 2.36 -43.82
CA PRO A 648 18.89 2.62 -42.88
C PRO A 648 19.17 1.95 -41.54
N LYS A 649 19.31 2.77 -40.51
CA LYS A 649 19.68 2.28 -39.19
C LYS A 649 18.78 2.89 -38.13
N THR A 650 18.54 2.13 -37.06
CA THR A 650 17.88 2.69 -35.90
C THR A 650 18.85 3.56 -35.12
N ARG A 651 18.32 4.23 -34.10
CA ARG A 651 19.13 5.10 -33.26
C ARG A 651 20.22 4.32 -32.54
N SER A 652 19.91 3.10 -32.08
CA SER A 652 20.87 2.25 -31.40
C SER A 652 21.92 1.65 -32.35
N GLY A 653 21.69 1.71 -33.66
CA GLY A 653 22.64 1.21 -34.63
C GLY A 653 22.25 -0.05 -35.37
N LYS A 654 21.05 -0.59 -35.15
CA LYS A 654 20.63 -1.77 -35.89
C LYS A 654 20.38 -1.40 -37.34
N ILE A 655 20.92 -2.19 -38.27
CA ILE A 655 20.65 -1.96 -39.68
C ILE A 655 19.29 -2.55 -40.03
N MET A 656 18.43 -1.74 -40.64
CA MET A 656 17.06 -2.13 -40.92
C MET A 656 17.00 -2.87 -42.26
N ARG A 657 17.41 -4.14 -42.20
CA ARG A 657 17.41 -4.98 -43.39
C ARG A 657 16.00 -5.26 -43.89
N ARG A 658 15.01 -5.24 -42.99
CA ARG A 658 13.64 -5.40 -43.45
C ARG A 658 13.26 -4.29 -44.42
N VAL A 659 13.69 -3.05 -44.13
CA VAL A 659 13.40 -1.94 -45.02
C VAL A 659 14.04 -2.15 -46.38
N LEU A 660 15.31 -2.55 -46.40
CA LEU A 660 16.00 -2.80 -47.66
C LEU A 660 15.36 -3.95 -48.42
N ARG A 661 15.01 -5.03 -47.71
CA ARG A 661 14.40 -6.19 -48.35
C ARG A 661 13.07 -5.85 -49.00
N LYS A 662 12.23 -5.07 -48.31
CA LYS A 662 10.94 -4.71 -48.88
C LYS A 662 11.09 -3.77 -50.08
N ILE A 663 12.10 -2.89 -50.06
CA ILE A 663 12.35 -2.01 -51.20
C ILE A 663 12.81 -2.82 -52.41
N VAL A 664 13.72 -3.78 -52.22
CA VAL A 664 14.19 -4.61 -53.33
C VAL A 664 13.04 -5.43 -53.91
N ALA A 665 12.18 -5.97 -53.04
CA ALA A 665 11.00 -6.70 -53.48
C ALA A 665 9.92 -5.80 -54.08
N GLY A 666 10.18 -4.51 -54.24
CA GLY A 666 9.19 -3.60 -54.78
C GLY A 666 7.99 -3.37 -53.89
N GLU A 667 8.19 -3.36 -52.57
CA GLU A 667 7.13 -3.18 -51.59
C GLU A 667 7.36 -1.93 -50.77
N GLY A 668 7.82 -0.86 -51.41
CA GLY A 668 8.07 0.42 -50.78
C GLY A 668 6.81 1.13 -50.30
N ASP A 669 5.66 0.47 -50.42
CA ASP A 669 4.40 1.00 -49.93
C ASP A 669 4.02 0.48 -48.56
N GLN A 670 4.44 -0.75 -48.24
CA GLN A 670 4.14 -1.41 -46.97
C GLN A 670 5.30 -1.32 -45.97
N LEU A 671 6.05 -0.22 -45.95
CA LEU A 671 7.21 -0.14 -45.05
C LEU A 671 6.79 0.10 -43.60
N GLY A 672 5.94 1.10 -43.36
CA GLY A 672 5.52 1.38 -42.01
C GLY A 672 6.16 2.61 -41.41
N ASP A 673 6.27 2.65 -40.08
CA ASP A 673 6.81 3.83 -39.38
C ASP A 673 8.33 3.85 -39.49
N LEU A 674 8.85 4.76 -40.31
CA LEU A 674 10.29 4.96 -40.48
C LEU A 674 10.70 6.40 -40.22
N SER A 675 9.90 7.16 -39.46
CA SER A 675 10.16 8.57 -39.25
C SER A 675 11.17 8.84 -38.13
N SER A 676 11.47 7.82 -37.30
CA SER A 676 12.33 7.99 -36.13
C SER A 676 13.62 7.18 -36.22
N ILE A 677 13.97 6.73 -37.42
CA ILE A 677 15.22 6.03 -37.65
C ILE A 677 16.34 7.06 -37.66
N ALA A 678 17.60 6.60 -37.58
CA ALA A 678 18.73 7.50 -37.47
C ALA A 678 18.76 8.53 -38.60
N ASP A 679 18.63 8.07 -39.84
CA ASP A 679 18.66 8.94 -41.02
C ASP A 679 17.47 8.64 -41.92
N PRO A 680 16.33 9.32 -41.72
CA PRO A 680 15.14 9.03 -42.52
C PRO A 680 15.32 9.25 -44.02
N GLN A 681 16.23 10.15 -44.41
CA GLN A 681 16.41 10.49 -45.83
C GLN A 681 17.02 9.34 -46.62
N ILE A 682 17.81 8.47 -45.99
CA ILE A 682 18.49 7.40 -46.72
C ILE A 682 17.50 6.47 -47.40
N VAL A 683 16.26 6.38 -46.90
CA VAL A 683 15.25 5.58 -47.58
C VAL A 683 14.97 6.15 -48.98
N GLU A 684 14.97 7.49 -49.10
CA GLU A 684 14.79 8.10 -50.40
C GLU A 684 15.95 7.78 -51.34
N GLU A 685 17.18 7.85 -50.83
CA GLU A 685 18.34 7.53 -51.67
C GLU A 685 18.35 6.06 -52.06
N VAL A 686 17.95 5.17 -51.15
CA VAL A 686 17.93 3.75 -51.47
C VAL A 686 16.80 3.41 -52.44
N LYS A 687 15.63 4.03 -52.25
CA LYS A 687 14.51 3.80 -53.17
C LYS A 687 14.88 4.25 -54.58
N GLN A 688 15.56 5.39 -54.70
CA GLN A 688 16.01 5.86 -56.01
C GLN A 688 17.03 4.90 -56.61
N LYS A 689 18.05 4.52 -55.82
CA LYS A 689 19.17 3.75 -56.35
C LYS A 689 18.74 2.35 -56.81
N VAL A 690 17.64 1.81 -56.24
CA VAL A 690 17.21 0.49 -56.66
C VAL A 690 16.67 0.53 -58.09
N THR A 691 15.93 1.58 -58.43
CA THR A 691 15.41 1.74 -59.79
C THR A 691 16.39 2.52 -60.68
N VAL B 24 32.16 40.96 37.13
CA VAL B 24 31.76 41.64 35.90
C VAL B 24 31.52 40.61 34.80
N HIS B 25 30.26 40.18 34.69
CA HIS B 25 29.86 39.19 33.70
C HIS B 25 29.16 39.88 32.54
N HIS B 26 29.55 39.52 31.31
CA HIS B 26 28.90 40.11 30.14
C HIS B 26 27.43 39.70 30.06
N VAL B 27 27.09 38.52 30.59
CA VAL B 27 25.74 37.97 30.48
C VAL B 27 25.10 37.95 31.87
N HIS B 28 23.92 38.56 31.98
CA HIS B 28 23.19 38.67 33.23
C HIS B 28 21.92 37.82 33.19
N PRO B 29 21.45 37.33 34.34
CA PRO B 29 20.14 36.68 34.37
C PRO B 29 19.03 37.69 34.09
N LEU B 30 17.87 37.17 33.69
CA LEU B 30 16.73 38.06 33.49
C LEU B 30 16.43 38.81 34.79
N PRO B 31 16.10 40.10 34.72
CA PRO B 31 15.91 40.89 35.94
C PRO B 31 14.92 40.26 36.90
N ASP B 32 15.31 40.18 38.17
CA ASP B 32 14.51 39.56 39.21
C ASP B 32 14.65 40.38 40.48
N SER B 33 13.61 40.36 41.32
CA SER B 33 13.67 41.04 42.61
C SER B 33 14.45 40.24 43.64
N VAL B 34 14.75 38.98 43.36
CA VAL B 34 15.54 38.11 44.23
C VAL B 34 17.02 38.26 43.86
N PRO B 35 17.92 38.41 44.83
CA PRO B 35 19.34 38.42 44.50
C PRO B 35 19.76 37.10 43.89
N GLU B 36 20.80 37.14 43.06
CA GLU B 36 21.21 35.95 42.32
C GLU B 36 21.61 34.82 43.27
N SER B 37 22.30 35.16 44.36
CA SER B 37 22.79 34.14 45.28
C SER B 37 21.66 33.37 45.96
N GLU B 38 20.43 33.90 45.95
CA GLU B 38 19.27 33.22 46.52
C GLU B 38 18.25 32.81 45.45
N ASP B 39 18.68 32.66 44.20
CA ASP B 39 17.79 32.44 43.06
C ASP B 39 18.06 31.10 42.36
N LEU B 40 18.62 30.12 43.07
CA LEU B 40 18.87 28.79 42.51
C LEU B 40 18.05 27.76 43.26
N PHE B 41 17.24 26.99 42.56
CA PHE B 41 16.24 26.13 43.18
C PHE B 41 16.52 24.67 42.84
N ALA B 42 17.09 23.93 43.80
CA ALA B 42 17.34 22.50 43.60
C ALA B 42 16.03 21.74 43.52
N PRO B 43 16.03 20.56 42.88
CA PRO B 43 14.81 19.76 42.81
C PRO B 43 14.19 19.56 44.18
N PRO B 44 12.90 19.87 44.34
CA PRO B 44 12.27 19.82 45.67
C PRO B 44 11.97 18.39 46.08
N PRO B 45 11.59 18.16 47.34
CA PRO B 45 11.38 16.78 47.81
C PRO B 45 10.41 15.96 46.95
N ARG B 46 9.36 16.58 46.39
CA ARG B 46 8.47 15.85 45.49
C ARG B 46 9.19 15.31 44.27
N MET B 47 10.32 15.92 43.88
CA MET B 47 11.12 15.46 42.75
C MET B 47 12.40 14.75 43.19
N GLN B 48 12.48 14.35 44.46
CA GLN B 48 13.61 13.56 44.95
C GLN B 48 13.20 12.15 45.32
N GLY B 49 12.03 11.70 44.89
CA GLY B 49 11.53 10.40 45.31
C GLY B 49 11.04 10.36 46.73
N LYS B 50 10.90 11.51 47.38
CA LYS B 50 10.44 11.59 48.75
C LYS B 50 8.95 11.87 48.79
N GLU B 51 8.38 11.84 49.99
CA GLU B 51 6.95 12.16 50.20
C GLU B 51 6.01 11.34 49.30
N GLY B 52 6.38 10.08 49.05
CA GLY B 52 5.57 9.14 48.30
C GLY B 52 5.64 9.24 46.80
N ARG B 53 6.38 10.19 46.27
CA ARG B 53 6.46 10.31 44.82
C ARG B 53 7.41 9.27 44.19
N PRO B 54 7.16 8.90 42.93
CA PRO B 54 8.07 7.98 42.23
C PRO B 54 9.43 8.62 42.02
N LYS B 55 10.46 7.78 42.00
CA LYS B 55 11.82 8.26 41.80
C LYS B 55 11.96 8.82 40.39
N PRO B 56 12.66 9.95 40.23
CA PRO B 56 12.82 10.52 38.89
C PRO B 56 13.57 9.60 37.95
N HIS B 57 13.27 9.73 36.65
CA HIS B 57 13.96 8.93 35.64
C HIS B 57 15.43 9.34 35.52
N ILE B 58 15.74 10.62 35.72
CA ILE B 58 17.12 11.12 35.75
C ILE B 58 17.30 11.93 37.02
N GLY B 59 18.38 11.68 37.75
CA GLY B 59 18.71 12.42 38.94
C GLY B 59 19.91 11.84 39.64
N PRO B 60 20.34 12.46 40.74
CA PRO B 60 19.71 13.60 41.43
C PRO B 60 20.34 14.96 41.17
N ASN B 61 21.28 15.07 40.23
CA ASN B 61 22.07 16.29 40.11
C ASN B 61 22.41 16.54 38.65
N TYR B 62 23.15 17.63 38.40
CA TYR B 62 23.48 18.04 37.04
C TYR B 62 24.33 16.98 36.34
N GLU B 63 25.27 16.36 37.07
CA GLU B 63 26.12 15.36 36.45
C GLU B 63 25.33 14.17 35.94
N SER B 64 24.25 13.80 36.64
CA SER B 64 23.42 12.69 36.14
C SER B 64 22.77 13.06 34.82
N TYR B 65 22.43 14.34 34.62
CA TYR B 65 21.92 14.78 33.33
C TYR B 65 23.00 14.68 32.26
N VAL B 66 24.20 15.20 32.54
CA VAL B 66 25.25 15.23 31.53
C VAL B 66 25.65 13.83 31.13
N LYS B 67 25.72 12.92 32.10
CA LYS B 67 26.14 11.55 31.80
C LYS B 67 25.18 10.90 30.81
N GLU B 68 23.87 11.10 30.99
CA GLU B 68 22.93 10.54 30.04
C GLU B 68 22.91 11.32 28.74
N TRP B 69 22.97 12.66 28.83
CA TRP B 69 22.91 13.50 27.63
C TRP B 69 24.07 13.22 26.69
N ALA B 70 25.26 13.00 27.24
CA ALA B 70 26.44 12.76 26.41
C ALA B 70 26.31 11.51 25.55
N LYS B 71 25.44 10.57 25.93
CA LYS B 71 25.18 9.38 25.12
C LYS B 71 24.33 9.67 23.89
N THR B 72 23.71 10.84 23.83
CA THR B 72 22.69 11.13 22.83
C THR B 72 23.18 12.04 21.71
N VAL B 73 24.41 12.55 21.81
CA VAL B 73 24.97 13.44 20.82
C VAL B 73 26.38 12.96 20.49
N GLY B 74 26.88 13.41 19.34
CA GLY B 74 28.21 13.05 18.94
C GLY B 74 28.22 11.81 18.06
N PRO B 75 29.42 11.42 17.61
CA PRO B 75 29.52 10.36 16.59
C PRO B 75 29.26 8.95 17.10
N ASN B 76 29.06 8.75 18.40
CA ASN B 76 28.77 7.42 18.93
C ASN B 76 27.37 7.33 19.55
N SER B 77 26.46 8.21 19.14
CA SER B 77 25.13 8.24 19.73
C SER B 77 24.10 7.41 18.98
N ASP B 78 24.48 6.78 17.86
CA ASP B 78 23.53 5.92 17.14
C ASP B 78 23.02 4.81 18.04
N GLU B 79 23.91 4.24 18.85
CA GLU B 79 23.53 3.12 19.71
C GLU B 79 22.40 3.52 20.64
N TRP B 80 22.54 4.67 21.30
CA TRP B 80 21.51 5.12 22.21
C TRP B 80 20.19 5.36 21.48
N TRP B 81 20.24 6.01 20.32
CA TRP B 81 19.02 6.37 19.62
C TRP B 81 18.31 5.14 19.04
N ALA B 82 19.09 4.18 18.53
CA ALA B 82 18.49 2.95 18.01
C ALA B 82 17.77 2.20 19.13
N ALA B 83 18.41 2.09 20.29
CA ALA B 83 17.81 1.38 21.41
C ALA B 83 16.53 2.08 21.89
N LYS B 84 16.59 3.41 22.07
CA LYS B 84 15.40 4.15 22.51
C LYS B 84 14.26 4.00 21.52
N ALA B 85 14.58 4.06 20.22
CA ALA B 85 13.54 3.93 19.20
C ALA B 85 12.85 2.57 19.30
N ARG B 86 13.63 1.49 19.49
CA ARG B 86 13.07 0.16 19.57
C ARG B 86 12.38 -0.10 20.91
N GLU B 87 12.84 0.55 21.98
CA GLU B 87 12.22 0.40 23.30
C GLU B 87 10.93 1.22 23.43
N THR B 88 10.86 2.37 22.79
CA THR B 88 9.79 3.32 23.04
C THR B 88 8.58 3.13 22.14
N LEU B 89 8.78 2.67 20.91
CA LEU B 89 7.70 2.56 19.95
C LEU B 89 7.52 1.12 19.52
N ASP B 90 6.31 0.78 19.09
CA ASP B 90 6.02 -0.49 18.43
C ASP B 90 6.19 -0.33 16.92
N TRP B 91 6.94 -1.24 16.30
CA TRP B 91 7.21 -1.16 14.86
C TRP B 91 6.60 -2.37 14.16
N TYR B 92 6.04 -2.14 12.96
CA TYR B 92 5.66 -3.28 12.12
C TYR B 92 6.88 -3.90 11.45
N ASP B 93 7.81 -3.06 10.98
CA ASP B 93 9.05 -3.48 10.35
C ASP B 93 10.21 -2.76 11.01
N ASP B 94 11.30 -3.47 11.27
CA ASP B 94 12.46 -2.85 11.91
C ASP B 94 13.17 -1.92 10.93
N PHE B 95 13.89 -0.94 11.48
CA PHE B 95 14.76 -0.09 10.66
C PHE B 95 16.16 -0.67 10.64
N LYS B 96 16.93 -0.25 9.64
CA LYS B 96 18.34 -0.59 9.55
C LYS B 96 19.23 0.62 9.78
N THR B 97 18.94 1.72 9.10
CA THR B 97 19.74 2.93 9.23
C THR B 97 19.17 3.78 10.36
N VAL B 98 20.04 4.29 11.23
CA VAL B 98 19.58 5.14 12.32
C VAL B 98 19.27 6.55 11.83
N ARG B 99 20.22 7.18 11.15
CA ARG B 99 20.01 8.56 10.69
C ARG B 99 20.80 8.78 9.41
N ALA B 100 20.33 9.74 8.62
CA ALA B 100 21.04 10.16 7.42
C ALA B 100 20.52 11.54 7.03
N GLY B 101 21.13 12.11 5.99
CA GLY B 101 20.68 13.38 5.49
C GLY B 101 21.17 14.51 6.37
N GLY B 102 20.67 15.71 6.09
CA GLY B 102 21.23 16.86 6.79
C GLY B 102 20.48 18.14 6.47
N PHE B 103 20.98 19.23 7.08
CA PHE B 103 20.38 20.56 6.97
C PHE B 103 20.44 21.12 5.55
N GLU B 104 21.58 20.94 4.86
CA GLU B 104 21.89 21.77 3.69
C GLU B 104 20.83 21.64 2.60
N HIS B 105 20.38 20.43 2.32
CA HIS B 105 19.37 20.19 1.32
C HIS B 105 18.01 19.82 1.90
N GLY B 106 17.91 19.70 3.22
CA GLY B 106 16.68 19.30 3.85
C GLY B 106 16.26 17.90 3.42
N ASP B 107 17.12 16.92 3.68
CA ASP B 107 16.86 15.50 3.43
C ASP B 107 17.03 14.68 4.71
N VAL B 108 16.63 15.26 5.85
CA VAL B 108 16.80 14.58 7.12
C VAL B 108 16.04 13.26 7.13
N GLN B 109 16.71 12.19 7.57
CA GLN B 109 16.12 10.86 7.69
C GLN B 109 16.44 10.25 9.04
N TRP B 110 15.44 9.63 9.66
CA TRP B 110 15.63 8.84 10.87
C TRP B 110 14.88 7.53 10.72
N PHE B 111 15.55 6.43 11.06
CA PHE B 111 14.98 5.08 10.99
C PHE B 111 14.28 4.82 9.65
N PRO B 112 14.90 5.19 8.51
CA PRO B 112 14.12 5.26 7.26
C PRO B 112 13.44 3.96 6.85
N GLU B 113 14.04 2.80 7.08
CA GLU B 113 13.44 1.55 6.61
C GLU B 113 12.35 1.02 7.55
N GLY B 114 12.19 1.62 8.72
CA GLY B 114 11.19 1.13 9.64
C GLY B 114 9.78 1.47 9.18
N THR B 115 8.82 0.69 9.67
CA THR B 115 7.41 1.02 9.49
C THR B 115 6.70 0.94 10.82
N LEU B 116 5.69 1.79 10.97
CA LEU B 116 4.98 1.91 12.23
C LEU B 116 3.68 2.64 11.94
N ASN B 117 2.86 2.78 12.98
CA ASN B 117 1.68 3.64 12.85
C ASN B 117 1.50 4.42 14.15
N ALA B 118 1.27 5.73 14.03
CA ALA B 118 1.15 6.56 15.22
C ALA B 118 -0.10 6.19 16.03
N ALA B 119 -1.20 5.88 15.35
CA ALA B 119 -2.42 5.52 16.10
C ALA B 119 -2.24 4.18 16.82
N TYR B 120 -1.51 3.24 16.21
CA TYR B 120 -1.19 2.01 16.92
C TYR B 120 -0.42 2.29 18.21
N ASN B 121 0.54 3.21 18.15
CA ASN B 121 1.38 3.50 19.30
C ASN B 121 0.65 4.35 20.35
N CYS B 122 -0.32 5.16 19.95
CA CYS B 122 -1.02 5.98 20.92
C CYS B 122 -2.30 5.33 21.45
N LEU B 123 -2.87 4.38 20.70
CA LEU B 123 -4.12 3.76 21.11
C LEU B 123 -4.04 2.24 21.26
N ASP B 124 -3.79 1.51 20.16
CA ASP B 124 -4.03 0.07 20.15
C ASP B 124 -3.20 -0.65 21.22
N ARG B 125 -1.91 -0.35 21.27
CA ARG B 125 -1.03 -1.10 22.15
C ARG B 125 -1.36 -0.85 23.61
N HIS B 126 -1.88 0.34 23.93
CA HIS B 126 -2.33 0.59 25.31
C HIS B 126 -3.69 -0.04 25.55
N TYR B 127 -4.56 0.00 24.55
CA TYR B 127 -5.87 -0.64 24.67
C TYR B 127 -5.72 -2.14 24.91
N TYR B 128 -4.78 -2.79 24.23
CA TYR B 128 -4.57 -4.22 24.41
C TYR B 128 -4.09 -4.56 25.83
N LYS B 129 -3.47 -3.61 26.54
CA LYS B 129 -2.99 -3.87 27.90
C LYS B 129 -3.99 -3.48 28.99
N ASN B 130 -4.59 -2.31 28.87
CA ASN B 130 -5.53 -1.82 29.88
C ASN B 130 -6.59 -0.97 29.19
N PRO B 131 -7.61 -1.60 28.64
CA PRO B 131 -8.61 -0.85 27.86
C PRO B 131 -9.37 0.19 28.66
N LYS B 132 -9.61 -0.03 29.95
CA LYS B 132 -10.44 0.87 30.75
C LYS B 132 -9.65 2.00 31.38
N LYS B 133 -8.33 2.00 31.22
CA LYS B 133 -7.53 3.10 31.71
C LYS B 133 -7.95 4.38 31.01
N THR B 134 -7.99 5.49 31.77
CA THR B 134 -8.36 6.77 31.19
C THR B 134 -7.25 7.27 30.28
N ALA B 135 -7.61 7.53 29.01
CA ALA B 135 -6.73 8.21 28.06
C ALA B 135 -6.86 9.73 28.18
N ILE B 136 -8.09 10.24 28.23
CA ILE B 136 -8.32 11.67 28.21
C ILE B 136 -9.20 12.07 29.39
N ILE B 137 -8.73 13.03 30.18
CA ILE B 137 -9.60 13.75 31.10
C ILE B 137 -10.17 14.90 30.28
N TYR B 138 -11.45 14.79 29.92
CA TYR B 138 -12.10 15.81 29.12
C TYR B 138 -12.69 16.82 30.09
N GLU B 139 -12.01 17.97 30.23
CA GLU B 139 -12.50 19.05 31.07
C GLU B 139 -13.29 19.99 30.17
N ALA B 140 -14.62 19.82 30.18
CA ALA B 140 -15.52 20.56 29.31
C ALA B 140 -15.61 22.03 29.75
N ASP B 141 -16.12 22.88 28.86
CA ASP B 141 -16.21 24.30 29.16
C ASP B 141 -17.01 24.53 30.44
N GLU B 142 -18.12 23.80 30.61
CA GLU B 142 -18.82 23.76 31.88
C GLU B 142 -18.24 22.63 32.73
N PRO B 143 -17.78 22.91 33.95
CA PRO B 143 -17.09 21.85 34.72
C PRO B 143 -17.93 20.61 34.95
N SER B 144 -19.25 20.77 35.11
CA SER B 144 -20.13 19.64 35.41
C SER B 144 -20.24 18.65 34.26
N GLU B 145 -19.84 19.03 33.05
CA GLU B 145 -19.93 18.16 31.89
C GLU B 145 -18.63 17.41 31.62
N SER B 146 -17.64 17.54 32.51
CA SER B 146 -16.36 16.87 32.34
C SER B 146 -16.47 15.36 32.62
N ARG B 147 -15.61 14.58 31.96
CA ARG B 147 -15.63 13.15 32.19
C ARG B 147 -14.32 12.54 31.70
N GLU B 148 -14.08 11.29 32.12
CA GLU B 148 -12.92 10.53 31.68
C GLU B 148 -13.28 9.71 30.45
N VAL B 149 -12.38 9.70 29.46
CA VAL B 149 -12.52 8.89 28.25
C VAL B 149 -11.44 7.82 28.27
N SER B 150 -11.86 6.54 28.27
CA SER B 150 -10.93 5.44 28.33
C SER B 150 -10.16 5.28 27.01
N TYR B 151 -9.06 4.51 27.08
CA TYR B 151 -8.36 4.14 25.84
C TYR B 151 -9.30 3.39 24.91
N GLU B 152 -10.15 2.53 25.46
CA GLU B 152 -11.09 1.79 24.64
C GLU B 152 -12.03 2.72 23.88
N GLU B 153 -12.66 3.66 24.59
CA GLU B 153 -13.60 4.59 23.95
C GLU B 153 -12.89 5.45 22.91
N LEU B 154 -11.69 5.93 23.24
CA LEU B 154 -10.96 6.77 22.30
C LEU B 154 -10.57 5.99 21.06
N MET B 155 -10.11 4.76 21.23
CA MET B 155 -9.74 3.96 20.06
C MET B 155 -10.93 3.68 19.18
N GLN B 156 -12.08 3.35 19.78
CA GLN B 156 -13.28 3.06 19.00
C GLN B 156 -13.71 4.27 18.17
N GLU B 157 -13.75 5.45 18.80
CA GLU B 157 -14.15 6.65 18.06
C GLU B 157 -13.13 6.99 16.97
N THR B 158 -11.84 6.84 17.25
CA THR B 158 -10.82 7.02 16.23
C THR B 158 -11.04 6.08 15.06
N CYS B 159 -11.34 4.81 15.33
CA CYS B 159 -11.55 3.86 14.24
C CYS B 159 -12.79 4.20 13.42
N ARG B 160 -13.87 4.64 14.08
CA ARG B 160 -15.06 5.03 13.32
C ARG B 160 -14.76 6.18 12.37
N VAL B 161 -14.08 7.21 12.87
CA VAL B 161 -13.75 8.35 12.04
C VAL B 161 -12.82 7.94 10.90
N ALA B 162 -11.85 7.07 11.20
CA ALA B 162 -10.96 6.60 10.15
C ALA B 162 -11.75 5.88 9.05
N ASN B 163 -12.73 5.05 9.45
CA ASN B 163 -13.56 4.37 8.46
C ASN B 163 -14.39 5.37 7.66
N VAL B 164 -14.88 6.43 8.31
CA VAL B 164 -15.62 7.46 7.58
C VAL B 164 -14.73 8.11 6.54
N LEU B 165 -13.52 8.49 6.94
CA LEU B 165 -12.58 9.12 5.99
C LEU B 165 -12.28 8.20 4.82
N LYS B 166 -12.05 6.92 5.09
CA LYS B 166 -11.84 5.97 3.99
C LYS B 166 -13.03 5.92 3.05
N SER B 167 -14.25 6.01 3.59
CA SER B 167 -15.44 5.97 2.73
C SER B 167 -15.54 7.21 1.85
N TYR B 168 -14.86 8.29 2.22
CA TYR B 168 -14.78 9.46 1.36
C TYR B 168 -13.68 9.35 0.32
N GLY B 169 -12.94 8.25 0.29
CA GLY B 169 -11.84 8.12 -0.65
C GLY B 169 -10.55 8.73 -0.19
N VAL B 170 -10.43 9.10 1.09
CA VAL B 170 -9.16 9.61 1.60
C VAL B 170 -8.14 8.49 1.57
N LYS B 171 -7.00 8.74 0.93
CA LYS B 171 -5.92 7.76 0.80
C LYS B 171 -4.71 8.20 1.62
N LYS B 172 -3.81 7.23 1.82
CA LYS B 172 -2.51 7.52 2.40
C LYS B 172 -1.85 8.67 1.65
N GLY B 173 -1.36 9.66 2.40
CA GLY B 173 -0.75 10.82 1.80
C GLY B 173 -1.69 11.99 1.50
N ASP B 174 -3.01 11.80 1.59
CA ASP B 174 -3.95 12.90 1.40
C ASP B 174 -3.99 13.81 2.62
N ALA B 175 -4.12 15.10 2.39
CA ALA B 175 -4.26 16.06 3.49
C ALA B 175 -5.72 16.17 3.91
N VAL B 176 -5.95 16.32 5.22
CA VAL B 176 -7.28 16.49 5.78
C VAL B 176 -7.21 17.67 6.74
N SER B 177 -8.01 18.69 6.50
CA SER B 177 -8.03 19.83 7.40
C SER B 177 -8.93 19.54 8.59
N ILE B 178 -8.51 20.03 9.76
CA ILE B 178 -9.23 19.85 11.00
C ILE B 178 -9.46 21.24 11.60
N TYR B 179 -10.74 21.60 11.78
CA TYR B 179 -11.08 22.89 12.38
C TYR B 179 -11.98 22.57 13.56
N LEU B 180 -11.38 22.16 14.67
CA LEU B 180 -12.11 21.63 15.80
C LEU B 180 -11.70 22.37 17.07
N PRO B 181 -12.66 22.67 17.94
CA PRO B 181 -12.33 23.26 19.25
C PRO B 181 -11.85 22.16 20.19
N MET B 182 -11.59 22.54 21.43
CA MET B 182 -10.97 21.65 22.41
C MET B 182 -11.98 20.72 23.09
N THR B 183 -12.64 19.92 22.28
CA THR B 183 -13.38 18.79 22.81
C THR B 183 -12.60 17.51 22.52
N TRP B 184 -12.87 16.46 23.29
CA TRP B 184 -11.99 15.30 23.28
C TRP B 184 -11.94 14.62 21.92
N GLN B 185 -13.00 14.77 21.11
CA GLN B 185 -13.01 14.14 19.79
C GLN B 185 -11.95 14.71 18.86
N ALA B 186 -11.37 15.86 19.22
CA ALA B 186 -10.27 16.40 18.42
C ALA B 186 -9.10 15.43 18.36
N ALA B 187 -8.80 14.74 19.47
CA ALA B 187 -7.75 13.72 19.45
C ALA B 187 -8.12 12.54 18.55
N ALA B 188 -9.39 12.12 18.58
CA ALA B 188 -9.80 11.06 17.68
C ALA B 188 -9.66 11.48 16.23
N ALA B 189 -9.94 12.75 15.93
CA ALA B 189 -9.81 13.21 14.54
C ALA B 189 -8.35 13.21 14.10
N PHE B 190 -7.43 13.73 14.94
CA PHE B 190 -6.00 13.64 14.61
C PHE B 190 -5.60 12.17 14.38
N LEU B 191 -5.95 11.31 15.34
CA LEU B 191 -5.46 9.96 15.31
C LEU B 191 -6.12 9.13 14.21
N ALA B 192 -7.34 9.51 13.80
CA ALA B 192 -7.98 8.83 12.67
C ALA B 192 -7.22 9.09 11.37
N CYS B 193 -6.74 10.31 11.20
CA CYS B 193 -5.89 10.62 10.05
C CYS B 193 -4.59 9.85 10.13
N ALA B 194 -3.97 9.83 11.30
CA ALA B 194 -2.73 9.08 11.47
C ALA B 194 -2.95 7.60 11.18
N ARG B 195 -4.11 7.08 11.60
CA ARG B 195 -4.37 5.65 11.48
C ARG B 195 -4.36 5.20 10.03
N ILE B 196 -4.86 6.04 9.13
CA ILE B 196 -4.96 5.68 7.72
C ILE B 196 -3.84 6.29 6.90
N GLY B 197 -2.93 7.03 7.53
CA GLY B 197 -1.83 7.62 6.80
C GLY B 197 -2.16 8.90 6.07
N ALA B 198 -3.31 9.50 6.38
CA ALA B 198 -3.62 10.83 5.89
C ALA B 198 -2.83 11.86 6.70
N ILE B 199 -2.72 13.05 6.17
CA ILE B 199 -1.90 14.10 6.76
C ILE B 199 -2.85 15.12 7.35
N HIS B 200 -3.00 15.16 8.67
CA HIS B 200 -3.92 16.17 9.21
C HIS B 200 -3.28 17.55 9.23
N SER B 201 -4.12 18.56 9.05
CA SER B 201 -3.73 19.98 9.16
C SER B 201 -4.76 20.67 10.05
N ALA B 202 -4.43 20.82 11.34
CA ALA B 202 -5.34 21.41 12.31
C ALA B 202 -5.22 22.92 12.34
N VAL B 203 -6.37 23.60 12.37
CA VAL B 203 -6.45 25.06 12.40
C VAL B 203 -7.23 25.45 13.64
N PHE B 204 -6.67 26.35 14.45
CA PHE B 204 -7.31 26.89 15.65
C PHE B 204 -8.79 27.17 15.40
N ALA B 205 -9.67 26.55 16.17
CA ALA B 205 -11.08 26.91 16.10
C ALA B 205 -11.24 28.36 16.52
N GLY B 206 -11.98 29.12 15.74
CA GLY B 206 -12.09 30.56 15.97
C GLY B 206 -11.22 31.40 15.06
N PHE B 207 -10.30 30.79 14.32
CA PHE B 207 -9.64 31.52 13.24
C PHE B 207 -10.66 31.99 12.24
N SER B 208 -10.39 33.14 11.63
CA SER B 208 -11.35 33.77 10.73
C SER B 208 -11.52 32.95 9.46
N ALA B 209 -12.59 33.26 8.73
CA ALA B 209 -12.83 32.57 7.47
C ALA B 209 -11.66 32.73 6.51
N GLU B 210 -11.04 33.91 6.50
CA GLU B 210 -9.89 34.17 5.63
C GLU B 210 -8.67 33.35 6.03
N SER B 211 -8.37 33.28 7.33
CA SER B 211 -7.23 32.48 7.76
C SER B 211 -7.47 31.00 7.53
N LEU B 212 -8.69 30.52 7.79
CA LEU B 212 -8.99 29.12 7.51
C LEU B 212 -8.89 28.85 6.01
N ARG B 213 -9.48 29.73 5.20
CA ARG B 213 -9.44 29.58 3.75
C ARG B 213 -8.00 29.42 3.25
N ASP B 214 -7.10 30.29 3.73
CA ASP B 214 -5.73 30.26 3.25
C ASP B 214 -5.04 28.93 3.60
N ARG B 215 -5.31 28.39 4.80
CA ARG B 215 -4.67 27.13 5.18
C ARG B 215 -5.29 25.94 4.45
N VAL B 216 -6.61 25.92 4.29
CA VAL B 216 -7.27 24.85 3.55
C VAL B 216 -6.81 24.83 2.10
N ASN B 217 -6.71 26.00 1.48
CA ASN B 217 -6.25 26.05 0.10
C ASN B 217 -4.79 25.63 -0.02
N ASP B 218 -3.94 26.03 0.92
CA ASP B 218 -2.52 25.71 0.80
C ASP B 218 -2.28 24.20 0.90
N CYS B 219 -2.98 23.52 1.81
CA CYS B 219 -2.76 22.09 1.95
C CYS B 219 -3.54 21.28 0.92
N GLU B 220 -4.46 21.90 0.18
CA GLU B 220 -5.17 21.26 -0.93
C GLU B 220 -6.00 20.07 -0.48
N CYS B 221 -6.47 20.09 0.76
CA CYS B 221 -7.29 18.98 1.25
C CYS B 221 -8.63 18.93 0.51
N LYS B 222 -9.21 17.74 0.46
CA LYS B 222 -10.56 17.55 -0.08
C LYS B 222 -11.57 17.28 1.02
N VAL B 223 -11.12 17.13 2.26
CA VAL B 223 -11.98 16.81 3.38
C VAL B 223 -11.64 17.76 4.52
N LEU B 224 -12.67 18.23 5.21
CA LEU B 224 -12.54 19.11 6.37
C LEU B 224 -13.40 18.56 7.50
N ILE B 225 -12.85 18.54 8.72
CA ILE B 225 -13.56 18.07 9.90
C ILE B 225 -13.75 19.25 10.85
N THR B 226 -14.99 19.47 11.29
CA THR B 226 -15.27 20.62 12.14
C THR B 226 -16.47 20.30 13.03
N THR B 227 -16.91 21.31 13.79
CA THR B 227 -18.05 21.25 14.69
C THR B 227 -19.15 22.18 14.22
N ASP B 228 -20.37 21.97 14.73
CA ASP B 228 -21.41 22.96 14.49
C ASP B 228 -21.03 24.29 15.14
N GLU B 229 -20.62 24.22 16.40
CA GLU B 229 -20.15 25.37 17.16
C GLU B 229 -19.15 24.87 18.20
N GLY B 230 -18.27 25.77 18.64
CA GLY B 230 -17.43 25.53 19.79
C GLY B 230 -17.92 26.33 20.99
N ARG B 231 -17.43 25.98 22.17
CA ARG B 231 -17.77 26.65 23.42
C ARG B 231 -16.49 26.88 24.20
N ARG B 232 -16.15 28.15 24.45
CA ARG B 232 -14.91 28.46 25.16
C ARG B 232 -15.14 29.67 26.05
N GLY B 233 -14.97 29.48 27.35
CA GLY B 233 -15.20 30.57 28.29
C GLY B 233 -16.64 31.04 28.29
N GLY B 234 -17.57 30.13 28.06
CA GLY B 234 -18.96 30.50 28.00
C GLY B 234 -19.36 31.23 26.73
N LYS B 235 -18.46 31.30 25.76
CA LYS B 235 -18.75 31.97 24.50
C LYS B 235 -18.88 30.94 23.39
N THR B 236 -19.75 31.24 22.43
CA THR B 236 -19.97 30.38 21.28
C THR B 236 -19.02 30.75 20.16
N ILE B 237 -18.31 29.75 19.60
CA ILE B 237 -17.53 29.91 18.39
C ILE B 237 -18.36 29.37 17.23
N ALA B 238 -18.68 30.22 16.27
CA ALA B 238 -19.59 29.83 15.18
C ALA B 238 -18.79 29.10 14.09
N THR B 239 -18.30 27.92 14.45
CA THR B 239 -17.34 27.23 13.57
C THR B 239 -17.96 26.88 12.21
N LYS B 240 -19.18 26.35 12.20
CA LYS B 240 -19.76 25.98 10.89
C LYS B 240 -20.07 27.22 10.04
N GLN B 241 -20.48 28.32 10.67
CA GLN B 241 -20.66 29.57 9.93
C GLN B 241 -19.35 30.05 9.32
N ILE B 242 -18.27 30.00 10.10
CA ILE B 242 -16.96 30.40 9.58
C ILE B 242 -16.53 29.47 8.44
N VAL B 243 -16.76 28.17 8.61
CA VAL B 243 -16.39 27.18 7.60
C VAL B 243 -17.12 27.46 6.28
N ASP B 244 -18.45 27.70 6.36
CA ASP B 244 -19.21 27.96 5.14
C ASP B 244 -18.69 29.18 4.41
N ALA B 245 -18.38 30.26 5.14
CA ALA B 245 -17.80 31.44 4.49
C ALA B 245 -16.46 31.10 3.84
N ALA B 246 -15.61 30.33 4.55
CA ALA B 246 -14.29 30.00 4.00
C ALA B 246 -14.41 29.15 2.75
N LEU B 247 -15.31 28.16 2.76
CA LEU B 247 -15.38 27.21 1.66
C LEU B 247 -15.93 27.83 0.37
N GLN B 248 -16.54 29.02 0.45
CA GLN B 248 -16.91 29.72 -0.77
C GLN B 248 -15.69 30.07 -1.62
N GLN B 249 -14.49 30.02 -1.02
CA GLN B 249 -13.24 30.27 -1.74
C GLN B 249 -12.26 29.09 -1.64
N CYS B 250 -12.76 27.88 -1.40
CA CYS B 250 -11.94 26.67 -1.29
C CYS B 250 -12.49 25.62 -2.23
N PRO B 251 -12.15 25.69 -3.52
CA PRO B 251 -12.82 24.86 -4.52
C PRO B 251 -12.47 23.38 -4.45
N LEU B 252 -11.46 22.98 -3.68
CA LEU B 252 -11.08 21.58 -3.65
C LEU B 252 -11.84 20.77 -2.60
N VAL B 253 -12.46 21.41 -1.63
CA VAL B 253 -13.10 20.66 -0.54
C VAL B 253 -14.40 20.06 -1.02
N GLU B 254 -14.52 18.74 -0.87
CA GLU B 254 -15.68 18.00 -1.34
C GLU B 254 -16.51 17.44 -0.21
N ASN B 255 -15.92 17.19 0.97
CA ASN B 255 -16.64 16.59 2.08
C ASN B 255 -16.31 17.35 3.36
N VAL B 256 -17.34 17.64 4.14
CA VAL B 256 -17.18 18.23 5.46
C VAL B 256 -17.88 17.33 6.46
N LEU B 257 -17.15 16.93 7.50
CA LEU B 257 -17.69 16.13 8.59
C LEU B 257 -17.91 17.02 9.81
N VAL B 258 -19.13 17.06 10.32
CA VAL B 258 -19.53 18.06 11.31
C VAL B 258 -19.90 17.36 12.62
N LEU B 259 -19.14 17.67 13.67
CA LEU B 259 -19.39 17.15 15.00
C LEU B 259 -20.46 17.99 15.70
N ARG B 260 -21.47 17.32 16.27
CA ARG B 260 -22.59 18.03 16.92
C ARG B 260 -22.22 18.33 18.37
N ARG B 261 -21.46 19.42 18.55
CA ARG B 261 -20.97 19.79 19.87
C ARG B 261 -22.03 20.54 20.68
N THR B 262 -22.78 21.44 20.05
CA THR B 262 -23.80 22.20 20.75
C THR B 262 -25.22 21.82 20.37
N GLY B 263 -25.45 21.37 19.14
CA GLY B 263 -26.80 21.09 18.70
C GLY B 263 -27.61 22.31 18.32
N ASN B 264 -27.02 23.50 18.36
CA ASN B 264 -27.68 24.69 17.85
C ASN B 264 -27.77 24.62 16.33
N LYS B 265 -28.83 25.20 15.78
CA LYS B 265 -29.05 25.08 14.34
C LYS B 265 -27.93 25.76 13.55
N VAL B 266 -27.35 25.02 12.61
CA VAL B 266 -26.31 25.56 11.72
C VAL B 266 -26.65 25.15 10.30
N PRO B 267 -26.24 25.92 9.28
CA PRO B 267 -26.46 25.48 7.90
C PRO B 267 -25.70 24.20 7.59
N MET B 268 -26.31 23.35 6.76
CA MET B 268 -25.68 22.15 6.23
C MET B 268 -25.96 22.07 4.75
N THR B 269 -24.91 21.92 3.96
CA THR B 269 -24.99 21.84 2.51
C THR B 269 -25.25 20.39 2.09
N GLU B 270 -26.32 20.16 1.34
CA GLU B 270 -26.67 18.81 0.93
C GLU B 270 -25.52 18.16 0.16
N GLY B 271 -25.19 16.92 0.51
CA GLY B 271 -24.13 16.21 -0.18
C GLY B 271 -22.75 16.46 0.41
N ARG B 272 -22.36 17.73 0.46
CA ARG B 272 -21.05 18.09 0.97
C ARG B 272 -20.94 17.85 2.48
N ASP B 273 -21.98 18.21 3.25
CA ASP B 273 -21.92 18.23 4.70
C ASP B 273 -22.66 17.02 5.30
N LYS B 274 -21.99 16.35 6.25
CA LYS B 274 -22.59 15.22 6.94
C LYS B 274 -22.27 15.32 8.42
N TRP B 275 -23.17 14.76 9.24
CA TRP B 275 -23.02 14.76 10.69
C TRP B 275 -22.07 13.66 11.13
N TRP B 276 -21.15 14.01 12.03
CA TRP B 276 -20.18 13.05 12.56
C TRP B 276 -20.88 11.84 13.18
N ASP B 277 -21.89 12.07 14.03
CA ASP B 277 -22.51 10.95 14.74
C ASP B 277 -23.25 10.03 13.78
N GLU B 278 -23.90 10.60 12.75
CA GLU B 278 -24.62 9.77 11.78
C GLU B 278 -23.66 8.98 10.90
N GLU B 279 -22.55 9.59 10.48
CA GLU B 279 -21.57 8.86 9.67
C GLU B 279 -20.87 7.77 10.48
N CYS B 280 -20.46 8.08 11.71
CA CYS B 280 -19.75 7.08 12.51
C CYS B 280 -20.64 5.93 12.92
N ALA B 281 -21.94 6.19 13.10
CA ALA B 281 -22.86 5.10 13.45
C ALA B 281 -22.94 4.05 12.34
N LYS B 282 -22.58 4.40 11.12
CA LYS B 282 -22.60 3.43 10.02
C LYS B 282 -21.37 2.54 9.97
N MET B 283 -20.31 2.88 10.71
CA MET B 283 -18.98 2.29 10.53
C MET B 283 -18.63 1.36 11.67
N PRO B 284 -17.80 0.34 11.43
CA PRO B 284 -17.38 -0.53 12.53
C PRO B 284 -16.43 0.22 13.45
N ALA B 285 -16.30 -0.30 14.66
CA ALA B 285 -15.53 0.38 15.69
C ALA B 285 -14.09 -0.12 15.74
N TYR B 286 -13.65 -0.84 14.72
CA TYR B 286 -12.23 -1.08 14.49
C TYR B 286 -11.91 -0.84 13.02
N CYS B 287 -10.66 -0.42 12.78
CA CYS B 287 -10.12 -0.08 11.48
C CYS B 287 -8.67 -0.58 11.52
N PRO B 288 -8.16 -1.26 10.49
CA PRO B 288 -6.74 -1.59 10.46
C PRO B 288 -5.87 -0.34 10.39
N CYS B 289 -4.63 -0.49 10.84
CA CYS B 289 -3.62 0.57 10.78
C CYS B 289 -2.83 0.50 9.47
N GLU B 290 -2.70 1.63 8.80
CA GLU B 290 -1.84 1.70 7.63
C GLU B 290 -0.39 1.61 8.06
N ARG B 291 0.41 0.76 7.40
CA ARG B 291 1.80 0.60 7.77
C ARG B 291 2.60 1.74 7.13
N MET B 292 3.03 2.69 7.94
CA MET B 292 3.65 3.92 7.44
C MET B 292 5.16 3.81 7.51
N ALA B 293 5.83 4.29 6.47
CA ALA B 293 7.28 4.45 6.58
C ALA B 293 7.59 5.51 7.62
N SER B 294 8.76 5.37 8.24
CA SER B 294 9.17 6.33 9.26
CA SER B 294 9.18 6.33 9.26
C SER B 294 9.11 7.76 8.76
N GLU B 295 9.40 7.97 7.48
CA GLU B 295 9.47 9.31 6.92
C GLU B 295 8.21 9.72 6.16
N ASP B 296 7.14 8.94 6.22
CA ASP B 296 5.88 9.45 5.69
C ASP B 296 5.44 10.65 6.53
N PRO B 297 4.92 11.70 5.91
CA PRO B 297 4.46 12.85 6.69
C PRO B 297 3.31 12.44 7.61
N LEU B 298 3.36 12.93 8.84
CA LEU B 298 2.31 12.71 9.82
C LEU B 298 1.32 13.87 9.87
N PHE B 299 1.79 15.12 9.88
CA PHE B 299 0.88 16.25 9.86
C PHE B 299 1.56 17.48 9.27
N ILE B 300 0.71 18.41 8.85
CA ILE B 300 1.09 19.78 8.50
C ILE B 300 0.52 20.67 9.60
N LEU B 301 1.33 21.60 10.11
CA LEU B 301 0.84 22.55 11.12
C LEU B 301 1.25 23.95 10.69
N TYR B 302 0.27 24.76 10.28
CA TYR B 302 0.55 26.12 9.87
C TYR B 302 0.84 26.96 11.12
N THR B 303 1.95 27.69 11.12
CA THR B 303 2.19 28.54 12.27
C THR B 303 1.31 29.79 12.20
N SER B 304 1.03 30.37 13.37
CA SER B 304 0.28 31.64 13.42
C SER B 304 1.20 32.86 13.57
N GLY B 308 4.23 36.15 5.91
CA GLY B 308 3.56 36.22 4.62
C GLY B 308 2.50 35.15 4.41
N LYS B 309 2.67 34.33 3.37
CA LYS B 309 1.73 33.24 3.17
C LYS B 309 1.86 32.26 4.35
N PRO B 310 0.79 31.56 4.70
CA PRO B 310 0.86 30.64 5.85
C PRO B 310 1.94 29.58 5.63
N LYS B 311 2.67 29.29 6.70
CA LYS B 311 3.80 28.37 6.66
C LYS B 311 3.38 27.01 7.21
N GLY B 312 3.20 26.03 6.34
CA GLY B 312 2.77 24.72 6.79
C GLY B 312 3.94 23.83 7.17
N VAL B 313 4.23 23.76 8.47
CA VAL B 313 5.38 23.00 8.95
C VAL B 313 5.02 21.51 8.93
N VAL B 314 5.87 20.70 8.29
CA VAL B 314 5.61 19.28 8.08
C VAL B 314 6.49 18.45 9.01
N HIS B 315 5.88 17.54 9.76
CA HIS B 315 6.59 16.56 10.55
C HIS B 315 6.36 15.16 9.99
N SER B 316 7.41 14.32 10.01
CA SER B 316 7.24 12.93 9.62
C SER B 316 6.82 12.15 10.86
N THR B 317 6.87 10.82 10.81
CA THR B 317 6.16 9.99 11.77
C THR B 317 7.05 9.49 12.90
N ALA B 318 8.09 8.70 12.60
CA ALA B 318 8.81 7.99 13.66
C ALA B 318 9.65 8.94 14.51
N GLY B 319 10.42 9.82 13.89
CA GLY B 319 11.25 10.72 14.67
C GLY B 319 10.42 11.67 15.51
N TYR B 320 9.36 12.23 14.92
CA TYR B 320 8.50 13.13 15.68
C TYR B 320 7.89 12.40 16.88
N LEU B 321 7.35 11.20 16.66
CA LEU B 321 6.70 10.45 17.73
C LEU B 321 7.70 10.08 18.82
N LEU B 322 8.90 9.64 18.43
CA LEU B 322 9.94 9.33 19.41
C LEU B 322 10.31 10.57 20.22
N GLY B 323 10.49 11.70 19.54
CA GLY B 323 10.87 12.92 20.25
C GLY B 323 9.83 13.34 21.27
N THR B 324 8.56 13.31 20.89
CA THR B 324 7.51 13.71 21.83
C THR B 324 7.42 12.71 22.99
N ALA B 325 7.59 11.41 22.71
CA ALA B 325 7.47 10.44 23.79
C ALA B 325 8.62 10.56 24.78
N LEU B 326 9.85 10.77 24.28
CA LEU B 326 10.99 10.87 25.19
C LEU B 326 10.97 12.18 25.98
N THR B 327 10.65 13.31 25.33
CA THR B 327 10.62 14.58 26.08
C THR B 327 9.53 14.57 27.15
N LEU B 328 8.35 14.02 26.83
CA LEU B 328 7.31 13.94 27.85
C LEU B 328 7.79 13.13 29.04
N LYS B 329 8.44 12.00 28.77
CA LYS B 329 8.89 11.12 29.84
C LYS B 329 9.97 11.79 30.71
N TYR B 330 10.94 12.45 30.09
CA TYR B 330 12.10 12.92 30.84
C TYR B 330 11.95 14.37 31.31
N VAL B 331 11.41 15.26 30.48
CA VAL B 331 11.27 16.66 30.92
C VAL B 331 10.19 16.78 31.98
N PHE B 332 9.15 15.97 31.90
CA PHE B 332 8.07 16.03 32.89
C PHE B 332 8.09 14.87 33.86
N ASP B 333 9.09 14.00 33.78
CA ASP B 333 9.22 12.83 34.65
C ASP B 333 7.91 12.07 34.77
N ALA B 334 7.37 11.71 33.61
CA ALA B 334 6.08 11.04 33.54
C ALA B 334 6.20 9.56 33.89
N HIS B 335 5.31 9.09 34.74
CA HIS B 335 5.26 7.72 35.18
C HIS B 335 3.91 7.14 34.77
N PRO B 336 3.78 5.80 34.77
CA PRO B 336 2.62 5.19 34.10
C PRO B 336 1.27 5.64 34.63
N ASP B 337 1.15 5.97 35.91
CA ASP B 337 -0.12 6.37 36.48
C ASP B 337 -0.35 7.88 36.46
N ASP B 338 0.57 8.66 35.89
CA ASP B 338 0.45 10.11 35.97
C ASP B 338 -0.74 10.63 35.19
N ARG B 339 -1.18 11.82 35.57
CA ARG B 339 -2.32 12.49 34.95
CA ARG B 339 -2.32 12.49 34.95
C ARG B 339 -1.82 13.86 34.49
N PHE B 340 -1.40 13.92 33.23
CA PHE B 340 -0.69 15.07 32.66
C PHE B 340 -1.68 16.12 32.15
N ALA B 341 -1.54 17.35 32.62
CA ALA B 341 -2.48 18.42 32.31
C ALA B 341 -1.78 19.53 31.51
N CYS B 342 -1.74 19.39 30.19
CA CYS B 342 -1.34 20.48 29.30
C CYS B 342 -2.59 21.25 28.89
N MET B 343 -2.63 22.55 29.23
CA MET B 343 -3.83 23.36 29.11
C MET B 343 -3.87 24.18 27.84
N ALA B 344 -3.03 23.86 26.87
CA ALA B 344 -2.97 24.59 25.60
C ALA B 344 -4.02 24.03 24.63
N ASP B 345 -3.99 24.51 23.39
CA ASP B 345 -4.97 24.18 22.36
C ASP B 345 -4.31 23.28 21.30
N ILE B 346 -5.08 22.32 20.77
CA ILE B 346 -4.51 21.41 19.78
C ILE B 346 -4.17 22.09 18.47
N GLY B 347 -4.63 23.32 18.25
CA GLY B 347 -4.22 24.11 17.10
C GLY B 347 -2.77 24.58 17.17
N TRP B 348 -2.12 24.39 18.32
CA TRP B 348 -0.76 24.78 18.59
C TRP B 348 0.10 23.52 18.61
N ILE B 349 1.38 23.66 18.25
CA ILE B 349 2.27 22.50 18.31
C ILE B 349 2.32 21.93 19.73
N THR B 350 2.17 22.77 20.75
CA THR B 350 2.15 22.28 22.12
C THR B 350 1.03 21.27 22.33
N GLY B 351 -0.14 21.51 21.71
CA GLY B 351 -1.21 20.54 21.79
C GLY B 351 -0.92 19.27 21.04
N HIS B 352 -0.28 19.40 19.86
CA HIS B 352 0.10 18.22 19.09
C HIS B 352 1.01 17.32 19.91
N SER B 353 2.08 17.90 20.45
CA SER B 353 3.15 17.11 21.04
C SER B 353 2.85 16.70 22.47
N TYR B 354 2.20 17.58 23.26
CA TYR B 354 2.10 17.32 24.69
C TYR B 354 0.66 17.25 25.20
N ILE B 355 -0.32 17.25 24.32
CA ILE B 355 -1.65 16.78 24.66
C ILE B 355 -1.91 15.42 24.04
N ILE B 356 -1.68 15.29 22.74
CA ILE B 356 -2.07 14.08 22.04
C ILE B 356 -0.89 13.12 21.91
N TYR B 357 0.13 13.48 21.13
CA TYR B 357 1.06 12.43 20.67
C TYR B 357 2.00 11.95 21.78
N GLY B 358 2.61 12.87 22.52
CA GLY B 358 3.52 12.46 23.59
C GLY B 358 2.86 11.68 24.72
N PRO B 359 1.82 12.25 25.34
CA PRO B 359 1.17 11.55 26.45
C PRO B 359 0.54 10.21 26.06
N LEU B 360 -0.18 10.15 24.94
CA LEU B 360 -0.83 8.91 24.54
C LEU B 360 0.18 7.87 24.05
N ALA B 361 1.28 8.30 23.44
CA ALA B 361 2.33 7.34 23.08
C ALA B 361 2.88 6.65 24.32
N ASN B 362 3.01 7.42 25.42
CA ASN B 362 3.45 6.88 26.70
C ASN B 362 2.37 6.10 27.44
N GLY B 363 1.12 6.13 27.00
CA GLY B 363 0.10 5.33 27.65
C GLY B 363 -0.45 5.93 28.94
N ILE B 364 -0.34 7.23 29.13
CA ILE B 364 -0.74 7.85 30.38
C ILE B 364 -2.04 8.59 30.12
N THR B 365 -2.54 9.28 31.13
CA THR B 365 -3.75 10.10 31.02
C THR B 365 -3.36 11.53 30.66
N THR B 366 -4.06 12.11 29.70
CA THR B 366 -3.78 13.46 29.26
C THR B 366 -5.07 14.29 29.35
N ALA B 367 -4.91 15.58 29.61
CA ALA B 367 -6.05 16.48 29.78
C ALA B 367 -6.37 17.18 28.47
N VAL B 368 -7.65 17.26 28.14
CA VAL B 368 -8.13 18.10 27.04
C VAL B 368 -8.99 19.17 27.68
N PHE B 369 -8.48 20.40 27.73
CA PHE B 369 -9.09 21.49 28.48
C PHE B 369 -9.87 22.37 27.50
N GLU B 370 -11.19 22.39 27.62
CA GLU B 370 -12.02 23.09 26.66
C GLU B 370 -12.21 24.56 27.00
N SER B 371 -11.85 24.99 28.19
CA SER B 371 -12.22 26.30 28.71
C SER B 371 -11.05 27.28 28.63
N THR B 372 -11.17 28.41 29.32
CA THR B 372 -10.12 29.39 29.54
C THR B 372 -9.65 29.35 30.99
N PRO B 373 -8.49 29.94 31.30
CA PRO B 373 -8.02 29.93 32.70
C PRO B 373 -8.92 30.69 33.65
N VAL B 374 -9.83 31.54 33.17
CA VAL B 374 -10.61 32.37 34.07
C VAL B 374 -12.10 32.11 33.95
N TYR B 375 -12.51 30.99 33.34
CA TYR B 375 -13.92 30.68 33.25
C TYR B 375 -14.22 29.38 34.01
N PRO B 376 -15.23 29.37 34.88
CA PRO B 376 -16.11 30.49 35.26
C PRO B 376 -15.39 31.56 36.06
N THR B 377 -14.32 31.20 36.76
CA THR B 377 -13.56 32.14 37.59
C THR B 377 -12.08 31.84 37.43
N PRO B 378 -11.19 32.76 37.86
CA PRO B 378 -9.75 32.49 37.77
C PRO B 378 -9.26 31.33 38.64
N SER B 379 -10.15 30.65 39.36
CA SER B 379 -9.77 29.45 40.10
C SER B 379 -9.82 28.19 39.23
N ARG B 380 -10.18 28.32 37.95
CA ARG B 380 -10.50 27.15 37.12
C ARG B 380 -9.36 26.14 37.07
N TYR B 381 -8.14 26.60 36.77
CA TYR B 381 -6.99 25.68 36.67
C TYR B 381 -6.85 24.85 37.94
N TRP B 382 -6.95 25.50 39.10
CA TRP B 382 -6.68 24.83 40.37
C TRP B 382 -7.86 23.98 40.83
N ASP B 383 -9.08 24.39 40.52
CA ASP B 383 -10.23 23.49 40.71
C ASP B 383 -10.01 22.22 39.90
N PHE B 384 -9.53 22.36 38.66
CA PHE B 384 -9.24 21.21 37.81
C PHE B 384 -8.16 20.31 38.42
N VAL B 385 -7.05 20.90 38.88
CA VAL B 385 -5.96 20.13 39.46
C VAL B 385 -6.44 19.35 40.68
N ASP B 386 -7.17 20.00 41.57
CA ASP B 386 -7.60 19.29 42.77
C ASP B 386 -8.67 18.25 42.48
N LYS B 387 -9.55 18.51 41.50
CA LYS B 387 -10.58 17.53 41.16
C LYS B 387 -9.96 16.25 40.59
N TRP B 388 -9.04 16.40 39.65
CA TRP B 388 -8.50 15.25 38.92
C TRP B 388 -7.16 14.76 39.47
N LYS B 389 -6.61 15.45 40.48
CA LYS B 389 -5.30 15.11 41.05
C LYS B 389 -4.23 15.08 39.96
N ALA B 390 -4.19 16.14 39.17
CA ALA B 390 -3.19 16.30 38.13
C ALA B 390 -1.78 16.25 38.72
N THR B 391 -0.88 15.53 38.06
CA THR B 391 0.47 15.37 38.56
C THR B 391 1.47 16.30 37.88
N GLN B 392 1.12 16.83 36.70
CA GLN B 392 1.92 17.84 36.02
C GLN B 392 0.98 18.86 35.39
N LEU B 393 1.42 20.11 35.33
CA LEU B 393 0.67 21.16 34.68
C LEU B 393 1.58 21.89 33.71
N TYR B 394 1.06 22.19 32.52
CA TYR B 394 1.83 22.74 31.42
C TYR B 394 1.03 23.85 30.77
N THR B 395 1.54 25.08 30.80
CA THR B 395 0.81 26.20 30.22
C THR B 395 1.80 27.27 29.75
N ALA B 396 1.28 28.43 29.30
CA ALA B 396 2.05 29.51 28.69
C ALA B 396 2.25 30.69 29.65
N PRO B 397 3.33 31.46 29.47
CA PRO B 397 3.52 32.64 30.35
C PRO B 397 2.36 33.62 30.33
N THR B 398 1.67 33.74 29.19
N THR B 398 1.68 33.76 29.19
CA THR B 398 0.52 34.64 29.11
CA THR B 398 0.52 34.66 29.14
C THR B 398 -0.58 34.20 30.07
C THR B 398 -0.57 34.20 30.09
N ALA B 399 -0.82 32.87 30.18
CA ALA B 399 -1.78 32.37 31.14
C ALA B 399 -1.29 32.62 32.57
N ILE B 400 -0.01 32.40 32.83
CA ILE B 400 0.53 32.64 34.17
C ILE B 400 0.41 34.10 34.54
N ARG B 401 0.74 34.99 33.61
CA ARG B 401 0.62 36.41 33.91
C ARG B 401 -0.84 36.82 34.08
N LEU B 402 -1.74 36.19 33.32
CA LEU B 402 -3.17 36.48 33.49
C LEU B 402 -3.65 36.12 34.89
N LEU B 403 -3.28 34.92 35.37
CA LEU B 403 -3.75 34.53 36.70
C LEU B 403 -3.04 35.34 37.78
N ARG B 404 -1.78 35.72 37.54
CA ARG B 404 -1.07 36.57 38.49
C ARG B 404 -1.80 37.89 38.71
N ARG B 405 -2.34 38.48 37.64
CA ARG B 405 -3.06 39.74 37.80
C ARG B 405 -4.44 39.57 38.46
N MET B 406 -4.95 38.34 38.56
CA MET B 406 -6.29 38.13 39.09
C MET B 406 -6.33 38.00 40.61
N GLY B 407 -5.19 37.86 41.25
CA GLY B 407 -5.26 37.86 42.70
C GLY B 407 -5.07 36.47 43.30
N GLU B 408 -4.50 36.43 44.51
CA GLU B 408 -4.07 35.20 45.15
C GLU B 408 -5.22 34.41 45.76
N ASP B 409 -6.39 35.03 45.93
CA ASP B 409 -7.52 34.35 46.56
C ASP B 409 -8.00 33.15 45.75
N HIS B 410 -7.78 33.16 44.43
CA HIS B 410 -8.25 32.06 43.59
C HIS B 410 -7.32 30.85 43.61
N VAL B 411 -6.13 30.95 44.21
CA VAL B 411 -5.16 29.86 44.16
C VAL B 411 -4.67 29.46 45.55
N LYS B 412 -4.71 30.40 46.50
CA LYS B 412 -3.99 30.23 47.77
C LYS B 412 -4.57 29.13 48.63
N ASN B 413 -5.87 28.86 48.53
CA ASN B 413 -6.54 27.93 49.43
C ASN B 413 -6.83 26.59 48.76
N HIS B 414 -6.19 26.31 47.65
CA HIS B 414 -6.29 24.98 47.04
C HIS B 414 -5.23 24.06 47.65
N ASP B 415 -5.37 22.76 47.38
CA ASP B 415 -4.41 21.77 47.85
C ASP B 415 -3.21 21.68 46.91
N LEU B 416 -3.44 21.24 45.67
CA LEU B 416 -2.45 21.19 44.59
C LEU B 416 -1.29 20.25 44.88
N SER B 417 -1.33 19.46 45.96
CA SER B 417 -0.18 18.65 46.31
C SER B 417 0.02 17.45 45.38
N SER B 418 -0.95 17.16 44.51
CA SER B 418 -0.74 16.10 43.54
C SER B 418 0.26 16.51 42.45
N LEU B 419 0.46 17.81 42.24
CA LEU B 419 1.42 18.28 41.26
C LEU B 419 2.85 18.01 41.72
N ARG B 420 3.70 17.58 40.78
CA ARG B 420 5.15 17.46 40.99
C ARG B 420 5.96 18.40 40.12
N VAL B 421 5.47 18.73 38.92
CA VAL B 421 6.21 19.49 37.92
C VAL B 421 5.26 20.51 37.30
N LEU B 422 5.72 21.75 37.19
CA LEU B 422 5.00 22.81 36.49
C LEU B 422 5.83 23.24 35.28
N GLY B 423 5.20 23.28 34.11
CA GLY B 423 5.87 23.67 32.88
C GLY B 423 5.38 25.00 32.33
N SER B 424 6.26 25.69 31.62
CA SER B 424 5.96 26.94 30.94
C SER B 424 6.52 26.86 29.52
N VAL B 425 5.71 27.22 28.53
CA VAL B 425 6.08 27.11 27.13
C VAL B 425 5.53 28.28 26.35
N GLY B 426 6.30 28.78 25.39
CA GLY B 426 5.79 29.65 24.35
C GLY B 426 6.48 31.00 24.24
N GLU B 427 7.11 31.46 25.30
CA GLU B 427 7.80 32.75 25.32
C GLU B 427 8.69 32.76 26.55
N PRO B 428 9.63 33.70 26.68
CA PRO B 428 10.36 33.80 27.95
C PRO B 428 9.38 34.02 29.09
N ILE B 429 9.67 33.38 30.22
CA ILE B 429 8.88 33.62 31.43
C ILE B 429 9.65 34.61 32.28
N ASN B 430 9.04 35.76 32.52
CA ASN B 430 9.69 36.76 33.35
C ASN B 430 9.91 36.17 34.74
N PRO B 431 11.04 36.45 35.38
CA PRO B 431 11.26 35.95 36.74
C PRO B 431 10.12 36.29 37.69
N GLU B 432 9.49 37.46 37.52
CA GLU B 432 8.35 37.82 38.35
C GLU B 432 7.21 36.82 38.20
N ALA B 433 6.90 36.42 36.96
CA ALA B 433 5.86 35.41 36.75
C ALA B 433 6.34 34.03 37.19
N TRP B 434 7.61 33.70 36.94
CA TRP B 434 8.17 32.43 37.39
C TRP B 434 7.97 32.24 38.89
N HIS B 435 8.26 33.28 39.67
CA HIS B 435 8.10 33.20 41.12
C HIS B 435 6.65 33.02 41.52
N TRP B 436 5.72 33.72 40.87
CA TRP B 436 4.30 33.54 41.15
C TRP B 436 3.88 32.09 40.91
N TYR B 437 4.30 31.54 39.76
CA TYR B 437 4.04 30.14 39.44
C TYR B 437 4.62 29.21 40.51
N ASN B 438 5.89 29.45 40.86
CA ASN B 438 6.58 28.63 41.85
C ASN B 438 5.92 28.72 43.22
N ASP B 439 5.47 29.92 43.60
CA ASP B 439 4.98 30.14 44.95
C ASP B 439 3.55 29.66 45.12
N PHE B 440 2.67 29.95 44.16
CA PHE B 440 1.26 29.70 44.35
C PHE B 440 0.78 28.42 43.66
N ALA B 441 1.13 28.21 42.39
CA ALA B 441 0.78 26.95 41.76
C ALA B 441 1.50 25.79 42.41
N GLY B 442 2.78 25.96 42.72
CA GLY B 442 3.59 24.88 43.22
C GLY B 442 3.81 24.86 44.73
N LYS B 443 3.48 25.96 45.40
CA LYS B 443 3.71 26.10 46.84
C LYS B 443 5.15 25.76 47.20
N ASN B 444 6.07 26.17 46.32
CA ASN B 444 7.51 25.97 46.53
C ASN B 444 7.87 24.51 46.67
N GLN B 445 7.04 23.63 46.14
CA GLN B 445 7.27 22.20 46.26
C GLN B 445 7.30 21.47 44.92
N CYS B 446 7.15 22.18 43.80
CA CYS B 446 7.22 21.60 42.48
C CYS B 446 8.46 22.10 41.75
N ALA B 447 9.02 21.27 40.88
CA ALA B 447 10.01 21.74 39.93
C ALA B 447 9.34 22.51 38.81
N ILE B 448 9.97 23.60 38.37
CA ILE B 448 9.46 24.41 37.28
C ILE B 448 10.31 24.11 36.05
N VAL B 449 9.67 23.64 34.99
CA VAL B 449 10.41 23.35 33.75
C VAL B 449 10.03 24.41 32.73
N ASP B 450 10.99 25.28 32.43
CA ASP B 450 10.88 26.27 31.36
C ASP B 450 11.36 25.60 30.09
N THR B 451 10.43 25.31 29.17
CA THR B 451 10.74 24.48 28.00
C THR B 451 10.81 25.35 26.77
N TYR B 452 11.99 25.45 26.17
CA TYR B 452 12.16 26.18 24.93
C TYR B 452 12.13 25.21 23.75
N TRP B 453 11.36 25.53 22.71
CA TRP B 453 11.31 24.76 21.47
C TRP B 453 10.46 25.55 20.47
N MET B 454 10.26 24.97 19.28
CA MET B 454 9.47 25.61 18.22
CA MET B 454 9.46 25.61 18.24
C MET B 454 8.64 24.56 17.52
N THR B 455 7.61 25.03 16.80
CA THR B 455 6.85 24.14 15.92
C THR B 455 7.81 23.34 15.04
N GLU B 456 8.83 24.01 14.52
CA GLU B 456 9.80 23.39 13.64
C GLU B 456 10.72 22.39 14.37
N THR B 457 10.79 22.42 15.71
CA THR B 457 11.65 21.44 16.37
C THR B 457 10.89 20.17 16.77
N GLY B 458 9.56 20.19 16.73
CA GLY B 458 8.75 19.02 17.05
C GLY B 458 8.56 18.73 18.52
N SER B 459 9.63 18.89 19.30
CA SER B 459 9.62 18.53 20.70
C SER B 459 10.59 19.42 21.45
N ILE B 460 10.52 19.35 22.78
CA ILE B 460 11.26 20.27 23.64
C ILE B 460 12.75 20.19 23.35
N SER B 461 13.41 21.34 23.21
CA SER B 461 14.80 21.44 22.82
C SER B 461 15.74 21.72 23.99
N ILE B 462 15.37 22.67 24.86
CA ILE B 462 16.14 23.07 26.02
C ILE B 462 15.17 23.19 27.19
N ALA B 463 15.46 22.48 28.27
CA ALA B 463 14.58 22.45 29.44
C ALA B 463 15.30 21.78 30.59
N PRO B 464 15.02 22.15 31.84
CA PRO B 464 15.60 21.40 32.96
C PRO B 464 14.93 20.04 33.09
N LEU B 465 15.73 19.02 33.37
CA LEU B 465 15.14 17.76 33.80
C LEU B 465 14.80 17.91 35.27
N PRO B 466 13.53 17.76 35.66
CA PRO B 466 13.10 18.24 36.99
C PRO B 466 13.73 17.47 38.15
N GLY B 467 14.15 16.23 37.95
CA GLY B 467 14.79 15.49 39.01
C GLY B 467 16.28 15.69 39.13
N ALA B 468 16.89 16.49 38.25
CA ALA B 468 18.34 16.65 38.20
C ALA B 468 18.83 18.09 38.27
N ILE B 469 18.13 19.02 37.62
CA ILE B 469 18.64 20.36 37.35
C ILE B 469 18.10 21.36 38.37
N SER B 470 19.01 22.14 38.97
CA SER B 470 18.64 23.28 39.78
C SER B 470 18.30 24.47 38.86
N THR B 471 17.11 25.02 39.02
CA THR B 471 16.59 25.99 38.07
C THR B 471 16.95 27.43 38.46
N LYS B 472 17.00 28.30 37.45
CA LYS B 472 17.07 29.73 37.63
C LYS B 472 15.83 30.36 37.00
N PRO B 473 15.20 31.34 37.65
CA PRO B 473 13.98 31.94 37.10
C PRO B 473 14.26 32.58 35.74
N GLY B 474 13.58 32.08 34.72
CA GLY B 474 13.71 32.58 33.37
C GLY B 474 14.72 31.86 32.49
N SER B 475 15.37 30.80 32.97
CA SER B 475 16.38 30.10 32.20
C SER B 475 15.86 28.74 31.74
N ALA B 476 16.04 28.44 30.45
CA ALA B 476 15.71 27.10 29.94
C ALA B 476 16.72 26.04 30.40
N THR B 477 17.89 26.48 30.89
CA THR B 477 18.97 25.67 31.44
C THR B 477 19.69 24.88 30.33
N PHE B 478 19.38 23.60 30.11
CA PHE B 478 20.29 22.78 29.33
C PHE B 478 19.58 22.01 28.21
N PRO B 479 20.31 21.69 27.13
CA PRO B 479 19.68 21.04 25.99
C PRO B 479 19.21 19.62 26.29
N PHE B 480 18.12 19.24 25.64
CA PHE B 480 17.57 17.91 25.77
C PHE B 480 18.44 16.92 24.96
N PHE B 481 18.17 15.63 25.17
CA PHE B 481 18.83 14.56 24.44
C PHE B 481 18.75 14.79 22.94
N GLY B 482 19.88 14.57 22.26
CA GLY B 482 19.95 14.73 20.83
C GLY B 482 20.15 16.15 20.33
N MET B 483 20.12 17.14 21.22
CA MET B 483 20.23 18.55 20.83
C MET B 483 21.63 19.03 21.17
N ASP B 484 22.38 19.40 20.14
CA ASP B 484 23.71 19.97 20.30
C ASP B 484 23.60 21.40 19.81
N VAL B 485 23.45 22.33 20.74
CA VAL B 485 23.16 23.72 20.41
C VAL B 485 24.39 24.56 20.72
N ASP B 486 24.55 25.63 19.94
CA ASP B 486 25.66 26.56 20.12
C ASP B 486 25.13 27.99 19.98
N ILE B 487 25.99 28.94 20.33
CA ILE B 487 25.75 30.37 20.18
C ILE B 487 26.69 30.90 19.10
N ILE B 488 26.12 31.61 18.12
CA ILE B 488 26.88 32.15 17.00
C ILE B 488 26.81 33.67 17.06
N ASP B 489 27.94 34.32 16.86
CA ASP B 489 27.97 35.77 16.69
C ASP B 489 27.31 36.09 15.36
N PRO B 490 26.20 36.82 15.34
CA PRO B 490 25.49 37.06 14.07
C PRO B 490 26.29 37.86 13.06
N GLN B 491 27.25 38.68 13.49
CA GLN B 491 28.00 39.48 12.54
C GLN B 491 29.09 38.67 11.84
N THR B 492 29.76 37.79 12.58
CA THR B 492 30.85 36.99 12.03
C THR B 492 30.39 35.63 11.51
N GLY B 493 29.29 35.11 12.03
CA GLY B 493 28.87 33.76 11.70
C GLY B 493 29.66 32.68 12.41
N GLN B 494 30.51 33.05 13.36
CA GLN B 494 31.39 32.13 14.05
C GLN B 494 30.80 31.70 15.40
N VAL B 495 31.11 30.46 15.79
CA VAL B 495 30.68 29.93 17.07
C VAL B 495 31.45 30.61 18.20
N LEU B 496 30.73 31.08 19.21
CA LEU B 496 31.34 31.65 20.41
C LEU B 496 31.57 30.54 21.42
N GLU B 497 32.83 30.21 21.65
CA GLU B 497 33.17 29.14 22.58
C GLU B 497 33.17 29.66 24.01
N GLY B 498 33.01 28.74 24.96
CA GLY B 498 33.04 29.10 26.36
C GLY B 498 31.72 29.66 26.86
N ASN B 499 31.80 30.21 28.07
CA ASN B 499 30.62 30.73 28.76
C ASN B 499 30.64 32.24 28.80
N ASP B 500 29.57 32.80 29.36
CA ASP B 500 29.36 34.25 29.40
C ASP B 500 29.36 34.83 27.99
N VAL B 501 28.65 34.17 27.08
CA VAL B 501 28.55 34.58 25.68
C VAL B 501 27.07 34.73 25.33
N GLU B 502 26.81 35.59 24.34
CA GLU B 502 25.48 35.86 23.85
C GLU B 502 25.54 36.05 22.34
N GLY B 503 24.46 35.67 21.67
CA GLY B 503 24.39 35.72 20.22
C GLY B 503 23.09 35.12 19.72
N VAL B 504 23.13 34.28 18.69
CA VAL B 504 21.94 33.64 18.16
C VAL B 504 22.06 32.12 18.34
N LEU B 505 20.94 31.49 18.65
CA LEU B 505 20.93 30.06 18.93
C LEU B 505 20.95 29.27 17.62
N VAL B 506 21.82 28.25 17.55
CA VAL B 506 21.85 27.32 16.43
C VAL B 506 22.00 25.91 16.97
N ALA B 507 21.63 24.93 16.15
CA ALA B 507 21.88 23.52 16.42
C ALA B 507 22.87 22.99 15.40
N ARG B 508 23.80 22.14 15.85
CA ARG B 508 24.87 21.65 15.00
C ARG B 508 24.48 20.43 14.14
N ARG B 509 23.54 19.62 14.60
CA ARG B 509 23.20 18.35 13.96
C ARG B 509 21.70 18.13 13.98
N PRO B 510 21.15 17.40 13.01
CA PRO B 510 19.72 17.08 13.05
C PRO B 510 19.36 16.27 14.28
N TRP B 511 18.09 16.37 14.68
CA TRP B 511 17.54 15.57 15.76
C TRP B 511 16.30 14.86 15.26
N PRO B 512 15.86 13.80 15.94
CA PRO B 512 14.80 12.94 15.37
C PRO B 512 13.50 13.67 15.02
N SER B 513 13.06 14.65 15.82
CA SER B 513 11.75 15.24 15.61
C SER B 513 11.79 16.56 14.83
N ILE B 514 12.91 16.90 14.18
CA ILE B 514 12.96 18.16 13.45
C ILE B 514 11.96 18.15 12.30
N ALA B 515 11.32 19.30 12.05
CA ALA B 515 10.46 19.39 10.88
C ALA B 515 11.23 19.08 9.61
N ARG B 516 10.59 18.35 8.70
CA ARG B 516 11.27 17.90 7.49
C ARG B 516 11.10 18.84 6.30
N THR B 517 10.03 19.64 6.26
CA THR B 517 9.86 20.60 5.17
C THR B 517 8.80 21.60 5.59
N VAL B 518 8.57 22.58 4.69
CA VAL B 518 7.39 23.43 4.68
C VAL B 518 6.57 22.99 3.49
N TYR B 519 5.29 22.72 3.73
CA TYR B 519 4.47 21.99 2.77
C TYR B 519 4.44 22.67 1.41
N ARG B 520 4.91 21.95 0.39
N ARG B 520 4.89 21.95 0.37
CA ARG B 520 5.02 22.39 -1.00
CA ARG B 520 4.96 22.45 -1.00
C ARG B 520 5.81 23.70 -1.13
C ARG B 520 5.81 23.71 -1.13
N ASP B 521 6.65 24.00 -0.14
CA ASP B 521 7.49 25.19 -0.15
C ASP B 521 8.87 24.88 0.45
N HIS B 522 9.51 23.81 -0.01
CA HIS B 522 10.80 23.46 0.58
C HIS B 522 11.82 24.58 0.47
N LYS B 523 11.72 25.42 -0.57
CA LYS B 523 12.66 26.53 -0.66
C LYS B 523 12.55 27.47 0.54
N ARG B 524 11.32 27.72 1.00
CA ARG B 524 11.15 28.58 2.18
C ARG B 524 11.77 27.92 3.41
N TYR B 525 11.63 26.59 3.52
CA TYR B 525 12.23 25.85 4.62
C TYR B 525 13.74 26.04 4.65
N LEU B 526 14.40 25.82 3.51
CA LEU B 526 15.86 25.99 3.48
C LEU B 526 16.26 27.42 3.74
N GLU B 527 15.58 28.38 3.11
CA GLU B 527 15.98 29.78 3.24
C GLU B 527 15.82 30.26 4.66
N THR B 528 14.78 29.80 5.36
CA THR B 528 14.51 30.31 6.71
C THR B 528 15.43 29.71 7.76
N TYR B 529 15.68 28.39 7.70
CA TYR B 529 16.37 27.69 8.78
C TYR B 529 17.77 27.23 8.43
N MET B 530 18.06 26.98 7.15
CA MET B 530 19.29 26.31 6.76
C MET B 530 20.28 27.22 6.03
N LYS B 531 19.79 28.26 5.35
CA LYS B 531 20.67 29.19 4.63
C LYS B 531 21.35 30.26 5.50
N PRO B 532 20.71 30.82 6.55
CA PRO B 532 21.40 31.93 7.26
C PRO B 532 22.78 31.56 7.82
N TYR B 533 22.93 30.37 8.40
CA TYR B 533 24.21 29.93 8.94
C TYR B 533 24.45 28.51 8.41
N PRO B 534 25.07 28.40 7.23
CA PRO B 534 25.21 27.09 6.60
C PRO B 534 25.93 26.09 7.49
N GLY B 535 25.40 24.87 7.53
CA GLY B 535 25.89 23.85 8.44
C GLY B 535 25.15 23.76 9.75
N TYR B 536 24.29 24.74 10.07
CA TYR B 536 23.53 24.81 11.31
C TYR B 536 22.05 24.94 11.00
N PHE B 537 21.24 24.60 11.99
CA PHE B 537 19.83 24.98 12.01
C PHE B 537 19.70 26.28 12.77
N PHE B 538 19.06 27.28 12.16
CA PHE B 538 18.90 28.62 12.73
C PHE B 538 17.51 28.72 13.35
N PHE B 539 17.44 28.82 14.69
CA PHE B 539 16.15 28.86 15.37
C PHE B 539 15.43 30.20 15.13
N GLY B 540 16.16 31.31 15.09
CA GLY B 540 15.56 32.62 15.03
C GLY B 540 15.42 33.34 16.36
N ASP B 541 15.97 32.80 17.43
CA ASP B 541 15.94 33.41 18.75
C ASP B 541 17.33 33.81 19.19
N GLY B 542 17.40 34.94 19.90
CA GLY B 542 18.63 35.30 20.58
C GLY B 542 18.83 34.44 21.81
N ALA B 543 20.10 34.24 22.18
CA ALA B 543 20.38 33.36 23.30
C ALA B 543 21.69 33.76 23.96
N ALA B 544 21.79 33.44 25.25
CA ALA B 544 23.01 33.67 26.00
C ALA B 544 23.30 32.46 26.87
N ARG B 545 24.59 32.17 27.05
CA ARG B 545 25.04 31.11 27.95
C ARG B 545 25.79 31.78 29.09
N ASP B 546 25.25 31.70 30.31
CA ASP B 546 25.86 32.44 31.40
C ASP B 546 27.13 31.73 31.89
N TYR B 547 27.76 32.31 32.90
CA TYR B 547 29.05 31.79 33.37
C TYR B 547 28.93 30.37 33.92
N ASP B 548 27.74 29.99 34.39
CA ASP B 548 27.50 28.65 34.89
C ASP B 548 27.16 27.65 33.80
N GLY B 549 27.11 28.07 32.53
CA GLY B 549 26.70 27.19 31.47
C GLY B 549 25.21 27.13 31.23
N TYR B 550 24.41 27.88 31.98
CA TYR B 550 22.97 27.91 31.75
C TYR B 550 22.64 28.69 30.49
N MET B 551 21.67 28.18 29.73
N MET B 551 21.67 28.18 29.73
CA MET B 551 21.20 28.83 28.52
CA MET B 551 21.21 28.84 28.52
C MET B 551 20.02 29.75 28.84
C MET B 551 20.03 29.75 28.83
N TRP B 552 20.01 30.92 28.22
CA TRP B 552 18.93 31.89 28.41
C TRP B 552 18.39 32.29 27.04
N ILE B 553 17.10 32.07 26.80
CA ILE B 553 16.47 32.48 25.55
C ILE B 553 15.67 33.74 25.81
N LYS B 554 16.11 34.88 25.31
CA LYS B 554 15.56 36.16 25.71
C LYS B 554 14.71 36.83 24.63
N GLY B 555 14.34 36.10 23.58
CA GLY B 555 13.46 36.70 22.60
C GLY B 555 13.86 36.44 21.16
N ARG B 556 13.01 36.85 20.23
N ARG B 556 13.00 36.84 20.23
CA ARG B 556 13.27 36.61 18.82
CA ARG B 556 13.28 36.60 18.81
C ARG B 556 14.37 37.54 18.31
C ARG B 556 14.37 37.54 18.31
N VAL B 557 15.14 37.05 17.33
CA VAL B 557 16.18 37.86 16.73
C VAL B 557 15.57 39.09 16.05
N ASP B 558 14.44 38.91 15.36
CA ASP B 558 13.76 40.04 14.74
C ASP B 558 13.34 41.10 15.76
N ASP B 559 13.21 40.75 17.04
CA ASP B 559 12.78 41.70 18.07
C ASP B 559 13.93 42.37 18.81
N VAL B 560 15.18 42.05 18.49
CA VAL B 560 16.31 42.67 19.16
C VAL B 560 16.35 44.16 18.81
N ILE B 561 16.62 45.00 19.81
CA ILE B 561 16.70 46.44 19.63
C ILE B 561 18.15 46.87 19.75
N ASN B 562 18.60 47.68 18.81
CA ASN B 562 19.98 48.13 18.75
C ASN B 562 20.04 49.61 19.09
N VAL B 563 20.39 49.93 20.33
CA VAL B 563 20.47 51.32 20.80
C VAL B 563 21.95 51.70 20.86
N SER B 564 22.37 52.57 19.94
CA SER B 564 23.73 53.11 19.92
C SER B 564 24.78 52.00 19.97
N GLY B 565 24.53 50.94 19.20
CA GLY B 565 25.42 49.80 19.11
C GLY B 565 25.30 48.81 20.25
N HIS B 566 24.41 49.04 21.21
CA HIS B 566 24.18 48.12 22.30
C HIS B 566 22.94 47.29 21.99
N ARG B 567 23.08 45.96 22.04
CA ARG B 567 22.02 45.03 21.68
C ARG B 567 21.12 44.73 22.89
N LEU B 568 19.82 44.96 22.72
CA LEU B 568 18.81 44.76 23.76
C LEU B 568 17.84 43.66 23.36
N SER B 569 17.63 42.69 24.25
CA SER B 569 16.64 41.64 24.05
C SER B 569 15.33 42.03 24.73
N THR B 570 14.21 41.55 24.20
CA THR B 570 12.93 41.96 24.77
C THR B 570 12.73 41.40 26.17
N ALA B 571 13.18 40.17 26.43
CA ALA B 571 12.91 39.54 27.72
C ALA B 571 13.51 40.34 28.86
N GLU B 572 14.72 40.88 28.69
CA GLU B 572 15.35 41.58 29.81
C GLU B 572 14.62 42.88 30.15
N VAL B 573 14.22 43.68 29.13
CA VAL B 573 13.50 44.91 29.42
C VAL B 573 12.11 44.61 29.95
N GLU B 574 11.41 43.65 29.34
CA GLU B 574 10.08 43.28 29.81
C GLU B 574 10.15 42.71 31.22
N SER B 575 11.23 41.96 31.53
CA SER B 575 11.37 41.48 32.90
C SER B 575 11.60 42.62 33.89
N ALA B 576 12.35 43.65 33.48
CA ALA B 576 12.57 44.78 34.39
C ALA B 576 11.28 45.57 34.63
N LEU B 577 10.47 45.76 33.58
CA LEU B 577 9.27 46.56 33.71
C LEU B 577 8.26 45.91 34.67
N ILE B 578 8.12 44.59 34.59
CA ILE B 578 7.14 43.90 35.43
C ILE B 578 7.56 43.89 36.90
N LEU B 579 8.80 44.27 37.21
CA LEU B 579 9.20 44.40 38.61
C LEU B 579 8.51 45.58 39.28
N HIS B 580 8.01 46.54 38.51
CA HIS B 580 7.27 47.66 39.06
C HIS B 580 5.86 47.24 39.47
N LYS B 581 5.40 47.77 40.60
CA LYS B 581 4.09 47.40 41.14
C LYS B 581 2.96 47.78 40.18
N GLY B 582 1.96 46.92 40.09
CA GLY B 582 0.79 47.18 39.27
C GLY B 582 0.91 46.78 37.81
N VAL B 583 2.10 46.39 37.36
CA VAL B 583 2.29 46.01 35.95
C VAL B 583 1.85 44.57 35.76
N ALA B 584 0.95 44.35 34.80
CA ALA B 584 0.54 42.99 34.50
C ALA B 584 1.37 42.36 33.38
N GLU B 585 1.65 43.11 32.32
CA GLU B 585 2.29 42.56 31.13
C GLU B 585 2.86 43.70 30.31
N THR B 586 4.01 43.47 29.65
CA THR B 586 4.63 44.49 28.83
C THR B 586 5.17 43.88 27.54
N ALA B 587 5.40 44.75 26.56
CA ALA B 587 6.08 44.41 25.31
C ALA B 587 6.95 45.60 24.91
N VAL B 588 8.19 45.36 24.50
CA VAL B 588 9.08 46.44 24.07
C VAL B 588 9.49 46.21 22.63
N VAL B 589 9.51 47.29 21.85
CA VAL B 589 9.87 47.26 20.44
C VAL B 589 10.81 48.41 20.13
N GLY B 590 11.56 48.25 19.03
CA GLY B 590 12.44 49.28 18.56
C GLY B 590 11.80 50.13 17.48
N CYS B 591 12.39 51.29 17.22
CA CYS B 591 11.95 52.13 16.12
C CYS B 591 13.12 53.00 15.72
N ALA B 592 13.10 53.45 14.47
CA ALA B 592 14.21 54.24 13.94
C ALA B 592 14.39 55.52 14.76
N ASP B 593 15.63 55.79 15.15
CA ASP B 593 15.97 56.99 15.92
C ASP B 593 17.14 57.72 15.27
N ASP B 594 17.06 59.06 15.24
CA ASP B 594 18.08 59.85 14.57
C ASP B 594 19.42 59.77 15.30
N LEU B 595 19.40 59.77 16.62
CA LEU B 595 20.63 59.81 17.41
C LEU B 595 21.17 58.43 17.72
N THR B 596 20.31 57.46 18.04
CA THR B 596 20.76 56.18 18.54
C THR B 596 20.54 55.03 17.56
N GLY B 597 20.07 55.30 16.34
CA GLY B 597 19.78 54.26 15.38
C GLY B 597 18.42 53.65 15.61
N GLN B 598 18.23 53.08 16.80
CA GLN B 598 16.93 52.61 17.25
C GLN B 598 16.70 53.11 18.67
N ALA B 599 15.43 53.35 18.99
CA ALA B 599 15.02 53.76 20.33
C ALA B 599 13.98 52.78 20.84
N VAL B 600 13.93 52.64 22.16
CA VAL B 600 13.05 51.69 22.82
C VAL B 600 11.68 52.32 23.04
N TYR B 601 10.63 51.62 22.62
CA TYR B 601 9.24 51.98 22.89
C TYR B 601 8.59 50.84 23.67
N ALA B 602 7.94 51.17 24.77
CA ALA B 602 7.33 50.16 25.63
C ALA B 602 5.81 50.29 25.62
N PHE B 603 5.13 49.15 25.47
CA PHE B 603 3.69 49.03 25.69
C PHE B 603 3.47 48.28 27.00
N VAL B 604 2.74 48.89 27.92
CA VAL B 604 2.59 48.38 29.28
C VAL B 604 1.11 48.24 29.58
N THR B 605 0.71 47.06 30.07
N THR B 605 0.72 47.07 30.09
CA THR B 605 -0.66 46.83 30.50
CA THR B 605 -0.66 46.81 30.50
C THR B 605 -0.67 46.77 32.02
C THR B 605 -0.70 46.75 32.02
N MET B 606 -1.38 47.71 32.63
CA MET B 606 -1.58 47.70 34.07
C MET B 606 -2.80 46.84 34.39
N LYS B 607 -2.83 46.36 35.63
CA LYS B 607 -4.01 45.66 36.11
C LYS B 607 -5.22 46.61 36.02
N PRO B 608 -6.39 46.11 35.61
CA PRO B 608 -7.55 47.01 35.43
C PRO B 608 -7.93 47.74 36.71
N GLU B 609 -7.58 47.20 37.88
CA GLU B 609 -7.87 47.87 39.13
C GLU B 609 -6.91 49.03 39.44
N PHE B 610 -5.88 49.23 38.62
CA PHE B 610 -4.95 50.33 38.85
C PHE B 610 -5.63 51.65 38.52
N ASP B 611 -5.62 52.59 39.47
CA ASP B 611 -6.31 53.87 39.32
C ASP B 611 -5.43 54.82 38.51
N LEU B 612 -5.76 54.99 37.23
CA LEU B 612 -5.03 55.91 36.35
C LEU B 612 -5.43 57.37 36.54
N LYS B 613 -6.47 57.65 37.33
CA LYS B 613 -6.79 59.04 37.64
C LYS B 613 -6.08 59.50 38.89
N ALA B 614 -6.04 58.66 39.92
CA ALA B 614 -5.31 59.02 41.14
C ALA B 614 -3.82 59.08 40.89
N THR B 615 -3.31 58.21 40.02
CA THR B 615 -1.90 58.17 39.66
C THR B 615 -1.73 58.77 38.27
N LYS B 616 -0.88 59.79 38.17
CA LYS B 616 -0.65 60.43 36.88
C LYS B 616 0.05 59.46 35.92
N GLU B 617 -0.39 59.48 34.67
CA GLU B 617 0.27 58.65 33.65
C GLU B 617 1.71 59.10 33.43
N ALA B 618 1.95 60.42 33.41
CA ALA B 618 3.31 60.93 33.24
C ALA B 618 4.21 60.52 34.41
N ASP B 619 3.65 60.48 35.62
CA ASP B 619 4.42 60.02 36.78
C ASP B 619 4.66 58.52 36.72
N LEU B 620 3.65 57.75 36.31
CA LEU B 620 3.85 56.31 36.17
C LEU B 620 4.87 55.98 35.08
N SER B 621 4.78 56.67 33.94
CA SER B 621 5.74 56.44 32.86
C SER B 621 7.16 56.75 33.29
N LYS B 622 7.34 57.81 34.07
CA LYS B 622 8.68 58.17 34.53
C LYS B 622 9.26 57.10 35.42
N GLU B 623 8.47 56.57 36.37
CA GLU B 623 8.98 55.52 37.24
C GLU B 623 9.32 54.26 36.45
N LEU B 624 8.52 53.94 35.45
CA LEU B 624 8.81 52.77 34.62
C LEU B 624 10.12 52.95 33.86
N ALA B 625 10.34 54.13 33.29
CA ALA B 625 11.60 54.38 32.59
C ALA B 625 12.78 54.33 33.55
N ILE B 626 12.63 54.90 34.75
CA ILE B 626 13.71 54.87 35.73
C ILE B 626 14.02 53.44 36.14
N GLN B 627 12.99 52.62 36.31
CA GLN B 627 13.21 51.22 36.65
C GLN B 627 14.07 50.52 35.60
N VAL B 628 13.80 50.76 34.32
CA VAL B 628 14.63 50.18 33.27
C VAL B 628 16.05 50.73 33.34
N ARG B 629 16.18 52.05 33.55
CA ARG B 629 17.49 52.66 33.64
C ARG B 629 18.29 52.08 34.80
N LYS B 630 17.65 51.87 35.96
CA LYS B 630 18.33 51.32 37.12
C LYS B 630 18.77 49.88 36.90
N VAL B 631 17.95 49.08 36.23
CA VAL B 631 18.20 47.65 36.17
C VAL B 631 19.07 47.27 34.98
N ILE B 632 18.89 47.92 33.83
CA ILE B 632 19.60 47.56 32.61
C ILE B 632 20.62 48.62 32.22
N GLY B 633 20.22 49.88 32.19
CA GLY B 633 21.13 50.96 31.87
C GLY B 633 20.46 52.08 31.10
N PRO B 634 21.13 53.22 31.00
CA PRO B 634 20.50 54.37 30.31
C PRO B 634 20.12 54.09 28.86
N PHE B 635 20.88 53.27 28.13
CA PHE B 635 20.55 53.07 26.72
C PHE B 635 19.23 52.35 26.54
N ALA B 636 18.81 51.58 27.54
CA ALA B 636 17.61 50.76 27.48
C ALA B 636 16.35 51.48 27.91
N ALA B 637 16.48 52.68 28.47
CA ALA B 637 15.32 53.38 29.00
C ALA B 637 14.36 53.71 27.86
N PRO B 638 13.08 53.35 27.98
CA PRO B 638 12.14 53.63 26.89
C PRO B 638 12.06 55.12 26.58
N LYS B 639 12.16 55.45 25.29
CA LYS B 639 11.94 56.80 24.82
C LYS B 639 10.48 57.20 24.95
N LYS B 640 9.55 56.25 24.84
CA LYS B 640 8.14 56.52 25.03
C LYS B 640 7.48 55.28 25.59
N ILE B 641 6.47 55.50 26.43
CA ILE B 641 5.75 54.41 27.07
C ILE B 641 4.26 54.59 26.80
N TYR B 642 3.60 53.53 26.35
CA TYR B 642 2.17 53.56 26.08
C TYR B 642 1.46 52.62 27.03
N LEU B 643 0.48 53.16 27.75
CA LEU B 643 -0.36 52.36 28.63
C LEU B 643 -1.55 51.85 27.82
N VAL B 644 -1.69 50.53 27.74
CA VAL B 644 -2.76 49.93 26.95
C VAL B 644 -3.49 48.94 27.84
N SER B 645 -4.75 48.68 27.50
CA SER B 645 -5.53 47.75 28.30
C SER B 645 -5.17 46.30 28.02
N ASP B 646 -4.58 46.02 26.86
CA ASP B 646 -4.18 44.67 26.47
C ASP B 646 -3.14 44.79 25.36
N LEU B 647 -2.51 43.67 25.05
CA LEU B 647 -1.50 43.62 24.00
C LEU B 647 -1.97 42.71 22.88
N PRO B 648 -1.55 42.98 21.64
CA PRO B 648 -1.89 42.09 20.52
C PRO B 648 -1.18 40.75 20.71
N LYS B 649 -1.97 39.67 20.81
CA LYS B 649 -1.45 38.35 21.10
C LYS B 649 -2.06 37.33 20.15
N THR B 650 -1.29 36.28 19.85
CA THR B 650 -1.85 35.16 19.14
C THR B 650 -2.69 34.33 20.10
N ARG B 651 -3.47 33.40 19.54
CA ARG B 651 -4.26 32.50 20.37
C ARG B 651 -3.39 31.65 21.27
N SER B 652 -2.17 31.32 20.83
CA SER B 652 -1.24 30.59 21.68
C SER B 652 -0.65 31.44 22.80
N GLY B 653 -0.78 32.76 22.72
CA GLY B 653 -0.29 33.65 23.76
C GLY B 653 0.95 34.43 23.41
N LYS B 654 1.46 34.29 22.19
CA LYS B 654 2.63 35.05 21.78
C LYS B 654 2.24 36.51 21.59
N ILE B 655 3.04 37.42 22.15
CA ILE B 655 2.81 38.85 21.97
C ILE B 655 3.33 39.24 20.60
N MET B 656 2.48 39.90 19.81
CA MET B 656 2.82 40.18 18.41
C MET B 656 3.62 41.47 18.34
N ARG B 657 4.90 41.38 18.71
CA ARG B 657 5.75 42.57 18.72
C ARG B 657 5.98 43.11 17.31
N ARG B 658 5.91 42.24 16.29
CA ARG B 658 6.01 42.73 14.92
C ARG B 658 4.87 43.69 14.61
N VAL B 659 3.66 43.39 15.09
CA VAL B 659 2.53 44.31 14.91
C VAL B 659 2.82 45.63 15.61
N LEU B 660 3.27 45.57 16.86
CA LEU B 660 3.55 46.81 17.61
C LEU B 660 4.65 47.62 16.93
N ARG B 661 5.70 46.95 16.45
CA ARG B 661 6.81 47.64 15.80
C ARG B 661 6.34 48.39 14.55
N LYS B 662 5.50 47.76 13.74
CA LYS B 662 5.04 48.41 12.52
C LYS B 662 4.11 49.58 12.82
N ILE B 663 3.28 49.47 13.87
CA ILE B 663 2.42 50.58 14.26
C ILE B 663 3.27 51.76 14.74
N VAL B 664 4.30 51.48 15.55
CA VAL B 664 5.18 52.55 16.00
C VAL B 664 5.87 53.20 14.81
N ALA B 665 6.31 52.39 13.84
CA ALA B 665 6.91 52.93 12.62
C ALA B 665 5.92 53.62 11.71
N GLY B 666 4.68 53.74 12.16
CA GLY B 666 3.63 54.37 11.36
C GLY B 666 3.23 53.59 10.13
N GLU B 667 3.24 52.25 10.21
CA GLU B 667 2.87 51.38 9.11
C GLU B 667 1.67 50.53 9.49
N GLY B 668 0.72 51.13 10.20
CA GLY B 668 -0.48 50.45 10.63
C GLY B 668 -1.42 50.01 9.52
N ASP B 669 -1.02 50.21 8.26
CA ASP B 669 -1.80 49.76 7.12
C ASP B 669 -1.30 48.46 6.51
N GLN B 670 0.01 48.23 6.53
CA GLN B 670 0.63 47.06 5.90
C GLN B 670 0.85 45.92 6.89
N LEU B 671 -0.05 45.77 7.87
CA LEU B 671 0.08 44.75 8.90
C LEU B 671 -0.27 43.35 8.43
N GLY B 672 -1.01 43.21 7.34
CA GLY B 672 -1.39 41.90 6.86
C GLY B 672 -2.63 41.36 7.56
N ASP B 673 -2.72 40.03 7.58
CA ASP B 673 -3.88 39.32 8.14
C ASP B 673 -3.79 39.28 9.66
N LEU B 674 -4.65 40.07 10.33
CA LEU B 674 -4.69 40.10 11.78
C LEU B 674 -6.09 39.78 12.31
N SER B 675 -6.92 39.10 11.51
CA SER B 675 -8.31 38.87 11.89
C SER B 675 -8.48 37.70 12.86
N SER B 676 -7.46 36.86 13.03
CA SER B 676 -7.59 35.66 13.85
C SER B 676 -6.72 35.71 15.10
N ILE B 677 -6.23 36.90 15.46
CA ILE B 677 -5.49 37.05 16.71
C ILE B 677 -6.49 37.01 17.85
N ALA B 678 -5.99 36.89 19.09
CA ALA B 678 -6.87 36.67 20.23
C ALA B 678 -7.97 37.72 20.33
N ASP B 679 -7.59 39.00 20.27
CA ASP B 679 -8.53 40.12 20.30
C ASP B 679 -8.17 41.10 19.19
N PRO B 680 -8.78 40.96 18.01
CA PRO B 680 -8.41 41.86 16.89
C PRO B 680 -8.67 43.32 17.18
N GLN B 681 -9.63 43.63 18.06
CA GLN B 681 -9.96 45.04 18.32
C GLN B 681 -8.82 45.77 19.03
N ILE B 682 -8.00 45.05 19.80
CA ILE B 682 -6.94 45.70 20.55
C ILE B 682 -5.95 46.39 19.62
N VAL B 683 -5.86 45.92 18.37
CA VAL B 683 -5.00 46.58 17.39
C VAL B 683 -5.47 48.01 17.15
N GLU B 684 -6.80 48.22 17.13
CA GLU B 684 -7.33 49.57 16.98
C GLU B 684 -6.98 50.44 18.18
N GLU B 685 -7.08 49.88 19.40
CA GLU B 685 -6.77 50.66 20.60
C GLU B 685 -5.30 51.06 20.63
N VAL B 686 -4.42 50.16 20.19
CA VAL B 686 -2.99 50.48 20.18
C VAL B 686 -2.69 51.53 19.12
N LYS B 687 -3.31 51.41 17.95
CA LYS B 687 -3.11 52.41 16.91
C LYS B 687 -3.55 53.80 17.39
N GLN B 688 -4.67 53.87 18.13
CA GLN B 688 -5.13 55.14 18.68
C GLN B 688 -4.13 55.72 19.65
N LYS B 689 -3.68 54.90 20.62
CA LYS B 689 -2.84 55.39 21.71
C LYS B 689 -1.48 55.88 21.20
N VAL B 690 -1.00 55.31 20.09
CA VAL B 690 0.28 55.75 19.54
C VAL B 690 0.15 57.13 18.90
N THR B 691 -0.99 57.39 18.24
CA THR B 691 -1.23 58.68 17.61
C THR B 691 -1.85 59.67 18.59
N HIS C 25 -39.18 -35.72 30.61
CA HIS C 25 -38.25 -34.72 30.11
C HIS C 25 -38.96 -33.51 29.51
N HIS C 26 -38.53 -32.31 29.90
CA HIS C 26 -39.09 -31.11 29.30
C HIS C 26 -38.72 -30.97 27.82
N VAL C 27 -37.56 -31.47 27.42
CA VAL C 27 -37.04 -31.29 26.06
C VAL C 27 -37.06 -32.64 25.35
N HIS C 28 -37.72 -32.69 24.19
CA HIS C 28 -37.85 -33.92 23.42
C HIS C 28 -37.10 -33.84 22.08
N PRO C 29 -36.65 -34.96 21.55
CA PRO C 29 -36.08 -34.97 20.20
C PRO C 29 -37.14 -34.67 19.15
N LEU C 30 -36.68 -34.22 17.99
CA LEU C 30 -37.60 -33.99 16.88
C LEU C 30 -38.36 -35.28 16.56
N PRO C 31 -39.66 -35.20 16.27
CA PRO C 31 -40.45 -36.42 16.03
C PRO C 31 -39.84 -37.34 14.99
N ASP C 32 -39.77 -38.62 15.33
CA ASP C 32 -39.19 -39.64 14.47
C ASP C 32 -40.01 -40.91 14.61
N SER C 33 -40.03 -41.71 13.53
CA SER C 33 -40.68 -43.02 13.57
C SER C 33 -39.85 -44.06 14.28
N VAL C 34 -38.58 -43.77 14.56
CA VAL C 34 -37.65 -44.65 15.27
C VAL C 34 -37.74 -44.38 16.77
N PRO C 35 -37.83 -45.40 17.62
CA PRO C 35 -37.78 -45.16 19.06
C PRO C 35 -36.44 -44.57 19.47
N GLU C 36 -36.46 -43.82 20.58
CA GLU C 36 -35.27 -43.10 21.02
C GLU C 36 -34.11 -44.05 21.35
N SER C 37 -34.42 -45.18 21.99
CA SER C 37 -33.37 -46.12 22.42
C SER C 37 -32.62 -46.73 21.24
N GLU C 38 -33.19 -46.67 20.02
CA GLU C 38 -32.55 -47.19 18.83
C GLU C 38 -32.11 -46.06 17.88
N ASP C 39 -31.98 -44.85 18.39
CA ASP C 39 -31.76 -43.67 17.54
C ASP C 39 -30.43 -42.97 17.84
N LEU C 40 -29.45 -43.67 18.39
CA LEU C 40 -28.13 -43.11 18.62
C LEU C 40 -27.14 -43.85 17.72
N PHE C 41 -26.43 -43.09 16.87
CA PHE C 41 -25.63 -43.68 15.81
C PHE C 41 -24.16 -43.32 16.04
N ALA C 42 -23.40 -44.30 16.54
CA ALA C 42 -21.98 -44.14 16.78
C ALA C 42 -21.24 -43.96 15.44
N PRO C 43 -20.06 -43.35 15.47
CA PRO C 43 -19.26 -43.22 14.25
C PRO C 43 -19.08 -44.57 13.57
N PRO C 44 -19.40 -44.66 12.30
CA PRO C 44 -19.36 -45.97 11.60
C PRO C 44 -17.94 -46.37 11.25
N PRO C 45 -17.73 -47.63 10.83
CA PRO C 45 -16.36 -48.10 10.54
C PRO C 45 -15.58 -47.22 9.57
N ARG C 46 -16.23 -46.64 8.56
CA ARG C 46 -15.52 -45.74 7.65
C ARG C 46 -14.94 -44.52 8.38
N MET C 47 -15.49 -44.16 9.54
CA MET C 47 -14.98 -43.06 10.35
C MET C 47 -14.18 -43.54 11.56
N GLN C 48 -13.75 -44.80 11.58
CA GLN C 48 -12.90 -45.34 12.63
C GLN C 48 -11.50 -45.66 12.15
N GLY C 49 -11.13 -45.20 10.96
CA GLY C 49 -9.85 -45.59 10.39
C GLY C 49 -9.81 -47.00 9.83
N LYS C 50 -10.95 -47.66 9.71
CA LYS C 50 -10.99 -49.02 9.17
C LYS C 50 -11.31 -48.97 7.68
N GLU C 51 -11.23 -50.16 7.06
CA GLU C 51 -11.51 -50.35 5.64
C GLU C 51 -10.66 -49.41 4.78
N GLY C 52 -9.45 -49.13 5.24
CA GLY C 52 -8.52 -48.29 4.49
C GLY C 52 -8.76 -46.81 4.58
N ARG C 53 -9.77 -46.35 5.34
CA ARG C 53 -10.04 -44.92 5.42
C ARG C 53 -9.04 -44.22 6.35
N PRO C 54 -8.78 -42.93 6.13
CA PRO C 54 -7.85 -42.22 7.01
C PRO C 54 -8.39 -42.10 8.42
N LYS C 55 -7.48 -42.09 9.38
CA LYS C 55 -7.86 -41.97 10.78
C LYS C 55 -8.45 -40.59 11.04
N PRO C 56 -9.52 -40.50 11.83
CA PRO C 56 -10.10 -39.19 12.10
C PRO C 56 -9.12 -38.30 12.85
N HIS C 57 -9.25 -36.98 12.61
CA HIS C 57 -8.43 -36.01 13.32
C HIS C 57 -8.80 -35.92 14.79
N ILE C 58 -10.08 -36.09 15.10
CA ILE C 58 -10.57 -36.12 16.48
C ILE C 58 -11.37 -37.40 16.65
N GLY C 59 -11.07 -38.14 17.71
CA GLY C 59 -11.77 -39.35 18.02
C GLY C 59 -11.12 -40.07 19.19
N PRO C 60 -11.72 -41.19 19.59
CA PRO C 60 -12.86 -41.86 18.95
C PRO C 60 -14.19 -41.60 19.65
N ASN C 61 -14.30 -40.69 20.62
CA ASN C 61 -15.53 -40.56 21.39
C ASN C 61 -15.76 -39.10 21.75
N TYR C 62 -16.83 -38.89 22.53
CA TYR C 62 -17.21 -37.56 22.95
C TYR C 62 -16.12 -36.90 23.80
N GLU C 63 -15.45 -37.69 24.66
CA GLU C 63 -14.42 -37.11 25.51
C GLU C 63 -13.26 -36.56 24.70
N SER C 64 -12.89 -37.21 23.59
CA SER C 64 -11.81 -36.65 22.77
C SER C 64 -12.22 -35.30 22.18
N TYR C 65 -13.50 -35.15 21.83
CA TYR C 65 -13.98 -33.85 21.37
C TYR C 65 -13.94 -32.82 22.50
N VAL C 66 -14.47 -33.17 23.68
CA VAL C 66 -14.54 -32.19 24.75
C VAL C 66 -13.14 -31.79 25.23
N LYS C 67 -12.21 -32.75 25.25
CA LYS C 67 -10.85 -32.45 25.69
C LYS C 67 -10.20 -31.43 24.77
N GLU C 68 -10.38 -31.57 23.46
CA GLU C 68 -9.82 -30.59 22.54
C GLU C 68 -10.61 -29.28 22.57
N TRP C 69 -11.94 -29.37 22.64
CA TRP C 69 -12.77 -28.17 22.62
C TRP C 69 -12.44 -27.25 23.80
N ALA C 70 -12.22 -27.83 24.98
CA ALA C 70 -11.92 -27.04 26.15
C ALA C 70 -10.65 -26.21 25.98
N LYS C 71 -9.76 -26.60 25.05
CA LYS C 71 -8.58 -25.80 24.78
C LYS C 71 -8.89 -24.55 23.97
N THR C 72 -10.07 -24.47 23.36
CA THR C 72 -10.38 -23.43 22.38
C THR C 72 -11.29 -22.34 22.92
N VAL C 73 -11.80 -22.50 24.14
CA VAL C 73 -12.70 -21.54 24.77
C VAL C 73 -12.18 -21.26 26.17
N GLY C 74 -12.64 -20.14 26.73
CA GLY C 74 -12.23 -19.74 28.05
C GLY C 74 -11.03 -18.81 28.02
N PRO C 75 -10.58 -18.39 29.21
CA PRO C 75 -9.54 -17.36 29.30
C PRO C 75 -8.13 -17.86 29.00
N ASN C 76 -7.92 -19.17 28.77
CA ASN C 76 -6.60 -19.69 28.47
C ASN C 76 -6.51 -20.27 27.06
N SER C 77 -7.39 -19.88 26.16
CA SER C 77 -7.41 -20.44 24.83
C SER C 77 -6.59 -19.66 23.81
N ASP C 78 -6.00 -18.51 24.18
CA ASP C 78 -5.17 -17.77 23.22
C ASP C 78 -4.04 -18.65 22.69
N GLU C 79 -3.44 -19.47 23.56
CA GLU C 79 -2.34 -20.33 23.14
C GLU C 79 -2.75 -21.23 21.98
N TRP C 80 -3.90 -21.89 22.12
CA TRP C 80 -4.37 -22.80 21.07
C TRP C 80 -4.66 -22.05 19.78
N TRP C 81 -5.33 -20.91 19.87
CA TRP C 81 -5.71 -20.18 18.66
C TRP C 81 -4.50 -19.60 17.94
N ALA C 82 -3.51 -19.11 18.71
CA ALA C 82 -2.31 -18.58 18.08
C ALA C 82 -1.59 -19.69 17.31
N ALA C 83 -1.47 -20.86 17.93
CA ALA C 83 -0.79 -21.98 17.27
C ALA C 83 -1.56 -22.41 16.02
N LYS C 84 -2.88 -22.57 16.12
CA LYS C 84 -3.66 -22.97 14.96
C LYS C 84 -3.54 -21.96 13.83
N ALA C 85 -3.59 -20.66 14.15
CA ALA C 85 -3.47 -19.64 13.12
C ALA C 85 -2.12 -19.72 12.40
N ARG C 86 -1.04 -19.90 13.16
CA ARG C 86 0.28 -19.96 12.56
C ARG C 86 0.52 -21.28 11.84
N GLU C 87 -0.12 -22.36 12.30
CA GLU C 87 0.03 -23.66 11.65
C GLU C 87 -0.78 -23.79 10.36
N THR C 88 -1.94 -23.15 10.30
CA THR C 88 -2.93 -23.37 9.26
C THR C 88 -2.77 -22.44 8.07
N LEU C 89 -2.30 -21.21 8.29
CA LEU C 89 -2.22 -20.23 7.23
C LEU C 89 -0.77 -19.78 7.03
N ASP C 90 -0.47 -19.34 5.82
CA ASP C 90 0.80 -18.68 5.52
C ASP C 90 0.63 -17.17 5.73
N TRP C 91 1.51 -16.58 6.52
CA TRP C 91 1.44 -15.15 6.85
C TRP C 91 2.62 -14.42 6.23
N TYR C 92 2.37 -13.21 5.70
CA TYR C 92 3.50 -12.37 5.31
C TYR C 92 4.14 -11.72 6.54
N ASP C 93 3.33 -11.25 7.48
CA ASP C 93 3.79 -10.67 8.73
C ASP C 93 3.06 -11.37 9.86
N ASP C 94 3.80 -11.71 10.91
CA ASP C 94 3.22 -12.37 12.05
C ASP C 94 2.33 -11.39 12.83
N PHE C 95 1.37 -11.93 13.57
CA PHE C 95 0.60 -11.13 14.50
C PHE C 95 1.25 -11.17 15.87
N LYS C 96 0.87 -10.20 16.71
CA LYS C 96 1.26 -10.15 18.10
C LYS C 96 0.08 -10.45 19.00
N THR C 97 -1.05 -9.78 18.77
CA THR C 97 -2.24 -9.93 19.58
C THR C 97 -3.14 -11.04 19.02
N VAL C 98 -3.61 -11.93 19.90
CA VAL C 98 -4.52 -12.98 19.43
C VAL C 98 -5.93 -12.44 19.20
N ARG C 99 -6.52 -11.77 20.19
CA ARG C 99 -7.89 -11.32 20.05
C ARG C 99 -8.09 -10.06 20.86
N ALA C 100 -9.08 -9.26 20.43
CA ALA C 100 -9.49 -8.07 21.15
C ALA C 100 -10.89 -7.68 20.70
N GLY C 101 -11.44 -6.66 21.34
CA GLY C 101 -12.76 -6.17 20.98
C GLY C 101 -13.86 -7.06 21.53
N GLY C 102 -15.09 -6.77 21.09
CA GLY C 102 -16.22 -7.49 21.65
C GLY C 102 -17.51 -7.14 20.96
N PHE C 103 -18.59 -7.75 21.47
CA PHE C 103 -19.93 -7.61 20.91
C PHE C 103 -20.48 -6.19 21.07
N GLU C 104 -20.28 -5.59 22.25
CA GLU C 104 -21.08 -4.40 22.63
C GLU C 104 -20.93 -3.28 21.60
N HIS C 105 -19.71 -3.02 21.14
CA HIS C 105 -19.45 -1.99 20.15
C HIS C 105 -19.11 -2.55 18.77
N GLY C 106 -19.04 -3.88 18.62
CA GLY C 106 -18.69 -4.42 17.32
C GLY C 106 -17.33 -3.98 16.85
N ASP C 107 -16.31 -4.26 17.66
CA ASP C 107 -14.91 -3.98 17.33
C ASP C 107 -14.09 -5.25 17.43
N VAL C 108 -14.67 -6.38 17.00
CA VAL C 108 -14.01 -7.66 17.14
C VAL C 108 -12.72 -7.67 16.33
N GLN C 109 -11.63 -8.10 16.96
CA GLN C 109 -10.32 -8.21 16.32
C GLN C 109 -9.70 -9.57 16.58
N TRP C 110 -9.13 -10.18 15.55
CA TRP C 110 -8.35 -11.40 15.67
C TRP C 110 -7.06 -11.23 14.89
N PHE C 111 -5.93 -11.60 15.51
CA PHE C 111 -4.61 -11.52 14.89
C PHE C 111 -4.33 -10.16 14.23
N PRO C 112 -4.65 -9.05 14.89
CA PRO C 112 -4.74 -7.77 14.15
C PRO C 112 -3.46 -7.32 13.44
N GLU C 113 -2.28 -7.55 14.01
CA GLU C 113 -1.07 -7.04 13.40
C GLU C 113 -0.55 -7.92 12.28
N GLY C 114 -1.10 -9.12 12.09
CA GLY C 114 -0.61 -10.01 11.04
C GLY C 114 -1.05 -9.56 9.66
N THR C 115 -0.32 -10.00 8.64
CA THR C 115 -0.73 -9.77 7.26
C THR C 115 -0.65 -11.07 6.50
N LEU C 116 -1.52 -11.19 5.49
CA LEU C 116 -1.65 -12.42 4.73
C LEU C 116 -2.43 -12.10 3.47
N ASN C 117 -2.62 -13.10 2.62
CA ASN C 117 -3.52 -12.95 1.50
C ASN C 117 -4.30 -14.25 1.32
N ALA C 118 -5.62 -14.14 1.13
CA ALA C 118 -6.46 -15.33 1.00
C ALA C 118 -6.13 -16.12 -0.27
N ALA C 119 -5.89 -15.43 -1.39
CA ALA C 119 -5.58 -16.13 -2.62
C ALA C 119 -4.24 -16.87 -2.50
N TYR C 120 -3.27 -16.27 -1.81
CA TYR C 120 -2.01 -16.97 -1.59
C TYR C 120 -2.25 -18.28 -0.84
N ASN C 121 -3.13 -18.25 0.16
CA ASN C 121 -3.39 -19.44 0.97
C ASN C 121 -4.27 -20.45 0.26
N CYS C 122 -5.11 -20.02 -0.67
CA CYS C 122 -5.97 -20.96 -1.36
C CYS C 122 -5.39 -21.47 -2.67
N LEU C 123 -4.45 -20.73 -3.28
CA LEU C 123 -3.87 -21.12 -4.57
C LEU C 123 -2.36 -21.25 -4.54
N ASP C 124 -1.64 -20.16 -4.30
CA ASP C 124 -0.20 -20.10 -4.61
C ASP C 124 0.56 -21.17 -3.85
N ARG C 125 0.32 -21.26 -2.54
CA ARG C 125 1.12 -22.18 -1.72
C ARG C 125 0.87 -23.62 -2.13
N HIS C 126 -0.34 -23.94 -2.61
CA HIS C 126 -0.59 -25.30 -3.10
C HIS C 126 -0.05 -25.50 -4.50
N TYR C 127 -0.14 -24.45 -5.32
CA TYR C 127 0.45 -24.50 -6.66
C TYR C 127 1.97 -24.70 -6.58
N TYR C 128 2.63 -24.06 -5.63
CA TYR C 128 4.07 -24.26 -5.47
C TYR C 128 4.42 -25.68 -5.02
N LYS C 129 3.48 -26.38 -4.38
CA LYS C 129 3.76 -27.72 -3.90
C LYS C 129 3.34 -28.79 -4.91
N ASN C 130 2.15 -28.68 -5.49
CA ASN C 130 1.66 -29.68 -6.44
C ASN C 130 0.77 -29.01 -7.47
N PRO C 131 1.37 -28.42 -8.52
CA PRO C 131 0.58 -27.64 -9.48
C PRO C 131 -0.46 -28.44 -10.22
N LYS C 132 -0.24 -29.74 -10.47
CA LYS C 132 -1.16 -30.54 -11.27
C LYS C 132 -2.26 -31.20 -10.46
N LYS C 133 -2.25 -31.05 -9.13
CA LYS C 133 -3.34 -31.57 -8.31
C LYS C 133 -4.63 -30.86 -8.69
N THR C 134 -5.74 -31.58 -8.69
CA THR C 134 -7.04 -30.99 -9.03
C THR C 134 -7.52 -30.06 -7.92
N ALA C 135 -7.76 -28.81 -8.27
CA ALA C 135 -8.40 -27.89 -7.33
C ALA C 135 -9.91 -28.02 -7.38
N ILE C 136 -10.49 -28.05 -8.58
CA ILE C 136 -11.93 -28.02 -8.77
C ILE C 136 -12.36 -29.17 -9.67
N ILE C 137 -13.30 -29.97 -9.19
CA ILE C 137 -14.06 -30.85 -10.07
C ILE C 137 -15.24 -30.03 -10.56
N TYR C 138 -15.21 -29.65 -11.83
CA TYR C 138 -16.29 -28.85 -12.42
C TYR C 138 -17.34 -29.80 -12.98
N GLU C 139 -18.44 -29.96 -12.26
CA GLU C 139 -19.56 -30.78 -12.73
C GLU C 139 -20.52 -29.84 -13.47
N ALA C 140 -20.43 -29.85 -14.79
CA ALA C 140 -21.19 -28.98 -15.67
C ALA C 140 -22.65 -29.38 -15.68
N ASP C 141 -23.51 -28.46 -16.14
CA ASP C 141 -24.94 -28.75 -16.19
C ASP C 141 -25.21 -30.00 -17.00
N GLU C 142 -24.53 -30.15 -18.14
CA GLU C 142 -24.53 -31.42 -18.87
C GLU C 142 -23.41 -32.29 -18.34
N PRO C 143 -23.69 -33.50 -17.85
CA PRO C 143 -22.65 -34.31 -17.21
C PRO C 143 -21.44 -34.56 -18.09
N SER C 144 -21.63 -34.70 -19.41
CA SER C 144 -20.53 -35.02 -20.31
C SER C 144 -19.50 -33.89 -20.43
N GLU C 145 -19.83 -32.68 -19.98
CA GLU C 145 -18.92 -31.54 -20.07
C GLU C 145 -18.12 -31.32 -18.80
N SER C 146 -18.22 -32.21 -17.82
CA SER C 146 -17.49 -32.03 -16.58
C SER C 146 -15.99 -32.26 -16.77
N ARG C 147 -15.18 -31.60 -15.95
CA ARG C 147 -13.74 -31.80 -16.05
C ARG C 147 -13.08 -31.34 -14.76
N GLU C 148 -11.81 -31.74 -14.61
CA GLU C 148 -10.98 -31.33 -13.48
C GLU C 148 -10.22 -30.06 -13.84
N VAL C 149 -10.13 -29.14 -12.88
CA VAL C 149 -9.35 -27.92 -13.04
C VAL C 149 -8.20 -27.99 -12.04
N SER C 150 -6.97 -27.96 -12.54
CA SER C 150 -5.82 -28.07 -11.66
C SER C 150 -5.62 -26.78 -10.87
N TYR C 151 -4.82 -26.88 -9.81
CA TYR C 151 -4.41 -25.67 -9.09
C TYR C 151 -3.67 -24.73 -10.01
N GLU C 152 -2.84 -25.26 -10.91
CA GLU C 152 -2.13 -24.41 -11.86
C GLU C 152 -3.11 -23.62 -12.73
N GLU C 153 -4.09 -24.30 -13.33
CA GLU C 153 -5.04 -23.61 -14.20
C GLU C 153 -5.88 -22.60 -13.41
N LEU C 154 -6.32 -22.97 -12.21
CA LEU C 154 -7.12 -22.06 -11.40
C LEU C 154 -6.31 -20.84 -10.97
N MET C 155 -5.05 -21.05 -10.59
CA MET C 155 -4.21 -19.93 -10.22
C MET C 155 -3.96 -18.99 -11.40
N GLN C 156 -3.70 -19.56 -12.59
CA GLN C 156 -3.47 -18.75 -13.78
C GLN C 156 -4.70 -17.93 -14.14
N GLU C 157 -5.87 -18.57 -14.14
CA GLU C 157 -7.09 -17.84 -14.43
C GLU C 157 -7.36 -16.75 -13.42
N THR C 158 -7.14 -17.06 -12.13
CA THR C 158 -7.31 -16.06 -11.07
C THR C 158 -6.39 -14.88 -11.32
N CYS C 159 -5.12 -15.14 -11.67
CA CYS C 159 -4.19 -14.03 -11.87
C CYS C 159 -4.56 -13.19 -13.08
N ARG C 160 -5.02 -13.81 -14.16
CA ARG C 160 -5.44 -13.03 -15.33
C ARG C 160 -6.59 -12.11 -14.96
N VAL C 161 -7.59 -12.64 -14.26
CA VAL C 161 -8.71 -11.80 -13.85
C VAL C 161 -8.24 -10.70 -12.91
N ALA C 162 -7.36 -11.03 -11.97
CA ALA C 162 -6.86 -10.01 -11.05
C ALA C 162 -6.15 -8.91 -11.82
N ASN C 163 -5.36 -9.27 -12.84
CA ASN C 163 -4.69 -8.26 -13.67
C ASN C 163 -5.71 -7.41 -14.44
N VAL C 164 -6.80 -8.02 -14.90
CA VAL C 164 -7.84 -7.25 -15.59
C VAL C 164 -8.47 -6.23 -14.64
N LEU C 165 -8.80 -6.66 -13.42
CA LEU C 165 -9.39 -5.75 -12.43
C LEU C 165 -8.44 -4.58 -12.12
N LYS C 166 -7.15 -4.87 -11.93
CA LYS C 166 -6.21 -3.77 -11.69
C LYS C 166 -6.19 -2.80 -12.86
N SER C 167 -6.31 -3.31 -14.09
CA SER C 167 -6.30 -2.45 -15.26
C SER C 167 -7.53 -1.56 -15.34
N TYR C 168 -8.60 -1.92 -14.63
CA TYR C 168 -9.79 -1.06 -14.50
C TYR C 168 -9.66 -0.05 -13.38
N GLY C 169 -8.53 -0.02 -12.67
CA GLY C 169 -8.34 0.88 -11.56
C GLY C 169 -8.87 0.37 -10.23
N VAL C 170 -9.20 -0.92 -10.10
CA VAL C 170 -9.63 -1.45 -8.82
C VAL C 170 -8.45 -1.44 -7.85
N LYS C 171 -8.64 -0.84 -6.68
CA LYS C 171 -7.63 -0.74 -5.65
C LYS C 171 -8.03 -1.59 -4.45
N LYS C 172 -7.06 -1.80 -3.57
CA LYS C 172 -7.33 -2.43 -2.28
C LYS C 172 -8.48 -1.73 -1.57
N GLY C 173 -9.45 -2.51 -1.10
CA GLY C 173 -10.62 -1.97 -0.42
C GLY C 173 -11.79 -1.62 -1.31
N ASP C 174 -11.62 -1.64 -2.63
CA ASP C 174 -12.74 -1.41 -3.54
C ASP C 174 -13.62 -2.65 -3.60
N ALA C 175 -14.93 -2.45 -3.69
CA ALA C 175 -15.86 -3.55 -3.82
C ALA C 175 -16.01 -3.97 -5.27
N VAL C 176 -16.24 -5.26 -5.50
CA VAL C 176 -16.50 -5.78 -6.85
C VAL C 176 -17.71 -6.69 -6.77
N SER C 177 -18.74 -6.40 -7.58
CA SER C 177 -19.92 -7.27 -7.61
C SER C 177 -19.68 -8.43 -8.54
N ILE C 178 -20.18 -9.60 -8.15
CA ILE C 178 -20.06 -10.83 -8.92
C ILE C 178 -21.46 -11.40 -9.11
N TYR C 179 -21.89 -11.52 -10.36
CA TYR C 179 -23.19 -12.09 -10.66
C TYR C 179 -22.93 -13.25 -11.61
N LEU C 180 -22.50 -14.38 -11.03
CA LEU C 180 -22.01 -15.53 -11.80
C LEU C 180 -22.75 -16.78 -11.37
N PRO C 181 -23.14 -17.62 -12.32
CA PRO C 181 -23.69 -18.93 -11.98
C PRO C 181 -22.56 -19.90 -11.62
N MET C 182 -22.93 -21.15 -11.38
CA MET C 182 -22.00 -22.15 -10.82
C MET C 182 -21.13 -22.78 -11.91
N THR C 183 -20.36 -21.94 -12.57
CA THR C 183 -19.27 -22.45 -13.38
C THR C 183 -17.96 -22.26 -12.63
N TRP C 184 -16.94 -23.04 -12.98
CA TRP C 184 -15.75 -23.07 -12.12
C TRP C 184 -15.04 -21.73 -12.08
N GLN C 185 -15.20 -20.89 -13.11
CA GLN C 185 -14.54 -19.59 -13.09
C GLN C 185 -15.05 -18.68 -11.99
N ALA C 186 -16.22 -18.99 -11.40
CA ALA C 186 -16.70 -18.19 -10.27
C ALA C 186 -15.68 -18.19 -9.13
N ALA C 187 -15.01 -19.33 -8.90
CA ALA C 187 -13.94 -19.36 -7.91
C ALA C 187 -12.78 -18.45 -8.31
N ALA C 188 -12.42 -18.44 -9.59
CA ALA C 188 -11.37 -17.54 -10.04
C ALA C 188 -11.76 -16.09 -9.79
N ALA C 189 -13.04 -15.77 -10.00
CA ALA C 189 -13.48 -14.39 -9.80
C ALA C 189 -13.41 -14.00 -8.32
N PHE C 190 -13.90 -14.86 -7.42
CA PHE C 190 -13.77 -14.58 -5.99
C PHE C 190 -12.31 -14.35 -5.62
N LEU C 191 -11.44 -15.29 -6.02
CA LEU C 191 -10.06 -15.24 -5.58
C LEU C 191 -9.28 -14.13 -6.26
N ALA C 192 -9.70 -13.72 -7.46
CA ALA C 192 -9.04 -12.58 -8.08
C ALA C 192 -9.29 -11.32 -7.24
N CYS C 193 -10.50 -11.17 -6.72
CA CYS C 193 -10.76 -10.04 -5.83
C CYS C 193 -9.94 -10.14 -4.56
N ALA C 194 -9.93 -11.33 -3.94
CA ALA C 194 -9.13 -11.51 -2.74
C ALA C 194 -7.66 -11.24 -3.02
N ARG C 195 -7.19 -11.60 -4.21
CA ARG C 195 -5.77 -11.48 -4.51
C ARG C 195 -5.30 -10.03 -4.46
N ILE C 196 -6.13 -9.10 -4.91
CA ILE C 196 -5.77 -7.69 -4.99
C ILE C 196 -6.32 -6.89 -3.83
N GLY C 197 -6.96 -7.55 -2.88
CA GLY C 197 -7.53 -6.88 -1.73
C GLY C 197 -8.83 -6.17 -2.00
N ALA C 198 -9.47 -6.45 -3.13
CA ALA C 198 -10.82 -5.95 -3.36
C ALA C 198 -11.82 -6.78 -2.58
N ILE C 199 -13.01 -6.24 -2.40
CA ILE C 199 -14.05 -6.85 -1.58
C ILE C 199 -15.10 -7.39 -2.53
N HIS C 200 -15.17 -8.70 -2.69
CA HIS C 200 -16.18 -9.21 -3.60
C HIS C 200 -17.55 -9.24 -2.93
N SER C 201 -18.58 -9.04 -3.75
CA SER C 201 -19.98 -9.14 -3.32
C SER C 201 -20.73 -10.02 -4.33
N ALA C 202 -20.89 -11.30 -4.00
CA ALA C 202 -21.52 -12.27 -4.90
C ALA C 202 -23.03 -12.29 -4.72
N VAL C 203 -23.75 -12.25 -5.84
CA VAL C 203 -25.21 -12.27 -5.87
C VAL C 203 -25.64 -13.48 -6.68
N PHE C 204 -26.55 -14.28 -6.12
CA PHE C 204 -27.10 -15.44 -6.80
C PHE C 204 -27.43 -15.15 -8.25
N ALA C 205 -26.86 -15.92 -9.17
CA ALA C 205 -27.29 -15.84 -10.56
C ALA C 205 -28.76 -16.21 -10.64
N GLY C 206 -29.55 -15.38 -11.33
CA GLY C 206 -30.98 -15.54 -11.37
C GLY C 206 -31.76 -14.58 -10.48
N PHE C 207 -31.09 -13.86 -9.58
CA PHE C 207 -31.78 -12.79 -8.87
C PHE C 207 -32.27 -11.75 -9.86
N SER C 208 -33.40 -11.11 -9.53
CA SER C 208 -34.03 -10.17 -10.43
C SER C 208 -33.18 -8.91 -10.60
N ALA C 209 -33.48 -8.15 -11.65
CA ALA C 209 -32.76 -6.90 -11.88
C ALA C 209 -32.91 -5.95 -10.71
N GLU C 210 -34.10 -5.93 -10.08
CA GLU C 210 -34.32 -5.05 -8.94
C GLU C 210 -33.48 -5.47 -7.74
N SER C 211 -33.44 -6.77 -7.44
CA SER C 211 -32.64 -7.26 -6.32
C SER C 211 -31.14 -7.09 -6.60
N LEU C 212 -30.72 -7.34 -7.83
CA LEU C 212 -29.32 -7.13 -8.18
C LEU C 212 -28.95 -5.66 -8.05
N ARG C 213 -29.80 -4.77 -8.57
CA ARG C 213 -29.54 -3.33 -8.51
C ARG C 213 -29.32 -2.87 -7.08
N ASP C 214 -30.19 -3.29 -6.16
CA ASP C 214 -30.10 -2.81 -4.78
C ASP C 214 -28.80 -3.24 -4.13
N ARG C 215 -28.33 -4.45 -4.44
CA ARG C 215 -27.09 -4.94 -3.87
C ARG C 215 -25.87 -4.29 -4.53
N VAL C 216 -25.91 -4.08 -5.85
CA VAL C 216 -24.82 -3.40 -6.54
C VAL C 216 -24.67 -1.98 -6.01
N ASN C 217 -25.80 -1.29 -5.82
CA ASN C 217 -25.74 0.07 -5.29
C ASN C 217 -25.28 0.10 -3.82
N ASP C 218 -25.77 -0.83 -3.00
CA ASP C 218 -25.40 -0.80 -1.59
C ASP C 218 -23.90 -1.03 -1.37
N CYS C 219 -23.30 -1.95 -2.11
CA CYS C 219 -21.88 -2.20 -1.89
C CYS C 219 -20.98 -1.18 -2.58
N GLU C 220 -21.54 -0.35 -3.46
CA GLU C 220 -20.83 0.76 -4.10
C GLU C 220 -19.67 0.29 -4.98
N CYS C 221 -19.79 -0.91 -5.56
CA CYS C 221 -18.77 -1.40 -6.46
C CYS C 221 -18.73 -0.57 -7.74
N LYS C 222 -17.55 -0.52 -8.37
CA LYS C 222 -17.42 0.15 -9.66
C LYS C 222 -17.22 -0.84 -10.80
N VAL C 223 -17.12 -2.13 -10.49
CA VAL C 223 -16.93 -3.18 -11.47
C VAL C 223 -17.89 -4.32 -11.15
N LEU C 224 -18.45 -4.93 -12.20
CA LEU C 224 -19.32 -6.09 -12.07
C LEU C 224 -18.82 -7.19 -13.01
N ILE C 225 -18.81 -8.43 -12.52
CA ILE C 225 -18.38 -9.61 -13.27
C ILE C 225 -19.57 -10.52 -13.44
N THR C 226 -19.84 -10.96 -14.67
CA THR C 226 -21.03 -11.77 -14.91
C THR C 226 -20.78 -12.69 -16.12
N THR C 227 -21.83 -13.39 -16.55
CA THR C 227 -21.82 -14.28 -17.70
C THR C 227 -22.75 -13.73 -18.77
N ASP C 228 -22.59 -14.25 -20.00
CA ASP C 228 -23.61 -13.98 -21.02
C ASP C 228 -24.94 -14.61 -20.61
N GLU C 229 -24.89 -15.88 -20.21
CA GLU C 229 -26.03 -16.63 -19.72
C GLU C 229 -25.53 -17.68 -18.74
N GLY C 230 -26.42 -18.12 -17.86
CA GLY C 230 -26.14 -19.28 -17.05
C GLY C 230 -26.91 -20.48 -17.54
N ARG C 231 -26.50 -21.67 -17.11
N ARG C 231 -26.51 -21.67 -17.10
CA ARG C 231 -27.20 -22.92 -17.43
CA ARG C 231 -27.19 -22.92 -17.46
C ARG C 231 -27.36 -23.70 -16.13
C ARG C 231 -27.34 -23.75 -16.20
N ARG C 232 -28.61 -23.98 -15.76
N ARG C 232 -28.57 -23.99 -15.77
CA ARG C 232 -28.90 -24.76 -14.56
CA ARG C 232 -28.85 -24.79 -14.58
C ARG C 232 -30.12 -25.63 -14.83
C ARG C 232 -30.09 -25.63 -14.84
N GLY C 233 -29.93 -26.95 -14.73
CA GLY C 233 -31.03 -27.86 -14.96
C GLY C 233 -31.60 -27.79 -16.36
N GLY C 234 -30.75 -27.53 -17.36
CA GLY C 234 -31.25 -27.40 -18.71
C GLY C 234 -32.03 -26.13 -19.00
N LYS C 235 -32.03 -25.18 -18.09
CA LYS C 235 -32.71 -23.91 -18.30
C LYS C 235 -31.68 -22.81 -18.44
N THR C 236 -32.00 -21.82 -19.27
CA THR C 236 -31.11 -20.68 -19.48
C THR C 236 -31.46 -19.58 -18.48
N ILE C 237 -30.45 -19.07 -17.79
CA ILE C 237 -30.56 -17.89 -16.93
C ILE C 237 -30.01 -16.72 -17.75
N ALA C 238 -30.85 -15.71 -17.99
CA ALA C 238 -30.47 -14.60 -18.88
C ALA C 238 -29.70 -13.54 -18.10
N THR C 239 -28.49 -13.92 -17.66
CA THR C 239 -27.74 -13.09 -16.72
C THR C 239 -27.36 -11.73 -17.31
N LYS C 240 -26.89 -11.70 -18.56
CA LYS C 240 -26.49 -10.41 -19.14
C LYS C 240 -27.71 -9.51 -19.36
N GLN C 241 -28.85 -10.09 -19.74
CA GLN C 241 -30.09 -9.31 -19.82
C GLN C 241 -30.46 -8.71 -18.48
N ILE C 242 -30.41 -9.52 -17.42
CA ILE C 242 -30.73 -9.01 -16.09
C ILE C 242 -29.76 -7.91 -15.69
N VAL C 243 -28.47 -8.12 -15.97
CA VAL C 243 -27.43 -7.14 -15.61
C VAL C 243 -27.69 -5.79 -16.29
N ASP C 244 -28.02 -5.81 -17.58
CA ASP C 244 -28.27 -4.56 -18.28
C ASP C 244 -29.46 -3.81 -17.68
N ALA C 245 -30.52 -4.52 -17.32
CA ALA C 245 -31.67 -3.86 -16.69
C ALA C 245 -31.28 -3.27 -15.33
N ALA C 246 -30.51 -4.01 -14.53
CA ALA C 246 -30.13 -3.51 -13.21
C ALA C 246 -29.22 -2.30 -13.31
N LEU C 247 -28.20 -2.35 -14.19
CA LEU C 247 -27.17 -1.32 -14.25
C LEU C 247 -27.68 0.01 -14.78
N GLN C 248 -28.86 0.06 -15.39
CA GLN C 248 -29.39 1.36 -15.78
C GLN C 248 -29.60 2.26 -14.57
N GLN C 249 -29.65 1.70 -13.36
CA GLN C 249 -29.84 2.48 -12.14
C GLN C 249 -28.67 2.32 -11.17
N CYS C 250 -27.48 2.01 -11.70
CA CYS C 250 -26.29 1.78 -10.89
C CYS C 250 -25.19 2.71 -11.36
N PRO C 251 -25.17 3.95 -10.87
CA PRO C 251 -24.28 4.97 -11.43
C PRO C 251 -22.80 4.78 -11.14
N LEU C 252 -22.41 3.90 -10.22
CA LEU C 252 -21.00 3.74 -9.93
C LEU C 252 -20.31 2.72 -10.82
N VAL C 253 -21.05 1.81 -11.46
CA VAL C 253 -20.44 0.72 -12.23
C VAL C 253 -19.96 1.23 -13.58
N GLU C 254 -18.64 1.16 -13.80
CA GLU C 254 -18.04 1.66 -15.02
C GLU C 254 -17.53 0.56 -15.94
N ASN C 255 -17.27 -0.62 -15.40
CA ASN C 255 -16.73 -1.72 -16.18
C ASN C 255 -17.48 -3.00 -15.83
N VAL C 256 -17.84 -3.76 -16.87
CA VAL C 256 -18.47 -5.06 -16.71
C VAL C 256 -17.65 -6.09 -17.47
N LEU C 257 -17.27 -7.16 -16.78
CA LEU C 257 -16.51 -8.27 -17.38
C LEU C 257 -17.44 -9.44 -17.58
N VAL C 258 -17.56 -9.91 -18.83
CA VAL C 258 -18.60 -10.87 -19.20
C VAL C 258 -17.96 -12.17 -19.66
N LEU C 259 -18.23 -13.25 -18.92
CA LEU C 259 -17.74 -14.58 -19.25
C LEU C 259 -18.67 -15.24 -20.27
N ARG C 260 -18.08 -15.77 -21.34
CA ARG C 260 -18.83 -16.39 -22.43
C ARG C 260 -19.11 -17.86 -22.06
N ARG C 261 -20.17 -18.08 -21.28
CA ARG C 261 -20.52 -19.41 -20.81
C ARG C 261 -21.32 -20.21 -21.84
N THR C 262 -22.28 -19.57 -22.52
CA THR C 262 -23.08 -20.28 -23.52
C THR C 262 -22.74 -19.89 -24.94
N GLY C 263 -22.25 -18.66 -25.18
CA GLY C 263 -22.01 -18.21 -26.54
C GLY C 263 -23.26 -17.75 -27.27
N ASN C 264 -24.42 -17.77 -26.62
CA ASN C 264 -25.62 -17.19 -27.23
C ASN C 264 -25.51 -15.67 -27.29
N LYS C 265 -26.12 -15.09 -28.32
CA LYS C 265 -26.05 -13.66 -28.53
C LYS C 265 -26.66 -12.90 -27.34
N VAL C 266 -25.89 -11.97 -26.78
CA VAL C 266 -26.37 -11.09 -25.70
C VAL C 266 -25.98 -9.65 -26.01
N PRO C 267 -26.72 -8.66 -25.51
CA PRO C 267 -26.28 -7.26 -25.70
C PRO C 267 -24.95 -7.00 -25.02
N MET C 268 -24.14 -6.14 -25.65
CA MET C 268 -22.90 -5.63 -25.04
C MET C 268 -22.78 -4.13 -25.27
N THR C 269 -22.55 -3.39 -24.18
CA THR C 269 -22.44 -1.93 -24.25
C THR C 269 -21.01 -1.53 -24.56
N GLU C 270 -20.81 -0.82 -25.67
CA GLU C 270 -19.47 -0.43 -26.08
C GLU C 270 -18.80 0.38 -24.99
N GLY C 271 -17.54 0.06 -24.71
CA GLY C 271 -16.81 0.73 -23.66
C GLY C 271 -16.98 0.07 -22.30
N ARG C 272 -18.21 0.00 -21.81
CA ARG C 272 -18.47 -0.53 -20.48
C ARG C 272 -18.24 -2.04 -20.40
N ASP C 273 -18.73 -2.79 -21.39
CA ASP C 273 -18.76 -4.25 -21.35
C ASP C 273 -17.64 -4.84 -22.20
N LYS C 274 -16.90 -5.78 -21.61
CA LYS C 274 -15.82 -6.47 -22.31
C LYS C 274 -15.90 -7.97 -22.03
N TRP C 275 -15.42 -8.77 -22.98
CA TRP C 275 -15.44 -10.21 -22.83
C TRP C 275 -14.27 -10.66 -21.96
N TRP C 276 -14.58 -11.53 -21.01
CA TRP C 276 -13.59 -12.09 -20.10
C TRP C 276 -12.41 -12.71 -20.84
N ASP C 277 -12.67 -13.55 -21.86
CA ASP C 277 -11.55 -14.21 -22.53
C ASP C 277 -10.68 -13.21 -23.27
N GLU C 278 -11.30 -12.20 -23.90
CA GLU C 278 -10.53 -11.19 -24.62
C GLU C 278 -9.72 -10.31 -23.66
N GLU C 279 -10.30 -9.93 -22.52
CA GLU C 279 -9.56 -9.13 -21.55
C GLU C 279 -8.43 -9.95 -20.93
N CYS C 280 -8.71 -11.19 -20.54
CA CYS C 280 -7.68 -12.00 -19.91
C CYS C 280 -6.56 -12.35 -20.87
N ALA C 281 -6.84 -12.48 -22.17
CA ALA C 281 -5.77 -12.75 -23.13
C ALA C 281 -4.78 -11.60 -23.21
N LYS C 282 -5.16 -10.41 -22.75
CA LYS C 282 -4.23 -9.28 -22.76
C LYS C 282 -3.25 -9.32 -21.60
N MET C 283 -3.52 -10.11 -20.57
CA MET C 283 -2.83 -10.00 -19.28
C MET C 283 -1.92 -11.20 -19.03
N PRO C 284 -0.83 -11.02 -18.27
CA PRO C 284 -0.01 -12.17 -17.88
C PRO C 284 -0.77 -13.04 -16.88
N ALA C 285 -0.30 -14.27 -16.75
CA ALA C 285 -0.98 -15.26 -15.95
C ALA C 285 -0.40 -15.37 -14.53
N TYR C 286 0.38 -14.38 -14.11
CA TYR C 286 0.72 -14.20 -12.72
C TYR C 286 0.47 -12.74 -12.35
N CYS C 287 0.10 -12.54 -11.08
CA CYS C 287 -0.21 -11.24 -10.47
C CYS C 287 0.30 -11.32 -9.03
N PRO C 288 0.97 -10.29 -8.53
CA PRO C 288 1.38 -10.28 -7.11
C PRO C 288 0.18 -10.28 -6.18
N CYS C 289 0.38 -10.78 -4.95
CA CYS C 289 -0.65 -10.76 -3.92
C CYS C 289 -0.55 -9.48 -3.10
N GLU C 290 -1.68 -8.82 -2.89
CA GLU C 290 -1.72 -7.68 -1.99
C GLU C 290 -1.60 -8.17 -0.55
N ARG C 291 -0.77 -7.51 0.24
CA ARG C 291 -0.55 -7.93 1.63
C ARG C 291 -1.66 -7.30 2.49
N MET C 292 -2.58 -8.13 2.97
CA MET C 292 -3.78 -7.64 3.64
C MET C 292 -3.64 -7.75 5.15
N ALA C 293 -4.11 -6.72 5.86
CA ALA C 293 -4.23 -6.86 7.30
C ALA C 293 -5.26 -7.92 7.62
N SER C 294 -5.09 -8.58 8.79
CA SER C 294 -6.02 -9.62 9.19
CA SER C 294 -6.03 -9.62 9.18
C SER C 294 -7.47 -9.13 9.15
N GLU C 295 -7.69 -7.88 9.55
CA GLU C 295 -9.02 -7.31 9.64
C GLU C 295 -9.44 -6.52 8.40
N ASP C 296 -8.66 -6.54 7.33
CA ASP C 296 -9.18 -5.99 6.09
C ASP C 296 -10.39 -6.82 5.65
N PRO C 297 -11.45 -6.19 5.14
CA PRO C 297 -12.61 -6.96 4.68
C PRO C 297 -12.25 -7.84 3.51
N LEU C 298 -12.77 -9.06 3.54
CA LEU C 298 -12.61 -10.01 2.46
C LEU C 298 -13.80 -10.01 1.51
N PHE C 299 -15.02 -9.99 2.04
CA PHE C 299 -16.20 -9.97 1.17
C PHE C 299 -17.41 -9.40 1.89
N ILE C 300 -18.37 -8.98 1.08
CA ILE C 300 -19.72 -8.64 1.51
C ILE C 300 -20.63 -9.71 0.94
N LEU C 301 -21.52 -10.25 1.76
CA LEU C 301 -22.50 -11.23 1.29
C LEU C 301 -23.90 -10.82 1.79
N TYR C 302 -24.77 -10.43 0.86
CA TYR C 302 -26.13 -10.05 1.21
C TYR C 302 -26.96 -11.29 1.51
N THR C 303 -27.67 -11.26 2.63
CA THR C 303 -28.57 -12.36 2.94
C THR C 303 -29.83 -12.25 2.09
N SER C 304 -30.54 -13.37 1.96
CA SER C 304 -31.83 -13.32 1.27
C SER C 304 -32.96 -13.80 2.17
N THR C 307 -35.02 -8.16 6.37
CA THR C 307 -36.40 -7.96 5.93
C THR C 307 -36.48 -6.85 4.90
N GLY C 308 -35.93 -5.70 5.26
CA GLY C 308 -36.06 -4.47 4.51
C GLY C 308 -34.95 -4.34 3.48
N LYS C 309 -34.09 -3.36 3.68
CA LYS C 309 -32.95 -3.15 2.81
C LYS C 309 -32.06 -4.40 2.83
N PRO C 310 -31.37 -4.68 1.72
CA PRO C 310 -30.48 -5.86 1.71
C PRO C 310 -29.42 -5.73 2.80
N LYS C 311 -29.16 -6.84 3.49
CA LYS C 311 -28.21 -6.87 4.59
C LYS C 311 -26.88 -7.42 4.11
N GLY C 312 -25.89 -6.54 3.96
CA GLY C 312 -24.57 -6.94 3.49
C GLY C 312 -23.66 -7.36 4.63
N VAL C 313 -23.57 -8.66 4.87
CA VAL C 313 -22.78 -9.17 5.98
C VAL C 313 -21.31 -9.12 5.57
N VAL C 314 -20.47 -8.52 6.42
CA VAL C 314 -19.06 -8.30 6.09
C VAL C 314 -18.19 -9.26 6.90
N HIS C 315 -17.30 -9.98 6.21
CA HIS C 315 -16.29 -10.83 6.83
C HIS C 315 -14.90 -10.26 6.57
N SER C 316 -14.04 -10.32 7.58
CA SER C 316 -12.65 -9.91 7.38
C SER C 316 -11.86 -11.13 6.90
N THR C 317 -10.54 -11.05 6.94
CA THR C 317 -9.71 -12.00 6.20
C THR C 317 -9.20 -13.17 7.04
N ALA C 318 -8.39 -12.90 8.08
CA ALA C 318 -7.67 -14.00 8.72
C ALA C 318 -8.60 -14.90 9.55
N GLY C 319 -9.45 -14.31 10.37
CA GLY C 319 -10.35 -15.11 11.20
C GLY C 319 -11.32 -15.92 10.37
N TYR C 320 -11.92 -15.31 9.35
CA TYR C 320 -12.82 -16.04 8.46
C TYR C 320 -12.10 -17.20 7.78
N LEU C 321 -10.92 -16.94 7.23
CA LEU C 321 -10.19 -17.99 6.53
C LEU C 321 -9.81 -19.12 7.48
N LEU C 322 -9.35 -18.76 8.69
CA LEU C 322 -9.01 -19.77 9.69
C LEU C 322 -10.23 -20.60 10.07
N GLY C 323 -11.38 -19.94 10.29
CA GLY C 323 -12.58 -20.66 10.68
C GLY C 323 -13.02 -21.66 9.62
N THR C 324 -13.03 -21.23 8.35
CA THR C 324 -13.42 -22.14 7.29
C THR C 324 -12.43 -23.29 7.16
N ALA C 325 -11.13 -23.01 7.32
CA ALA C 325 -10.15 -24.08 7.17
C ALA C 325 -10.24 -25.09 8.31
N LEU C 326 -10.40 -24.60 9.54
CA LEU C 326 -10.48 -25.52 10.67
C LEU C 326 -11.79 -26.32 10.66
N THR C 327 -12.92 -25.67 10.37
CA THR C 327 -14.19 -26.41 10.36
C THR C 327 -14.21 -27.43 9.25
N LEU C 328 -13.69 -27.09 8.07
CA LEU C 328 -13.62 -28.07 7.00
C LEU C 328 -12.77 -29.26 7.44
N LYS C 329 -11.63 -28.99 8.07
CA LYS C 329 -10.73 -30.06 8.50
C LYS C 329 -11.37 -30.96 9.53
N TYR C 330 -12.05 -30.38 10.53
CA TYR C 330 -12.54 -31.17 11.66
C TYR C 330 -13.98 -31.62 11.51
N VAL C 331 -14.90 -30.77 11.02
CA VAL C 331 -16.29 -31.20 10.92
C VAL C 331 -16.47 -32.22 9.81
N PHE C 332 -15.70 -32.11 8.73
CA PHE C 332 -15.80 -33.08 7.64
C PHE C 332 -14.62 -34.03 7.59
N ASP C 333 -13.71 -33.97 8.56
CA ASP C 333 -12.52 -34.81 8.63
C ASP C 333 -11.82 -34.91 7.28
N ALA C 334 -11.46 -33.73 6.75
CA ALA C 334 -10.82 -33.65 5.45
C ALA C 334 -9.36 -34.02 5.55
N HIS C 335 -8.90 -34.85 4.63
CA HIS C 335 -7.51 -35.27 4.53
C HIS C 335 -6.99 -34.89 3.15
N PRO C 336 -5.66 -34.85 2.97
CA PRO C 336 -5.12 -34.17 1.78
C PRO C 336 -5.62 -34.70 0.44
N ASP C 337 -6.00 -35.98 0.36
CA ASP C 337 -6.46 -36.56 -0.89
C ASP C 337 -7.98 -36.51 -1.07
N ASP C 338 -8.71 -35.89 -0.14
CA ASP C 338 -10.16 -35.97 -0.20
C ASP C 338 -10.72 -35.17 -1.39
N ARG C 339 -11.91 -35.58 -1.81
CA ARG C 339 -12.66 -34.94 -2.88
CA ARG C 339 -12.64 -34.92 -2.88
C ARG C 339 -13.97 -34.46 -2.28
N PHE C 340 -14.00 -33.20 -1.85
CA PHE C 340 -15.09 -32.65 -1.07
C PHE C 340 -16.18 -32.11 -2.00
N ALA C 341 -17.41 -32.59 -1.83
CA ALA C 341 -18.49 -32.26 -2.76
C ALA C 341 -19.56 -31.46 -2.03
N CYS C 342 -19.37 -30.14 -1.96
CA CYS C 342 -20.44 -29.27 -1.49
C CYS C 342 -21.29 -28.86 -2.69
N MET C 343 -22.57 -29.21 -2.65
CA MET C 343 -23.45 -29.10 -3.80
C MET C 343 -24.24 -27.80 -3.79
N ALA C 344 -23.85 -26.83 -2.98
CA ALA C 344 -24.56 -25.57 -2.86
C ALA C 344 -24.07 -24.59 -3.94
N ASP C 345 -24.58 -23.36 -3.88
CA ASP C 345 -24.29 -22.30 -4.84
C ASP C 345 -23.37 -21.27 -4.20
N ILE C 346 -22.42 -20.72 -4.97
CA ILE C 346 -21.49 -19.73 -4.39
C ILE C 346 -22.18 -18.41 -4.03
N GLY C 347 -23.43 -18.20 -4.45
CA GLY C 347 -24.18 -17.04 -3.96
C GLY C 347 -24.61 -17.16 -2.51
N TRP C 348 -24.40 -18.31 -1.90
CA TRP C 348 -24.76 -18.61 -0.52
C TRP C 348 -23.49 -18.66 0.33
N ILE C 349 -23.61 -18.36 1.62
CA ILE C 349 -22.44 -18.47 2.48
C ILE C 349 -21.89 -19.90 2.46
N THR C 350 -22.75 -20.91 2.29
CA THR C 350 -22.25 -22.28 2.23
C THR C 350 -21.24 -22.46 1.08
N GLY C 351 -21.50 -21.84 -0.07
CA GLY C 351 -20.54 -21.86 -1.17
C GLY C 351 -19.28 -21.07 -0.88
N HIS C 352 -19.40 -19.92 -0.22
CA HIS C 352 -18.21 -19.16 0.14
C HIS C 352 -17.27 -20.02 0.99
N SER C 353 -17.82 -20.59 2.07
CA SER C 353 -16.97 -21.22 3.08
C SER C 353 -16.59 -22.66 2.73
N TYR C 354 -17.49 -23.42 2.11
CA TYR C 354 -17.27 -24.86 1.94
C TYR C 354 -17.24 -25.30 0.49
N ILE C 355 -17.30 -24.38 -0.46
CA ILE C 355 -16.86 -24.67 -1.82
C ILE C 355 -15.50 -24.03 -2.10
N ILE C 356 -15.35 -22.74 -1.80
CA ILE C 356 -14.13 -22.02 -2.18
C ILE C 356 -13.14 -21.95 -1.02
N TYR C 357 -13.47 -21.21 0.04
CA TYR C 357 -12.39 -20.79 0.95
C TYR C 357 -11.87 -21.94 1.80
N GLY C 358 -12.76 -22.73 2.41
CA GLY C 358 -12.34 -23.83 3.25
C GLY C 358 -11.57 -24.93 2.52
N PRO C 359 -12.15 -25.52 1.48
CA PRO C 359 -11.45 -26.61 0.77
C PRO C 359 -10.16 -26.17 0.12
N LEU C 360 -10.15 -25.01 -0.56
CA LEU C 360 -8.92 -24.59 -1.23
C LEU C 360 -7.85 -24.13 -0.24
N ALA C 361 -8.24 -23.53 0.90
CA ALA C 361 -7.23 -23.21 1.91
C ALA C 361 -6.52 -24.47 2.40
N ASN C 362 -7.28 -25.55 2.59
CA ASN C 362 -6.73 -26.83 3.01
C ASN C 362 -5.99 -27.56 1.90
N GLY C 363 -6.07 -27.10 0.65
CA GLY C 363 -5.33 -27.71 -0.43
C GLY C 363 -5.91 -28.98 -1.00
N ILE C 364 -7.22 -29.18 -0.87
CA ILE C 364 -7.82 -30.43 -1.33
C ILE C 364 -8.63 -30.12 -2.59
N THR C 365 -9.32 -31.14 -3.11
CA THR C 365 -10.18 -30.98 -4.27
C THR C 365 -11.61 -30.66 -3.84
N THR C 366 -12.23 -29.69 -4.50
CA THR C 366 -13.58 -29.25 -4.17
C THR C 366 -14.45 -29.31 -5.42
N ALA C 367 -15.75 -29.57 -5.23
CA ALA C 367 -16.68 -29.69 -6.34
C ALA C 367 -17.38 -28.36 -6.60
N VAL C 368 -17.52 -28.00 -7.87
CA VAL C 368 -18.37 -26.90 -8.31
C VAL C 368 -19.45 -27.52 -9.18
N PHE C 369 -20.66 -27.62 -8.62
CA PHE C 369 -21.78 -28.34 -9.21
C PHE C 369 -22.71 -27.33 -9.87
N GLU C 370 -22.81 -27.39 -11.18
CA GLU C 370 -23.54 -26.39 -11.97
C GLU C 370 -25.02 -26.71 -12.11
N SER C 371 -25.46 -27.92 -11.77
CA SER C 371 -26.78 -28.41 -12.11
C SER C 371 -27.73 -28.37 -10.90
N THR C 372 -28.87 -29.06 -11.04
CA THR C 372 -29.80 -29.30 -9.95
C THR C 372 -29.77 -30.78 -9.55
N PRO C 373 -30.31 -31.13 -8.39
CA PRO C 373 -30.30 -32.53 -7.96
C PRO C 373 -31.10 -33.46 -8.86
N VAL C 374 -31.98 -32.95 -9.72
CA VAL C 374 -32.86 -33.81 -10.51
C VAL C 374 -32.65 -33.62 -12.01
N TYR C 375 -31.53 -33.02 -12.42
CA TYR C 375 -31.26 -32.87 -13.83
C TYR C 375 -29.99 -33.61 -14.22
N PRO C 376 -30.02 -34.45 -15.25
CA PRO C 376 -31.17 -34.80 -16.10
C PRO C 376 -32.23 -35.63 -15.36
N THR C 377 -31.81 -36.37 -14.34
CA THR C 377 -32.68 -37.25 -13.58
C THR C 377 -32.33 -37.11 -12.11
N PRO C 378 -33.19 -37.58 -11.20
CA PRO C 378 -32.87 -37.54 -9.77
C PRO C 378 -31.70 -38.43 -9.36
N SER C 379 -31.07 -39.18 -10.28
CA SER C 379 -29.86 -39.93 -9.92
C SER C 379 -28.61 -39.05 -9.97
N ARG C 380 -28.76 -37.75 -10.25
CA ARG C 380 -27.61 -36.91 -10.58
C ARG C 380 -26.55 -36.88 -9.48
N TYR C 381 -26.97 -36.60 -8.24
CA TYR C 381 -26.01 -36.56 -7.14
C TYR C 381 -25.19 -37.83 -7.07
N TRP C 382 -25.85 -38.98 -7.20
CA TRP C 382 -25.19 -40.25 -6.98
C TRP C 382 -24.36 -40.68 -8.18
N ASP C 383 -24.76 -40.31 -9.41
CA ASP C 383 -23.88 -40.49 -10.55
C ASP C 383 -22.59 -39.71 -10.35
N PHE C 384 -22.71 -38.46 -9.87
CA PHE C 384 -21.57 -37.61 -9.61
C PHE C 384 -20.63 -38.23 -8.59
N VAL C 385 -21.17 -38.74 -7.48
CA VAL C 385 -20.34 -39.33 -6.42
C VAL C 385 -19.55 -40.52 -6.96
N ASP C 386 -20.20 -41.40 -7.70
CA ASP C 386 -19.51 -42.59 -8.21
C ASP C 386 -18.51 -42.25 -9.31
N LYS C 387 -18.79 -41.25 -10.14
CA LYS C 387 -17.85 -40.88 -11.20
C LYS C 387 -16.55 -40.35 -10.61
N TRP C 388 -16.65 -39.45 -9.65
CA TRP C 388 -15.48 -38.74 -9.13
C TRP C 388 -14.96 -39.33 -7.83
N LYS C 389 -15.64 -40.32 -7.26
CA LYS C 389 -15.29 -40.90 -5.97
C LYS C 389 -15.24 -39.82 -4.90
N ALA C 390 -16.32 -39.03 -4.83
CA ALA C 390 -16.42 -38.02 -3.78
C ALA C 390 -16.30 -38.67 -2.41
N THR C 391 -15.53 -38.04 -1.53
CA THR C 391 -15.31 -38.57 -0.18
C THR C 391 -16.19 -37.89 0.87
N GLN C 392 -16.72 -36.70 0.57
CA GLN C 392 -17.71 -36.06 1.43
C GLN C 392 -18.76 -35.41 0.53
N LEU C 393 -20.01 -35.39 1.01
CA LEU C 393 -21.09 -34.75 0.30
C LEU C 393 -21.81 -33.79 1.25
N TYR C 394 -22.13 -32.59 0.77
CA TYR C 394 -22.68 -31.52 1.60
C TYR C 394 -23.83 -30.85 0.87
N THR C 395 -25.03 -30.90 1.42
CA THR C 395 -26.17 -30.28 0.76
C THR C 395 -27.19 -29.84 1.81
N ALA C 396 -28.39 -29.37 1.33
CA ALA C 396 -29.43 -28.77 2.16
C ALA C 396 -30.58 -29.73 2.40
N PRO C 397 -31.30 -29.59 3.51
CA PRO C 397 -32.46 -30.45 3.74
C PRO C 397 -33.49 -30.38 2.62
N THR C 398 -33.64 -29.23 1.97
N THR C 398 -33.65 -29.23 1.97
CA THR C 398 -34.59 -29.11 0.87
CA THR C 398 -34.59 -29.12 0.87
C THR C 398 -34.22 -30.04 -0.29
C THR C 398 -34.21 -30.06 -0.27
N ALA C 399 -32.93 -30.16 -0.59
CA ALA C 399 -32.50 -31.10 -1.62
C ALA C 399 -32.74 -32.53 -1.19
N ILE C 400 -32.48 -32.83 0.09
CA ILE C 400 -32.70 -34.18 0.59
C ILE C 400 -34.17 -34.55 0.52
N ARG C 401 -35.07 -33.64 0.92
CA ARG C 401 -36.49 -33.95 0.83
C ARG C 401 -36.95 -34.09 -0.61
N LEU C 402 -36.36 -33.30 -1.52
CA LEU C 402 -36.70 -33.43 -2.94
C LEU C 402 -36.33 -34.81 -3.47
N LEU C 403 -35.12 -35.27 -3.17
CA LEU C 403 -34.72 -36.59 -3.63
C LEU C 403 -35.48 -37.69 -2.90
N ARG C 404 -35.82 -37.48 -1.62
CA ARG C 404 -36.62 -38.48 -0.92
C ARG C 404 -37.94 -38.72 -1.61
N ARG C 405 -38.60 -37.66 -2.09
CA ARG C 405 -39.88 -37.82 -2.77
C ARG C 405 -39.77 -38.40 -4.17
N MET C 406 -38.55 -38.48 -4.74
CA MET C 406 -38.41 -38.96 -6.12
C MET C 406 -38.29 -40.47 -6.23
N GLY C 407 -38.09 -41.19 -5.14
CA GLY C 407 -38.10 -42.63 -5.24
C GLY C 407 -36.71 -43.24 -5.15
N GLU C 408 -36.66 -44.45 -4.61
CA GLU C 408 -35.39 -45.11 -4.28
C GLU C 408 -34.66 -45.65 -5.50
N ASP C 409 -35.34 -45.75 -6.65
CA ASP C 409 -34.69 -46.32 -7.83
C ASP C 409 -33.48 -45.49 -8.26
N HIS C 410 -33.50 -44.19 -7.99
CA HIS C 410 -32.40 -43.36 -8.46
C HIS C 410 -31.17 -43.43 -7.57
N VAL C 411 -31.25 -44.08 -6.40
CA VAL C 411 -30.13 -44.09 -5.47
C VAL C 411 -29.74 -45.49 -5.01
N LYS C 412 -30.65 -46.47 -5.05
CA LYS C 412 -30.42 -47.74 -4.36
C LYS C 412 -29.33 -48.59 -5.02
N ASN C 413 -29.13 -48.46 -6.33
CA ASN C 413 -28.22 -49.34 -7.04
C ASN C 413 -26.87 -48.66 -7.35
N HIS C 414 -26.57 -47.54 -6.69
CA HIS C 414 -25.26 -46.93 -6.79
C HIS C 414 -24.30 -47.54 -5.77
N ASP C 415 -23.01 -47.26 -5.96
CA ASP C 415 -21.99 -47.74 -5.02
C ASP C 415 -21.87 -46.80 -3.82
N LEU C 416 -21.43 -45.57 -4.07
CA LEU C 416 -21.36 -44.51 -3.08
C LEU C 416 -20.39 -44.81 -1.94
N SER C 417 -19.60 -45.89 -2.03
CA SER C 417 -18.75 -46.26 -0.90
C SER C 417 -17.52 -45.37 -0.74
N SER C 418 -17.24 -44.48 -1.71
CA SER C 418 -16.16 -43.54 -1.49
C SER C 418 -16.51 -42.50 -0.42
N LEU C 419 -17.81 -42.30 -0.15
CA LEU C 419 -18.24 -41.34 0.87
C LEU C 419 -17.93 -41.83 2.28
N ARG C 420 -17.45 -40.92 3.12
CA ARG C 420 -17.32 -41.16 4.56
C ARG C 420 -18.23 -40.28 5.39
N VAL C 421 -18.53 -39.09 4.92
CA VAL C 421 -19.28 -38.09 5.69
C VAL C 421 -20.31 -37.44 4.79
N LEU C 422 -21.54 -37.34 5.27
CA LEU C 422 -22.62 -36.63 4.60
C LEU C 422 -23.05 -35.47 5.49
N GLY C 423 -23.12 -34.28 4.91
CA GLY C 423 -23.49 -33.08 5.65
C GLY C 423 -24.85 -32.53 5.23
N SER C 424 -25.48 -31.81 6.15
CA SER C 424 -26.75 -31.14 5.92
C SER C 424 -26.66 -29.73 6.49
N VAL C 425 -27.07 -28.72 5.72
CA VAL C 425 -26.94 -27.32 6.11
C VAL C 425 -28.14 -26.50 5.63
N GLY C 426 -28.60 -25.56 6.45
CA GLY C 426 -29.48 -24.49 6.01
C GLY C 426 -30.81 -24.41 6.73
N GLU C 427 -31.26 -25.50 7.34
CA GLU C 427 -32.51 -25.56 8.06
C GLU C 427 -32.49 -26.83 8.89
N PRO C 428 -33.39 -26.95 9.86
CA PRO C 428 -33.49 -28.24 10.57
C PRO C 428 -33.75 -29.36 9.59
N ILE C 429 -33.11 -30.50 9.83
CA ILE C 429 -33.35 -31.70 9.03
C ILE C 429 -34.31 -32.59 9.80
N ASN C 430 -35.48 -32.84 9.21
CA ASN C 430 -36.45 -33.72 9.83
C ASN C 430 -35.85 -35.12 9.98
N PRO C 431 -36.08 -35.80 11.10
CA PRO C 431 -35.56 -37.17 11.25
C PRO C 431 -35.93 -38.08 10.10
N GLU C 432 -37.12 -37.90 9.52
CA GLU C 432 -37.53 -38.69 8.36
C GLU C 432 -36.58 -38.48 7.18
N ALA C 433 -36.19 -37.23 6.92
CA ALA C 433 -35.22 -36.94 5.87
C ALA C 433 -33.83 -37.41 6.27
N TRP C 434 -33.48 -37.22 7.56
CA TRP C 434 -32.19 -37.68 8.09
C TRP C 434 -32.00 -39.17 7.81
N HIS C 435 -33.02 -39.97 8.12
CA HIS C 435 -32.92 -41.41 7.92
C HIS C 435 -32.80 -41.77 6.44
N TRP C 436 -33.55 -41.09 5.57
CA TRP C 436 -33.40 -41.33 4.14
C TRP C 436 -31.97 -41.06 3.67
N TYR C 437 -31.40 -39.95 4.13
CA TYR C 437 -30.00 -39.60 3.85
C TYR C 437 -29.07 -40.69 4.36
N ASN C 438 -29.26 -41.08 5.62
CA ASN C 438 -28.41 -42.09 6.25
C ASN C 438 -28.55 -43.43 5.55
N ASP C 439 -29.77 -43.78 5.14
CA ASP C 439 -30.03 -45.12 4.63
C ASP C 439 -29.57 -45.28 3.18
N PHE C 440 -29.86 -44.31 2.32
CA PHE C 440 -29.63 -44.48 0.90
C PHE C 440 -28.36 -43.80 0.41
N ALA C 441 -28.12 -42.55 0.79
CA ALA C 441 -26.86 -41.90 0.43
C ALA C 441 -25.69 -42.56 1.16
N GLY C 442 -25.88 -42.92 2.43
CA GLY C 442 -24.76 -43.42 3.19
C GLY C 442 -24.70 -44.93 3.35
N LYS C 443 -25.81 -45.61 3.00
CA LYS C 443 -25.94 -47.06 3.18
C LYS C 443 -25.57 -47.44 4.60
N ASN C 444 -25.92 -46.56 5.55
CA ASN C 444 -25.70 -46.76 6.97
C ASN C 444 -24.22 -46.92 7.31
N GLN C 445 -23.35 -46.35 6.47
CA GLN C 445 -21.91 -46.45 6.69
C GLN C 445 -21.20 -45.11 6.70
N CYS C 446 -21.93 -44.01 6.57
CA CYS C 446 -21.38 -42.66 6.62
C CYS C 446 -21.82 -41.99 7.91
N ALA C 447 -20.97 -41.12 8.44
CA ALA C 447 -21.38 -40.21 9.48
C ALA C 447 -22.22 -39.09 8.87
N ILE C 448 -23.28 -38.69 9.58
CA ILE C 448 -24.16 -37.61 9.15
C ILE C 448 -23.85 -36.41 10.03
N VAL C 449 -23.39 -35.31 9.42
CA VAL C 449 -23.09 -34.10 10.18
C VAL C 449 -24.14 -33.05 9.85
N ASP C 450 -24.98 -32.77 10.84
CA ASP C 450 -25.98 -31.69 10.78
C ASP C 450 -25.27 -30.43 11.26
N THR C 451 -25.01 -29.50 10.35
CA THR C 451 -24.16 -28.34 10.65
C THR C 451 -25.02 -27.10 10.81
N TYR C 452 -25.06 -26.56 12.02
CA TYR C 452 -25.77 -25.32 12.29
C TYR C 452 -24.78 -24.17 12.25
N TRP C 453 -25.14 -23.10 11.54
CA TRP C 453 -24.38 -21.86 11.50
C TRP C 453 -25.21 -20.84 10.72
N MET C 454 -24.64 -19.67 10.47
CA MET C 454 -25.30 -18.59 9.76
CA MET C 454 -25.31 -18.60 9.74
C MET C 454 -24.28 -17.85 8.90
N THR C 455 -24.79 -17.08 7.93
CA THR C 455 -23.93 -16.17 7.19
C THR C 455 -23.08 -15.33 8.14
N GLU C 456 -23.69 -14.83 9.23
CA GLU C 456 -23.00 -13.98 10.19
C GLU C 456 -21.97 -14.73 11.03
N THR C 457 -22.01 -16.06 11.08
CA THR C 457 -21.00 -16.78 11.86
C THR C 457 -19.75 -17.14 11.06
N GLY C 458 -19.77 -17.00 9.74
CA GLY C 458 -18.62 -17.30 8.89
C GLY C 458 -18.37 -18.79 8.64
N SER C 459 -18.49 -19.61 9.68
CA SER C 459 -18.17 -21.02 9.55
C SER C 459 -19.04 -21.79 10.52
N ILE C 460 -18.96 -23.12 10.43
CA ILE C 460 -19.86 -24.01 11.17
C ILE C 460 -19.73 -23.77 12.66
N SER C 461 -20.88 -23.63 13.34
CA SER C 461 -20.96 -23.25 14.74
C SER C 461 -21.21 -24.43 15.67
N ILE C 462 -22.17 -25.28 15.31
CA ILE C 462 -22.53 -26.47 16.08
C ILE C 462 -22.68 -27.61 15.09
N ALA C 463 -21.95 -28.69 15.33
CA ALA C 463 -21.96 -29.84 14.45
C ALA C 463 -21.27 -31.01 15.14
N PRO C 464 -21.64 -32.25 14.85
CA PRO C 464 -20.86 -33.38 15.37
C PRO C 464 -19.53 -33.47 14.65
N LEU C 465 -18.47 -33.75 15.41
CA LEU C 465 -17.23 -34.16 14.77
C LEU C 465 -17.39 -35.64 14.43
N PRO C 466 -17.27 -36.01 13.15
CA PRO C 466 -17.81 -37.32 12.72
C PRO C 466 -17.07 -38.53 13.27
N GLY C 467 -15.78 -38.40 13.60
CA GLY C 467 -15.07 -39.52 14.17
C GLY C 467 -15.19 -39.65 15.67
N ALA C 468 -15.95 -38.75 16.30
CA ALA C 468 -16.02 -38.63 17.75
C ALA C 468 -17.44 -38.70 18.28
N ILE C 469 -18.40 -38.10 17.61
CA ILE C 469 -19.72 -37.85 18.16
C ILE C 469 -20.71 -38.90 17.68
N SER C 470 -21.46 -39.49 18.62
CA SER C 470 -22.60 -40.31 18.26
C SER C 470 -23.79 -39.40 17.98
N THR C 471 -24.42 -39.57 16.82
CA THR C 471 -25.42 -38.62 16.33
C THR C 471 -26.84 -39.02 16.73
N LYS C 472 -27.72 -38.02 16.81
CA LYS C 472 -29.16 -38.18 16.90
C LYS C 472 -29.84 -37.49 15.72
N PRO C 473 -30.82 -38.12 15.08
CA PRO C 473 -31.46 -37.51 13.91
C PRO C 473 -32.08 -36.17 14.23
N GLY C 474 -31.57 -35.11 13.59
CA GLY C 474 -32.08 -33.77 13.76
C GLY C 474 -31.37 -32.93 14.81
N SER C 475 -30.30 -33.43 15.40
CA SER C 475 -29.56 -32.69 16.42
C SER C 475 -28.24 -32.21 15.85
N ALA C 476 -27.91 -30.94 16.06
CA ALA C 476 -26.60 -30.43 15.64
C ALA C 476 -25.48 -30.91 16.57
N THR C 477 -25.84 -31.39 17.77
CA THR C 477 -24.98 -31.92 18.81
C THR C 477 -24.20 -30.82 19.56
N PHE C 478 -22.93 -30.61 19.22
CA PHE C 478 -22.11 -29.83 20.15
C PHE C 478 -21.38 -28.70 19.45
N PRO C 479 -21.09 -27.61 20.18
CA PRO C 479 -20.47 -26.44 19.54
C PRO C 479 -19.06 -26.72 19.06
N PHE C 480 -18.69 -26.05 17.97
CA PHE C 480 -17.36 -26.19 17.43
C PHE C 480 -16.34 -25.45 18.28
N PHE C 481 -15.06 -25.69 17.99
CA PHE C 481 -13.96 -25.01 18.65
C PHE C 481 -14.17 -23.50 18.60
N GLY C 482 -13.94 -22.85 19.74
CA GLY C 482 -14.11 -21.42 19.86
C GLY C 482 -15.53 -20.95 20.10
N MET C 483 -16.51 -21.84 20.02
CA MET C 483 -17.91 -21.46 20.21
C MET C 483 -18.35 -21.89 21.60
N ASP C 484 -18.71 -20.91 22.43
CA ASP C 484 -19.25 -21.15 23.77
C ASP C 484 -20.68 -20.65 23.73
N VAL C 485 -21.64 -21.57 23.59
CA VAL C 485 -23.03 -21.23 23.36
C VAL C 485 -23.82 -21.55 24.62
N ASP C 486 -24.88 -20.76 24.83
CA ASP C 486 -25.79 -20.95 25.94
C ASP C 486 -27.23 -20.77 25.48
N ILE C 487 -28.15 -21.15 26.36
CA ILE C 487 -29.58 -21.00 26.16
C ILE C 487 -30.10 -19.97 27.15
N ILE C 488 -30.82 -18.98 26.64
CA ILE C 488 -31.35 -17.91 27.46
C ILE C 488 -32.87 -17.98 27.42
N ASP C 489 -33.49 -17.84 28.58
CA ASP C 489 -34.93 -17.70 28.61
C ASP C 489 -35.28 -16.34 28.02
N PRO C 490 -36.05 -16.27 26.94
CA PRO C 490 -36.34 -14.98 26.31
C PRO C 490 -37.12 -14.03 27.21
N GLN C 491 -37.84 -14.54 28.20
CA GLN C 491 -38.62 -13.65 29.04
C GLN C 491 -37.76 -13.00 30.13
N THR C 492 -36.82 -13.75 30.70
CA THR C 492 -36.00 -13.23 31.79
C THR C 492 -34.70 -12.63 31.29
N GLY C 493 -34.19 -13.05 30.14
CA GLY C 493 -32.89 -12.63 29.69
C GLY C 493 -31.74 -13.33 30.39
N GLN C 494 -32.03 -14.33 31.23
CA GLN C 494 -31.04 -15.04 32.02
C GLN C 494 -30.67 -16.37 31.39
N VAL C 495 -29.41 -16.77 31.59
CA VAL C 495 -28.92 -18.04 31.10
C VAL C 495 -29.54 -19.19 31.90
N LEU C 496 -30.02 -20.21 31.19
CA LEU C 496 -30.55 -21.43 31.80
C LEU C 496 -29.40 -22.43 31.99
N GLU C 497 -29.03 -22.69 33.24
CA GLU C 497 -27.96 -23.63 33.52
C GLU C 497 -28.48 -25.07 33.49
N GLY C 498 -27.57 -26.01 33.26
CA GLY C 498 -27.92 -27.40 33.22
C GLY C 498 -28.50 -27.84 31.89
N ASN C 499 -29.07 -29.04 31.91
CA ASN C 499 -29.63 -29.70 30.73
C ASN C 499 -31.15 -29.73 30.80
N ASP C 500 -31.76 -30.25 29.74
CA ASP C 500 -33.21 -30.28 29.59
C ASP C 500 -33.81 -28.88 29.64
N VAL C 501 -33.19 -27.95 28.91
CA VAL C 501 -33.63 -26.56 28.87
C VAL C 501 -33.85 -26.14 27.42
N GLU C 502 -34.73 -25.17 27.22
CA GLU C 502 -35.04 -24.64 25.89
C GLU C 502 -35.27 -23.14 25.98
N GLY C 503 -34.92 -22.44 24.91
CA GLY C 503 -35.00 -20.98 24.87
C GLY C 503 -34.44 -20.41 23.58
N VAL C 504 -33.59 -19.39 23.64
CA VAL C 504 -32.97 -18.82 22.46
C VAL C 504 -31.47 -19.04 22.53
N LEU C 505 -30.87 -19.33 21.38
CA LEU C 505 -29.45 -19.62 21.33
C LEU C 505 -28.64 -18.34 21.32
N VAL C 506 -27.62 -18.26 22.19
CA VAL C 506 -26.69 -17.14 22.23
C VAL C 506 -25.26 -17.67 22.36
N ALA C 507 -24.29 -16.83 21.99
CA ALA C 507 -22.87 -17.11 22.19
C ALA C 507 -22.27 -16.16 23.21
N ARG C 508 -21.38 -16.66 24.07
CA ARG C 508 -20.85 -15.85 25.17
C ARG C 508 -19.67 -14.95 24.76
N ARG C 509 -18.89 -15.36 23.75
CA ARG C 509 -17.64 -14.71 23.37
C ARG C 509 -17.47 -14.69 21.86
N PRO C 510 -16.75 -13.70 21.32
CA PRO C 510 -16.46 -13.69 19.89
C PRO C 510 -15.63 -14.90 19.48
N TRP C 511 -15.77 -15.28 18.23
CA TRP C 511 -14.98 -16.34 17.62
C TRP C 511 -14.30 -15.79 16.37
N PRO C 512 -13.24 -16.45 15.89
CA PRO C 512 -12.44 -15.83 14.80
C PRO C 512 -13.23 -15.45 13.56
N SER C 513 -14.22 -16.24 13.16
CA SER C 513 -14.88 -15.99 11.87
C SER C 513 -16.20 -15.22 12.00
N ILE C 514 -16.49 -14.60 13.14
CA ILE C 514 -17.73 -13.84 13.27
C ILE C 514 -17.74 -12.67 12.29
N ALA C 515 -18.91 -12.42 11.71
CA ALA C 515 -19.06 -11.22 10.88
C ALA C 515 -18.71 -9.98 11.70
N ARG C 516 -18.00 -9.04 11.05
CA ARG C 516 -17.50 -7.85 11.73
C ARG C 516 -18.45 -6.66 11.65
N THR C 517 -19.31 -6.60 10.65
CA THR C 517 -20.27 -5.51 10.54
C THR C 517 -21.30 -5.89 9.48
N VAL C 518 -22.28 -5.01 9.31
CA VAL C 518 -23.16 -4.98 8.15
C VAL C 518 -22.76 -3.76 7.33
N TYR C 519 -22.50 -3.96 6.05
CA TYR C 519 -21.79 -2.96 5.25
C TYR C 519 -22.50 -1.59 5.32
N ARG C 520 -21.75 -0.58 5.80
N ARG C 520 -21.76 -0.57 5.79
CA ARG C 520 -22.25 0.79 5.98
CA ARG C 520 -22.26 0.79 5.96
C ARG C 520 -23.52 0.85 6.82
C ARG C 520 -23.53 0.86 6.82
N ASP C 521 -23.80 -0.17 7.63
CA ASP C 521 -24.98 -0.18 8.49
C ASP C 521 -24.64 -0.82 9.83
N HIS C 522 -23.56 -0.37 10.46
CA HIS C 522 -23.12 -0.99 11.71
C HIS C 522 -24.20 -0.90 12.79
N LYS C 523 -25.06 0.12 12.74
CA LYS C 523 -26.15 0.20 13.71
C LYS C 523 -27.08 -0.99 13.57
N ARG C 524 -27.35 -1.41 12.33
CA ARG C 524 -28.19 -2.59 12.12
C ARG C 524 -27.52 -3.82 12.68
N TYR C 525 -26.20 -3.94 12.52
CA TYR C 525 -25.43 -5.05 13.07
C TYR C 525 -25.55 -5.10 14.59
N LEU C 526 -25.33 -3.97 15.27
CA LEU C 526 -25.43 -3.98 16.73
C LEU C 526 -26.85 -4.27 17.19
N GLU C 527 -27.84 -3.66 16.55
CA GLU C 527 -29.22 -3.82 16.99
C GLU C 527 -29.71 -5.25 16.78
N THR C 528 -29.29 -5.89 15.69
CA THR C 528 -29.80 -7.22 15.35
C THR C 528 -29.16 -8.32 16.20
N TYR C 529 -27.84 -8.25 16.41
CA TYR C 529 -27.11 -9.36 17.02
C TYR C 529 -26.62 -9.07 18.43
N MET C 530 -26.37 -7.81 18.78
CA MET C 530 -25.67 -7.47 20.02
C MET C 530 -26.56 -6.79 21.08
N LYS C 531 -27.63 -6.11 20.70
CA LYS C 531 -28.52 -5.43 21.65
C LYS C 531 -29.56 -6.33 22.32
N PRO C 532 -30.14 -7.34 21.63
CA PRO C 532 -31.22 -8.10 22.29
C PRO C 532 -30.82 -8.73 23.61
N TYR C 533 -29.61 -9.27 23.71
CA TYR C 533 -29.12 -9.87 24.95
C TYR C 533 -27.72 -9.30 25.17
N PRO C 534 -27.61 -8.16 25.85
CA PRO C 534 -26.32 -7.49 25.97
C PRO C 534 -25.29 -8.40 26.62
N GLY C 535 -24.08 -8.42 26.06
CA GLY C 535 -23.04 -9.34 26.47
C GLY C 535 -22.98 -10.63 25.67
N TYR C 536 -23.97 -10.90 24.83
CA TYR C 536 -24.03 -12.14 24.06
C TYR C 536 -24.23 -11.80 22.60
N PHE C 537 -23.95 -12.79 21.74
CA PHE C 537 -24.35 -12.77 20.34
C PHE C 537 -25.67 -13.52 20.20
N PHE C 538 -26.67 -12.87 19.60
CA PHE C 538 -28.01 -13.43 19.45
C PHE C 538 -28.17 -13.99 18.03
N PHE C 539 -28.27 -15.32 17.94
CA PHE C 539 -28.35 -15.96 16.61
C PHE C 539 -29.67 -15.68 15.92
N GLY C 540 -30.77 -15.63 16.67
CA GLY C 540 -32.09 -15.54 16.09
C GLY C 540 -32.82 -16.85 15.93
N ASP C 541 -32.28 -17.95 16.46
CA ASP C 541 -32.90 -19.27 16.39
C ASP C 541 -33.26 -19.75 17.79
N GLY C 542 -34.38 -20.46 17.89
CA GLY C 542 -34.69 -21.18 19.11
C GLY C 542 -33.83 -22.42 19.23
N ALA C 543 -33.56 -22.82 20.47
CA ALA C 543 -32.66 -23.93 20.71
C ALA C 543 -33.01 -24.62 22.02
N ALA C 544 -32.71 -25.91 22.10
CA ALA C 544 -32.90 -26.69 23.31
C ALA C 544 -31.69 -27.57 23.52
N ARG C 545 -31.33 -27.77 24.78
CA ARG C 545 -30.26 -28.69 25.19
C ARG C 545 -30.92 -29.82 25.96
N ASP C 546 -30.88 -31.04 25.41
CA ASP C 546 -31.59 -32.16 26.02
C ASP C 546 -30.82 -32.68 27.23
N TYR C 547 -31.34 -33.77 27.82
CA TYR C 547 -30.77 -34.29 29.06
C TYR C 547 -29.35 -34.81 28.87
N ASP C 548 -28.99 -35.23 27.66
CA ASP C 548 -27.62 -35.67 27.37
C ASP C 548 -26.68 -34.52 27.01
N GLY C 549 -27.18 -33.29 26.98
CA GLY C 549 -26.36 -32.16 26.57
C GLY C 549 -26.33 -31.88 25.09
N TYR C 550 -27.07 -32.65 24.29
CA TYR C 550 -27.13 -32.40 22.85
C TYR C 550 -27.98 -31.15 22.58
N MET C 551 -27.48 -30.29 21.70
N MET C 551 -27.49 -30.29 21.70
CA MET C 551 -28.21 -29.10 21.29
CA MET C 551 -28.22 -29.09 21.30
C MET C 551 -29.15 -29.44 20.13
C MET C 551 -29.13 -29.41 20.13
N TRP C 552 -30.32 -28.82 20.14
CA TRP C 552 -31.31 -28.99 19.08
C TRP C 552 -31.73 -27.60 18.62
N ILE C 553 -31.54 -27.33 17.33
CA ILE C 553 -31.94 -26.05 16.74
C ILE C 553 -33.25 -26.27 16.00
N LYS C 554 -34.34 -25.74 16.53
CA LYS C 554 -35.67 -26.11 16.06
C LYS C 554 -36.37 -25.05 15.23
N GLY C 555 -35.69 -23.97 14.83
CA GLY C 555 -36.26 -23.00 13.91
C GLY C 555 -36.00 -21.60 14.39
N ARG C 556 -36.43 -20.64 13.56
N ARG C 556 -36.43 -20.64 13.57
CA ARG C 556 -36.27 -19.23 13.87
CA ARG C 556 -36.22 -19.23 13.88
C ARG C 556 -37.11 -18.83 15.08
C ARG C 556 -37.11 -18.80 15.05
N VAL C 557 -36.62 -17.84 15.84
CA VAL C 557 -37.38 -17.30 16.96
C VAL C 557 -38.66 -16.64 16.44
N ASP C 558 -38.56 -15.92 15.32
CA ASP C 558 -39.73 -15.29 14.71
C ASP C 558 -40.79 -16.30 14.30
N ASP C 559 -40.42 -17.57 14.10
CA ASP C 559 -41.34 -18.60 13.65
C ASP C 559 -41.96 -19.41 14.78
N VAL C 560 -41.59 -19.15 16.03
CA VAL C 560 -42.18 -19.86 17.15
C VAL C 560 -43.64 -19.46 17.29
N ILE C 561 -44.49 -20.45 17.53
CA ILE C 561 -45.94 -20.25 17.68
C ILE C 561 -46.29 -20.47 19.14
N ASN C 562 -47.05 -19.54 19.71
CA ASN C 562 -47.39 -19.55 21.12
C ASN C 562 -48.87 -19.90 21.24
N VAL C 563 -49.16 -21.17 21.53
CA VAL C 563 -50.54 -21.66 21.64
C VAL C 563 -50.88 -21.82 23.11
N SER C 564 -51.72 -20.93 23.62
CA SER C 564 -52.20 -21.00 25.01
C SER C 564 -51.03 -21.08 25.98
N GLY C 565 -49.99 -20.29 25.75
CA GLY C 565 -48.83 -20.31 26.60
C GLY C 565 -47.86 -21.44 26.31
N HIS C 566 -48.14 -22.28 25.33
CA HIS C 566 -47.21 -23.31 24.92
C HIS C 566 -46.42 -22.86 23.71
N ARG C 567 -45.10 -22.89 23.83
CA ARG C 567 -44.22 -22.44 22.76
C ARG C 567 -43.98 -23.62 21.82
N LEU C 568 -44.32 -23.45 20.55
CA LEU C 568 -44.18 -24.49 19.52
C LEU C 568 -43.12 -24.07 18.51
N SER C 569 -42.16 -24.95 18.24
CA SER C 569 -41.16 -24.67 17.22
C SER C 569 -41.60 -25.28 15.90
N THR C 570 -41.14 -24.67 14.80
CA THR C 570 -41.58 -25.14 13.48
C THR C 570 -41.04 -26.53 13.18
N ALA C 571 -39.82 -26.84 13.61
CA ALA C 571 -39.21 -28.13 13.28
C ALA C 571 -40.01 -29.29 13.85
N GLU C 572 -40.48 -29.17 15.09
CA GLU C 572 -41.15 -30.32 15.70
C GLU C 572 -42.49 -30.61 15.02
N VAL C 573 -43.26 -29.57 14.69
CA VAL C 573 -44.53 -29.80 14.01
C VAL C 573 -44.29 -30.30 12.59
N GLU C 574 -43.36 -29.67 11.87
CA GLU C 574 -43.07 -30.11 10.51
C GLU C 574 -42.51 -31.52 10.49
N SER C 575 -41.71 -31.88 11.50
CA SER C 575 -41.20 -33.25 11.59
C SER C 575 -42.33 -34.24 11.88
N ALA C 576 -43.33 -33.83 12.68
CA ALA C 576 -44.46 -34.71 12.94
C ALA C 576 -45.31 -34.90 11.67
N LEU C 577 -45.51 -33.82 10.91
CA LEU C 577 -46.35 -33.90 9.71
C LEU C 577 -45.74 -34.82 8.66
N ILE C 578 -44.42 -34.75 8.47
CA ILE C 578 -43.76 -35.54 7.46
C ILE C 578 -43.69 -37.03 7.83
N LEU C 579 -44.03 -37.38 9.07
CA LEU C 579 -44.15 -38.79 9.45
C LEU C 579 -45.36 -39.45 8.81
N HIS C 580 -46.35 -38.68 8.37
CA HIS C 580 -47.49 -39.22 7.66
C HIS C 580 -47.11 -39.59 6.22
N LYS C 581 -47.64 -40.71 5.75
CA LYS C 581 -47.32 -41.20 4.41
C LYS C 581 -47.79 -40.21 3.35
N GLY C 582 -46.98 -40.05 2.30
CA GLY C 582 -47.31 -39.16 1.19
C GLY C 582 -46.93 -37.71 1.38
N VAL C 583 -46.46 -37.30 2.55
CA VAL C 583 -46.08 -35.91 2.78
C VAL C 583 -44.64 -35.72 2.29
N ALA C 584 -44.45 -34.76 1.40
CA ALA C 584 -43.11 -34.44 0.92
C ALA C 584 -42.46 -33.32 1.72
N GLU C 585 -43.21 -32.26 2.04
CA GLU C 585 -42.64 -31.08 2.68
C GLU C 585 -43.75 -30.25 3.30
N THR C 586 -43.49 -29.65 4.46
CA THR C 586 -44.49 -28.82 5.13
C THR C 586 -43.84 -27.58 5.73
N ALA C 587 -44.68 -26.58 5.99
CA ALA C 587 -44.30 -25.39 6.73
C ALA C 587 -45.49 -24.97 7.60
N VAL C 588 -45.22 -24.64 8.87
CA VAL C 588 -46.25 -24.23 9.80
C VAL C 588 -45.96 -22.80 10.25
N VAL C 589 -47.02 -21.99 10.35
CA VAL C 589 -46.93 -20.61 10.78
C VAL C 589 -48.06 -20.34 11.76
N GLY C 590 -47.86 -19.32 12.59
CA GLY C 590 -48.86 -18.92 13.56
C GLY C 590 -49.72 -17.78 13.05
N CYS C 591 -50.86 -17.59 13.71
CA CYS C 591 -51.69 -16.44 13.43
C CYS C 591 -52.52 -16.14 14.66
N ALA C 592 -52.89 -14.87 14.81
CA ALA C 592 -53.62 -14.43 15.98
C ALA C 592 -54.95 -15.17 16.07
N ASP C 593 -55.25 -15.68 17.27
CA ASP C 593 -56.48 -16.42 17.53
C ASP C 593 -57.16 -15.85 18.76
N ASP C 594 -58.50 -15.78 18.72
CA ASP C 594 -59.24 -15.16 19.81
C ASP C 594 -59.11 -15.95 21.10
N LEU C 595 -59.11 -17.28 21.01
CA LEU C 595 -59.12 -18.11 22.21
C LEU C 595 -57.72 -18.46 22.71
N THR C 596 -56.78 -18.79 21.80
CA THR C 596 -55.49 -19.32 22.21
C THR C 596 -54.33 -18.35 21.99
N GLY C 597 -54.60 -17.12 21.57
CA GLY C 597 -53.53 -16.18 21.30
C GLY C 597 -52.92 -16.38 19.94
N GLN C 598 -52.40 -17.57 19.69
CA GLN C 598 -51.98 -17.97 18.35
C GLN C 598 -52.51 -19.36 18.04
N ALA C 599 -52.79 -19.59 16.77
CA ALA C 599 -53.21 -20.90 16.27
C ALA C 599 -52.27 -21.33 15.17
N VAL C 600 -52.12 -22.64 15.02
CA VAL C 600 -51.19 -23.23 14.08
C VAL C 600 -51.89 -23.42 12.73
N TYR C 601 -51.26 -22.92 11.67
CA TYR C 601 -51.69 -23.13 10.30
C TYR C 601 -50.59 -23.87 9.56
N ALA C 602 -50.96 -24.94 8.87
CA ALA C 602 -50.01 -25.80 8.18
C ALA C 602 -50.19 -25.66 6.68
N PHE C 603 -49.07 -25.52 5.97
CA PHE C 603 -49.01 -25.65 4.53
C PHE C 603 -48.28 -26.95 4.22
N VAL C 604 -48.94 -27.85 3.50
CA VAL C 604 -48.48 -29.22 3.31
C VAL C 604 -48.37 -29.48 1.81
N THR C 605 -47.20 -29.95 1.37
CA THR C 605 -46.98 -30.33 -0.02
C THR C 605 -46.95 -31.86 -0.06
N MET C 606 -47.96 -32.45 -0.69
CA MET C 606 -47.94 -33.89 -0.90
C MET C 606 -47.17 -34.23 -2.16
N LYS C 607 -46.68 -35.46 -2.23
CA LYS C 607 -46.06 -35.94 -3.45
C LYS C 607 -47.07 -35.86 -4.59
N PRO C 608 -46.65 -35.45 -5.79
CA PRO C 608 -47.61 -35.25 -6.88
C PRO C 608 -48.39 -36.50 -7.26
N GLU C 609 -47.83 -37.69 -7.02
CA GLU C 609 -48.51 -38.93 -7.31
C GLU C 609 -49.58 -39.29 -6.28
N PHE C 610 -49.71 -38.50 -5.22
CA PHE C 610 -50.72 -38.79 -4.20
C PHE C 610 -52.11 -38.55 -4.78
N ASP C 611 -52.97 -39.55 -4.64
CA ASP C 611 -54.31 -39.52 -5.24
C ASP C 611 -55.19 -38.65 -4.37
N LEU C 612 -55.43 -37.41 -4.84
CA LEU C 612 -56.26 -36.47 -4.10
C LEU C 612 -57.75 -36.74 -4.26
N LYS C 613 -58.14 -37.66 -5.13
CA LYS C 613 -59.53 -38.07 -5.23
C LYS C 613 -59.83 -39.31 -4.38
N ALA C 614 -58.93 -40.30 -4.38
CA ALA C 614 -59.14 -41.50 -3.59
C ALA C 614 -59.07 -41.19 -2.10
N THR C 615 -58.18 -40.28 -1.71
CA THR C 615 -58.09 -39.81 -0.34
C THR C 615 -58.67 -38.40 -0.32
N LYS C 616 -59.74 -38.21 0.44
CA LYS C 616 -60.37 -36.89 0.53
C LYS C 616 -59.46 -35.90 1.23
N GLU C 617 -59.46 -34.66 0.74
CA GLU C 617 -58.64 -33.62 1.38
C GLU C 617 -59.09 -33.39 2.82
N ALA C 618 -60.40 -33.43 3.07
CA ALA C 618 -60.90 -33.33 4.43
C ALA C 618 -60.46 -34.52 5.27
N ASP C 619 -60.37 -35.71 4.66
CA ASP C 619 -59.88 -36.87 5.40
C ASP C 619 -58.38 -36.78 5.65
N LEU C 620 -57.61 -36.32 4.66
CA LEU C 620 -56.18 -36.16 4.87
C LEU C 620 -55.88 -35.13 5.95
N SER C 621 -56.60 -34.00 5.93
CA SER C 621 -56.39 -32.96 6.94
C SER C 621 -56.68 -33.49 8.34
N LYS C 622 -57.72 -34.33 8.49
CA LYS C 622 -58.03 -34.90 9.79
C LYS C 622 -56.90 -35.81 10.27
N GLU C 623 -56.39 -36.68 9.40
CA GLU C 623 -55.31 -37.57 9.77
C GLU C 623 -54.05 -36.81 10.13
N LEU C 624 -53.75 -35.74 9.37
CA LEU C 624 -52.58 -34.95 9.68
C LEU C 624 -52.70 -34.31 11.07
N ALA C 625 -53.88 -33.77 11.38
CA ALA C 625 -54.07 -33.13 12.68
C ALA C 625 -53.93 -34.14 13.81
N ILE C 626 -54.49 -35.34 13.64
CA ILE C 626 -54.37 -36.39 14.65
C ILE C 626 -52.92 -36.79 14.83
N GLN C 627 -52.17 -36.91 13.72
CA GLN C 627 -50.76 -37.24 13.80
C GLN C 627 -50.00 -36.21 14.64
N VAL C 628 -50.27 -34.92 14.43
CA VAL C 628 -49.63 -33.89 15.25
C VAL C 628 -50.09 -34.00 16.70
N ARG C 629 -51.39 -34.21 16.92
CA ARG C 629 -51.89 -34.33 18.29
C ARG C 629 -51.27 -35.53 19.00
N LYS C 630 -51.16 -36.66 18.29
CA LYS C 630 -50.61 -37.87 18.89
C LYS C 630 -49.15 -37.70 19.28
N VAL C 631 -48.37 -36.99 18.47
CA VAL C 631 -46.93 -36.93 18.68
C VAL C 631 -46.51 -35.76 19.59
N ILE C 632 -47.19 -34.63 19.52
CA ILE C 632 -46.80 -33.43 20.25
C ILE C 632 -47.76 -33.12 21.38
N GLY C 633 -49.07 -33.09 21.10
CA GLY C 633 -50.05 -32.78 22.11
C GLY C 633 -51.25 -32.06 21.52
N PRO C 634 -52.32 -31.95 22.30
CA PRO C 634 -53.54 -31.30 21.78
C PRO C 634 -53.31 -29.87 21.32
N PHE C 635 -52.45 -29.11 21.99
CA PHE C 635 -52.27 -27.70 21.64
C PHE C 635 -51.61 -27.53 20.28
N ALA C 636 -50.89 -28.54 19.80
CA ALA C 636 -50.11 -28.41 18.58
C ALA C 636 -50.90 -28.71 17.32
N ALA C 637 -52.12 -29.21 17.44
CA ALA C 637 -52.88 -29.61 16.27
C ALA C 637 -53.18 -28.39 15.40
N PRO C 638 -52.90 -28.43 14.10
CA PRO C 638 -53.19 -27.27 13.25
C PRO C 638 -54.68 -26.92 13.25
N LYS C 639 -54.97 -25.62 13.41
CA LYS C 639 -56.34 -25.16 13.26
C LYS C 639 -56.81 -25.27 11.81
N LYS C 640 -55.89 -25.10 10.86
CA LYS C 640 -56.24 -25.24 9.46
C LYS C 640 -55.04 -25.77 8.69
N ILE C 641 -55.30 -26.54 7.64
CA ILE C 641 -54.28 -27.13 6.79
C ILE C 641 -54.60 -26.76 5.35
N TYR C 642 -53.59 -26.27 4.63
CA TYR C 642 -53.71 -25.94 3.22
C TYR C 642 -52.82 -26.86 2.40
N LEU C 643 -53.40 -27.51 1.40
CA LEU C 643 -52.63 -28.36 0.49
C LEU C 643 -52.13 -27.52 -0.68
N VAL C 644 -50.82 -27.46 -0.86
CA VAL C 644 -50.20 -26.65 -1.91
C VAL C 644 -49.21 -27.53 -2.67
N SER C 645 -48.96 -27.14 -3.92
CA SER C 645 -48.04 -27.90 -4.77
C SER C 645 -46.59 -27.65 -4.43
N ASP C 646 -46.28 -26.52 -3.80
CA ASP C 646 -44.92 -26.18 -3.41
C ASP C 646 -45.00 -25.10 -2.34
N LEU C 647 -43.84 -24.78 -1.75
CA LEU C 647 -43.73 -23.78 -0.71
C LEU C 647 -42.86 -22.62 -1.17
N PRO C 648 -43.10 -21.40 -0.67
CA PRO C 648 -42.20 -20.27 -0.99
C PRO C 648 -40.83 -20.50 -0.36
N LYS C 649 -39.82 -20.62 -1.20
CA LYS C 649 -38.47 -20.94 -0.74
C LYS C 649 -37.46 -20.03 -1.42
N THR C 650 -36.39 -19.72 -0.68
CA THR C 650 -35.27 -19.03 -1.29
C THR C 650 -34.48 -20.01 -2.15
N ARG C 651 -33.56 -19.48 -2.94
N ARG C 651 -33.54 -19.48 -2.92
CA ARG C 651 -32.72 -20.35 -3.77
CA ARG C 651 -32.71 -20.33 -3.76
C ARG C 651 -31.82 -21.24 -2.93
C ARG C 651 -31.81 -21.23 -2.94
N SER C 652 -31.38 -20.76 -1.76
CA SER C 652 -30.60 -21.60 -0.86
C SER C 652 -31.42 -22.73 -0.25
N GLY C 653 -32.75 -22.66 -0.34
CA GLY C 653 -33.63 -23.71 0.15
C GLY C 653 -34.39 -23.38 1.42
N LYS C 654 -34.22 -22.18 1.97
CA LYS C 654 -34.94 -21.83 3.18
C LYS C 654 -36.43 -21.64 2.87
N ILE C 655 -37.29 -22.21 3.70
CA ILE C 655 -38.72 -22.00 3.52
C ILE C 655 -39.06 -20.64 4.11
N MET C 656 -39.72 -19.80 3.33
CA MET C 656 -40.02 -18.42 3.74
C MET C 656 -41.32 -18.39 4.54
N ARG C 657 -41.22 -18.80 5.80
CA ARG C 657 -42.40 -18.83 6.67
C ARG C 657 -42.93 -17.43 6.97
N ARG C 658 -42.08 -16.40 6.93
CA ARG C 658 -42.58 -15.04 7.13
C ARG C 658 -43.59 -14.66 6.04
N VAL C 659 -43.34 -15.08 4.80
CA VAL C 659 -44.29 -14.81 3.71
C VAL C 659 -45.62 -15.50 4.00
N LEU C 660 -45.56 -16.78 4.39
CA LEU C 660 -46.79 -17.51 4.69
C LEU C 660 -47.53 -16.88 5.87
N ARG C 661 -46.78 -16.47 6.90
CA ARG C 661 -47.40 -15.85 8.07
C ARG C 661 -48.15 -14.57 7.72
N LYS C 662 -47.55 -13.73 6.88
CA LYS C 662 -48.21 -12.49 6.49
C LYS C 662 -49.40 -12.73 5.58
N ILE C 663 -49.32 -13.75 4.72
CA ILE C 663 -50.46 -14.10 3.86
C ILE C 663 -51.65 -14.58 4.70
N VAL C 664 -51.38 -15.43 5.70
CA VAL C 664 -52.44 -15.90 6.59
C VAL C 664 -53.06 -14.72 7.33
N ALA C 665 -52.24 -13.76 7.74
CA ALA C 665 -52.73 -12.52 8.36
C ALA C 665 -53.43 -11.58 7.36
N GLY C 666 -53.64 -12.00 6.10
CA GLY C 666 -54.28 -11.14 5.12
C GLY C 666 -53.47 -9.91 4.74
N GLU C 667 -52.14 -10.06 4.69
CA GLU C 667 -51.23 -8.94 4.41
C GLU C 667 -50.38 -9.21 3.17
N GLY C 668 -50.98 -9.75 2.11
CA GLY C 668 -50.25 -10.01 0.88
C GLY C 668 -49.78 -8.75 0.18
N ASP C 669 -50.02 -7.61 0.82
CA ASP C 669 -49.57 -6.31 0.34
C ASP C 669 -48.30 -5.83 1.00
N GLN C 670 -48.04 -6.22 2.26
CA GLN C 670 -46.87 -5.74 2.97
C GLN C 670 -45.69 -6.70 2.86
N LEU C 671 -45.64 -7.52 1.81
CA LEU C 671 -44.54 -8.43 1.59
C LEU C 671 -43.35 -7.70 0.98
N GLY C 672 -42.16 -8.13 1.35
CA GLY C 672 -40.95 -7.49 0.84
C GLY C 672 -40.64 -7.83 -0.60
N ASP C 673 -39.36 -7.81 -0.96
CA ASP C 673 -38.93 -8.12 -2.32
C ASP C 673 -39.03 -9.63 -2.52
N LEU C 674 -39.97 -10.08 -3.35
CA LEU C 674 -40.18 -11.50 -3.59
C LEU C 674 -39.94 -11.87 -5.05
N SER C 675 -39.17 -11.05 -5.77
CA SER C 675 -38.96 -11.30 -7.19
C SER C 675 -37.82 -12.29 -7.44
N SER C 676 -36.99 -12.56 -6.43
CA SER C 676 -35.80 -13.41 -6.60
C SER C 676 -35.86 -14.70 -5.80
N ILE C 677 -37.05 -15.07 -5.31
CA ILE C 677 -37.27 -16.33 -4.62
C ILE C 677 -37.30 -17.45 -5.65
N ALA C 678 -37.19 -18.70 -5.19
CA ALA C 678 -37.00 -19.83 -6.10
C ALA C 678 -38.11 -19.89 -7.15
N ASP C 679 -39.36 -19.84 -6.72
CA ASP C 679 -40.52 -19.90 -7.62
C ASP C 679 -41.48 -18.76 -7.25
N PRO C 680 -41.34 -17.60 -7.90
CA PRO C 680 -42.21 -16.45 -7.53
C PRO C 680 -43.69 -16.72 -7.70
N GLN C 681 -44.07 -17.61 -8.62
CA GLN C 681 -45.48 -17.86 -8.91
C GLN C 681 -46.18 -18.58 -7.76
N ILE C 682 -45.46 -19.39 -6.99
CA ILE C 682 -46.08 -20.15 -5.91
C ILE C 682 -46.73 -19.24 -4.88
N VAL C 683 -46.26 -18.00 -4.77
CA VAL C 683 -46.89 -17.02 -3.90
C VAL C 683 -48.33 -16.76 -4.34
N GLU C 684 -48.57 -16.74 -5.65
CA GLU C 684 -49.93 -16.58 -6.16
C GLU C 684 -50.81 -17.78 -5.79
N GLU C 685 -50.27 -19.00 -5.91
CA GLU C 685 -51.04 -20.18 -5.57
C GLU C 685 -51.38 -20.20 -4.09
N VAL C 686 -50.44 -19.73 -3.24
CA VAL C 686 -50.70 -19.69 -1.80
C VAL C 686 -51.73 -18.64 -1.46
N LYS C 687 -51.66 -17.48 -2.12
CA LYS C 687 -52.67 -16.44 -1.90
C LYS C 687 -54.06 -16.93 -2.31
N GLN C 688 -54.16 -17.68 -3.41
CA GLN C 688 -55.44 -18.22 -3.84
C GLN C 688 -55.99 -19.22 -2.83
N LYS C 689 -55.18 -20.21 -2.43
CA LYS C 689 -55.66 -21.31 -1.59
C LYS C 689 -56.08 -20.83 -0.21
N VAL C 690 -55.50 -19.74 0.29
CA VAL C 690 -55.87 -19.23 1.60
C VAL C 690 -57.27 -18.63 1.55
N THR C 691 -57.60 -17.92 0.48
CA THR C 691 -58.93 -17.33 0.32
C THR C 691 -59.89 -18.28 -0.39
#